data_5PZZ
#
_entry.id   5PZZ
#
_cell.length_a   66.001
_cell.length_b   283.850
_cell.length_c   83.478
_cell.angle_alpha   90.000
_cell.angle_beta   97.750
_cell.angle_gamma   90.000
#
_symmetry.space_group_name_H-M   'P 1 21 1'
#
loop_
_entity.id
_entity.type
_entity.pdbx_description
1 polymer 'Fructose-1,6-bisphosphatase 1'
2 non-polymer N-[(5-bromo-1,3-thiazol-2-yl)carbamoyl]-3,4-dichlorobenzene-1-sulfonamide
3 water water
#
_entity_poly.entity_id   1
_entity_poly.type   'polypeptide(L)'
_entity_poly.pdbx_seq_one_letter_code
;MADQAPFDTDVNTLTRFVMEEGRKARGTGELTQLLNSLCTAVKAISSAVRKAGIAHLYGIAGSTNVTGDQVKKLDVLSND
LVMNMLKSSFATCVLVSEEDKHAIIVEPEKRGKYVVCFDPLDGSSNIDCLVSVGTIFGIYRKKSTDEPSEKDALQPGRNL
VAAGYALYGSATMLVLAMDCGVNCFMLDPAIGEFILVDKDVKIKKKGKIYSLNEGYAKDFDPAVTEYIQRKKFPPDNSAP
YGARYVGSMVADVHRTLVYGGIFLYPANKKSPNGKLRLLYECNPMAYVMEKAGGMATTGKEAVLDVIPTDIHQRAPVILG
SPDDVLEFLKVYEKHSAQ
;
_entity_poly.pdbx_strand_id   A,B,C,D,E,F,G,H
#
# COMPACT_ATOMS: atom_id res chain seq x y z
N ASP A 10 -27.18 -18.38 41.58
CA ASP A 10 -26.10 -19.34 41.81
C ASP A 10 -25.04 -19.28 40.70
N VAL A 11 -23.78 -19.21 41.10
CA VAL A 11 -22.71 -19.12 40.11
C VAL A 11 -22.65 -20.43 39.33
N ASN A 12 -22.37 -20.32 38.04
CA ASN A 12 -22.29 -21.47 37.16
C ASN A 12 -21.02 -21.36 36.33
N THR A 13 -20.30 -22.47 36.22
CA THR A 13 -19.15 -22.58 35.35
C THR A 13 -19.49 -23.46 34.16
N LEU A 14 -18.64 -23.41 33.13
CA LEU A 14 -18.84 -24.25 31.97
C LEU A 14 -18.94 -25.73 32.36
N THR A 15 -17.99 -26.19 33.18
CA THR A 15 -17.96 -27.60 33.57
C THR A 15 -19.20 -27.99 34.37
N ARG A 16 -19.63 -27.14 35.32
CA ARG A 16 -20.87 -27.44 36.05
C ARG A 16 -22.08 -27.46 35.10
N PHE A 17 -22.18 -26.47 34.20
CA PHE A 17 -23.32 -26.36 33.29
C PHE A 17 -23.44 -27.60 32.42
N VAL A 18 -22.32 -28.02 31.83
CA VAL A 18 -22.33 -29.14 30.91
C VAL A 18 -22.59 -30.46 31.65
N MET A 19 -22.12 -30.60 32.89
CA MET A 19 -22.43 -31.82 33.64
C MET A 19 -23.91 -31.86 34.00
N GLU A 20 -24.48 -30.69 34.31
CA GLU A 20 -25.89 -30.57 34.65
C GLU A 20 -26.78 -30.96 33.47
N GLU A 21 -26.50 -30.40 32.28
CA GLU A 21 -27.31 -30.71 31.11
C GLU A 21 -27.13 -32.16 30.71
N GLY A 22 -25.91 -32.66 30.82
CA GLY A 22 -25.64 -34.04 30.51
C GLY A 22 -26.38 -34.99 31.43
N ARG A 23 -26.63 -34.56 32.68
CA ARG A 23 -27.40 -35.42 33.58
C ARG A 23 -28.91 -35.30 33.34
N LYS A 24 -29.42 -34.10 33.07
CA LYS A 24 -30.80 -33.96 32.64
C LYS A 24 -31.08 -34.88 31.45
N ALA A 25 -30.21 -34.85 30.46
CA ALA A 25 -30.38 -35.66 29.27
C ALA A 25 -29.99 -37.12 29.49
N ARG A 26 -29.40 -37.45 30.63
CA ARG A 26 -29.02 -38.83 30.92
C ARG A 26 -28.20 -39.45 29.79
N GLY A 27 -27.20 -38.70 29.32
CA GLY A 27 -26.26 -39.20 28.34
C GLY A 27 -25.14 -40.01 28.97
N THR A 28 -24.26 -40.54 28.11
CA THR A 28 -23.13 -41.36 28.52
C THR A 28 -21.99 -40.54 29.11
N GLY A 29 -21.94 -39.24 28.82
CA GLY A 29 -20.85 -38.43 29.27
C GLY A 29 -19.78 -38.14 28.23
N GLU A 30 -19.85 -38.73 27.05
CA GLU A 30 -18.77 -38.53 26.09
C GLU A 30 -18.78 -37.11 25.59
N LEU A 31 -19.97 -36.55 25.34
CA LEU A 31 -20.03 -35.18 24.89
C LEU A 31 -19.49 -34.23 25.96
N THR A 32 -19.85 -34.47 27.22
CA THR A 32 -19.34 -33.67 28.33
C THR A 32 -17.81 -33.79 28.44
N GLN A 33 -17.28 -34.99 28.26
CA GLN A 33 -15.83 -35.14 28.30
C GLN A 33 -15.16 -34.36 27.18
N LEU A 34 -15.74 -34.39 25.98
CA LEU A 34 -15.18 -33.66 24.84
C LEU A 34 -15.18 -32.16 25.10
N LEU A 35 -16.32 -31.59 25.52
CA LEU A 35 -16.38 -30.15 25.75
C LEU A 35 -15.38 -29.72 26.82
N ASN A 36 -15.26 -30.51 27.88
CA ASN A 36 -14.28 -30.23 28.91
C ASN A 36 -12.85 -30.28 28.34
N SER A 37 -12.57 -31.27 27.48
CA SER A 37 -11.26 -31.31 26.82
C SER A 37 -11.05 -30.08 25.94
N LEU A 38 -12.08 -29.68 25.22
CA LEU A 38 -11.98 -28.49 24.38
C LEU A 38 -11.75 -27.26 25.23
N CYS A 39 -12.44 -27.18 26.37
CA CYS A 39 -12.32 -26.05 27.29
C CYS A 39 -10.88 -25.89 27.79
N THR A 40 -10.22 -26.99 28.16
CA THR A 40 -8.83 -26.91 28.60
C THR A 40 -7.96 -26.36 27.49
N ALA A 41 -8.17 -26.86 26.28
CA ALA A 41 -7.44 -26.40 25.12
C ALA A 41 -7.62 -24.90 24.90
N VAL A 42 -8.86 -24.40 25.05
CA VAL A 42 -9.13 -22.98 24.86
C VAL A 42 -8.38 -22.15 25.90
N LYS A 43 -8.33 -22.59 27.15
CA LYS A 43 -7.56 -21.87 28.16
C LYS A 43 -6.06 -21.88 27.85
N ALA A 44 -5.52 -23.01 27.36
CA ALA A 44 -4.11 -23.03 27.01
C ALA A 44 -3.81 -22.08 25.86
N ILE A 45 -4.68 -22.05 24.85
CA ILE A 45 -4.51 -21.13 23.73
C ILE A 45 -4.57 -19.68 24.22
N SER A 46 -5.51 -19.37 25.13
CA SER A 46 -5.68 -18.02 25.61
C SER A 46 -4.42 -17.52 26.29
N SER A 47 -3.84 -18.35 27.14
CA SER A 47 -2.63 -18.00 27.85
C SER A 47 -1.49 -17.68 26.88
N ALA A 48 -1.37 -18.50 25.81
CA ALA A 48 -0.33 -18.29 24.81
C ALA A 48 -0.64 -17.07 23.96
N VAL A 49 -1.91 -16.87 23.61
CA VAL A 49 -2.26 -15.68 22.84
C VAL A 49 -1.96 -14.42 23.63
N ARG A 50 -2.19 -14.43 24.94
CA ARG A 50 -1.86 -13.29 25.78
C ARG A 50 -0.34 -13.13 26.03
N LYS A 51 0.47 -14.03 25.47
CA LYS A 51 1.93 -13.89 25.47
C LYS A 51 2.55 -14.13 26.86
N ALA A 52 1.93 -14.98 27.65
CA ALA A 52 2.52 -15.42 28.90
C ALA A 52 3.86 -16.10 28.61
N GLY A 53 4.86 -15.83 29.43
CA GLY A 53 6.19 -16.39 29.18
C GLY A 53 6.97 -15.79 28.01
N ILE A 54 6.45 -14.74 27.34
CA ILE A 54 7.19 -14.16 26.21
C ILE A 54 8.57 -13.65 26.64
N ALA A 55 8.72 -13.22 27.91
CA ALA A 55 10.01 -12.75 28.42
C ALA A 55 11.12 -13.77 28.18
N HIS A 56 10.77 -15.05 28.17
CA HIS A 56 11.77 -16.09 27.94
C HIS A 56 12.17 -16.16 26.47
N LEU A 57 11.26 -15.84 25.54
CA LEU A 57 11.65 -15.71 24.13
C LEU A 57 12.67 -14.60 23.93
N TYR A 58 12.65 -13.58 24.78
CA TYR A 58 13.51 -12.42 24.60
C TYR A 58 14.71 -12.44 25.54
N GLY A 59 15.08 -13.61 26.07
CA GLY A 59 16.36 -13.80 26.72
C GLY A 59 16.45 -13.38 28.17
N ILE A 60 15.33 -13.28 28.88
CA ILE A 60 15.35 -12.88 30.30
C ILE A 60 16.19 -13.84 31.13
N ALA A 61 16.39 -15.06 30.64
CA ALA A 61 17.22 -16.06 31.29
C ALA A 61 18.46 -16.38 30.48
N GLY A 62 18.81 -15.53 29.53
CA GLY A 62 19.98 -15.78 28.69
C GLY A 62 19.82 -15.46 27.21
N VAL A 71 8.47 -21.43 21.37
CA VAL A 71 9.37 -21.34 20.21
C VAL A 71 8.68 -21.96 18.99
N LYS A 72 7.35 -21.90 18.99
CA LYS A 72 6.50 -22.48 17.97
C LYS A 72 5.40 -21.47 17.66
N LYS A 73 4.98 -21.41 16.40
CA LYS A 73 3.98 -20.41 16.01
C LYS A 73 2.63 -20.70 16.70
N LEU A 74 1.83 -19.65 16.86
CA LEU A 74 0.65 -19.70 17.72
C LEU A 74 -0.44 -20.58 17.12
N ASP A 75 -0.59 -20.57 15.79
CA ASP A 75 -1.60 -21.42 15.18
C ASP A 75 -1.14 -22.88 15.10
N VAL A 76 0.18 -23.12 15.04
CA VAL A 76 0.65 -24.49 15.14
C VAL A 76 0.41 -25.03 16.54
N LEU A 77 0.73 -24.20 17.54
CA LEU A 77 0.52 -24.59 18.93
C LEU A 77 -0.97 -24.73 19.25
N SER A 78 -1.78 -23.79 18.76
CA SER A 78 -3.23 -23.91 18.95
C SER A 78 -3.74 -25.20 18.33
N ASN A 79 -3.27 -25.52 17.13
CA ASN A 79 -3.70 -26.76 16.50
C ASN A 79 -3.25 -27.98 17.31
N ASP A 80 -2.01 -27.97 17.78
CA ASP A 80 -1.50 -29.10 18.57
C ASP A 80 -2.30 -29.25 19.86
N LEU A 81 -2.68 -28.11 20.48
CA LEU A 81 -3.43 -28.19 21.73
C LEU A 81 -4.80 -28.81 21.51
N VAL A 82 -5.54 -28.33 20.50
CA VAL A 82 -6.88 -28.86 20.25
C VAL A 82 -6.81 -30.32 19.83
N MET A 83 -5.92 -30.63 18.89
CA MET A 83 -5.76 -32.01 18.44
C MET A 83 -5.48 -32.92 19.61
N ASN A 84 -4.52 -32.53 20.44
CA ASN A 84 -4.08 -33.43 21.50
C ASN A 84 -5.14 -33.57 22.57
N MET A 85 -5.84 -32.48 22.91
CA MET A 85 -6.89 -32.56 23.92
C MET A 85 -8.13 -33.34 23.44
N LEU A 86 -8.47 -33.23 22.15
CA LEU A 86 -9.62 -33.98 21.64
C LEU A 86 -9.28 -35.46 21.54
N LYS A 87 -8.12 -35.80 20.96
CA LYS A 87 -7.73 -37.20 20.88
C LYS A 87 -7.80 -37.88 22.24
N SER A 88 -7.21 -37.25 23.24
CA SER A 88 -7.06 -37.92 24.52
C SER A 88 -8.33 -37.88 25.39
N SER A 89 -9.42 -37.27 24.90
CA SER A 89 -10.70 -37.30 25.60
C SER A 89 -11.45 -38.62 25.44
N PHE A 90 -11.04 -39.45 24.49
CA PHE A 90 -11.68 -40.72 24.12
C PHE A 90 -13.07 -40.53 23.55
N ALA A 91 -13.45 -39.32 23.18
CA ALA A 91 -14.80 -39.01 22.73
C ALA A 91 -14.93 -38.71 21.25
N THR A 92 -13.84 -38.77 20.47
CA THR A 92 -13.83 -38.37 19.07
C THR A 92 -13.28 -39.49 18.20
N CYS A 93 -13.58 -39.42 16.90
CA CYS A 93 -13.01 -40.37 15.95
C CYS A 93 -12.53 -39.74 14.65
N VAL A 94 -13.10 -38.62 14.23
CA VAL A 94 -12.62 -37.91 13.06
C VAL A 94 -12.46 -36.44 13.44
N LEU A 95 -11.29 -35.90 13.20
CA LEU A 95 -10.98 -34.51 13.51
C LEU A 95 -10.57 -33.80 12.22
N VAL A 96 -11.26 -32.70 11.91
CA VAL A 96 -10.94 -31.87 10.75
C VAL A 96 -10.51 -30.49 11.25
N SER A 97 -9.35 -30.04 10.78
CA SER A 97 -8.78 -28.77 11.16
C SER A 97 -8.43 -27.96 9.93
N GLU A 98 -8.56 -26.65 10.07
CA GLU A 98 -8.14 -25.73 9.01
C GLU A 98 -6.67 -25.94 8.66
N GLU A 99 -5.87 -26.46 9.61
CA GLU A 99 -4.44 -26.63 9.43
C GLU A 99 -4.06 -27.94 8.73
N ASP A 100 -4.96 -28.90 8.59
CA ASP A 100 -4.60 -30.21 8.08
C ASP A 100 -5.40 -30.54 6.83
N LYS A 101 -4.69 -30.96 5.78
CA LYS A 101 -5.35 -31.25 4.51
C LYS A 101 -6.39 -32.35 4.67
N HIS A 102 -6.02 -33.44 5.34
CA HIS A 102 -6.88 -34.60 5.50
C HIS A 102 -7.51 -34.64 6.89
N ALA A 103 -8.67 -35.29 6.97
CA ALA A 103 -9.25 -35.59 8.26
C ALA A 103 -8.26 -36.44 9.04
N ILE A 104 -8.23 -36.23 10.37
CA ILE A 104 -7.41 -37.05 11.25
C ILE A 104 -8.32 -38.14 11.78
N ILE A 105 -7.90 -39.39 11.67
CA ILE A 105 -8.68 -40.50 12.19
C ILE A 105 -8.07 -40.91 13.52
N VAL A 106 -8.84 -40.74 14.61
CA VAL A 106 -8.34 -41.06 15.93
C VAL A 106 -8.01 -42.55 15.97
N GLU A 107 -6.88 -42.88 16.58
CA GLU A 107 -6.43 -44.24 16.63
C GLU A 107 -7.36 -45.11 17.48
N PRO A 108 -7.45 -46.41 17.18
CA PRO A 108 -8.51 -47.24 17.77
C PRO A 108 -8.66 -47.17 19.29
N GLU A 109 -7.56 -47.20 20.04
CA GLU A 109 -7.69 -47.25 21.50
C GLU A 109 -8.24 -45.97 22.09
N LYS A 110 -8.24 -44.86 21.34
CA LYS A 110 -8.72 -43.59 21.83
C LYS A 110 -10.04 -43.16 21.20
N ARG A 111 -10.69 -44.01 20.42
CA ARG A 111 -11.85 -43.59 19.64
C ARG A 111 -13.12 -43.45 20.47
N GLY A 112 -13.88 -42.42 20.14
CA GLY A 112 -15.21 -42.19 20.66
C GLY A 112 -16.12 -41.94 19.47
N LYS A 113 -17.31 -41.43 19.71
CA LYS A 113 -18.38 -41.41 18.73
C LYS A 113 -18.58 -40.04 18.07
N TYR A 114 -17.71 -39.07 18.32
CA TYR A 114 -17.97 -37.71 17.86
C TYR A 114 -16.98 -37.25 16.79
N VAL A 115 -17.48 -36.45 15.87
CA VAL A 115 -16.71 -35.80 14.82
C VAL A 115 -16.67 -34.30 15.09
N VAL A 116 -15.47 -33.74 15.11
CA VAL A 116 -15.23 -32.33 15.42
C VAL A 116 -14.53 -31.65 14.24
N CYS A 117 -15.07 -30.51 13.84
CA CYS A 117 -14.43 -29.62 12.87
C CYS A 117 -14.07 -28.35 13.58
N PHE A 118 -12.82 -27.88 13.43
CA PHE A 118 -12.43 -26.69 14.17
C PHE A 118 -11.41 -25.86 13.40
N ASP A 119 -11.48 -24.55 13.62
CA ASP A 119 -10.42 -23.63 13.27
C ASP A 119 -9.69 -23.29 14.57
N PRO A 120 -8.44 -23.75 14.76
CA PRO A 120 -7.80 -23.58 16.09
C PRO A 120 -7.46 -22.14 16.44
N LEU A 121 -7.11 -21.27 15.48
CA LEU A 121 -6.80 -19.88 15.83
C LEU A 121 -7.18 -19.01 14.63
N ASP A 122 -8.47 -18.75 14.49
CA ASP A 122 -8.94 -17.98 13.36
C ASP A 122 -8.58 -16.51 13.49
N GLY A 123 -8.14 -15.91 12.40
CA GLY A 123 -7.71 -14.52 12.38
C GLY A 123 -6.24 -14.33 12.67
N SER A 124 -5.45 -15.40 12.69
CA SER A 124 -4.07 -15.30 13.11
C SER A 124 -3.19 -14.65 12.06
N SER A 125 -3.72 -14.40 10.86
CA SER A 125 -2.98 -13.57 9.90
C SER A 125 -2.80 -12.16 10.43
N ASN A 126 -3.81 -11.63 11.13
CA ASN A 126 -3.81 -10.27 11.63
C ASN A 126 -3.38 -10.18 13.10
N ILE A 127 -2.62 -11.15 13.60
CA ILE A 127 -2.23 -11.16 15.00
C ILE A 127 -1.01 -10.29 15.30
N ASP A 128 -0.27 -9.87 14.28
CA ASP A 128 0.89 -9.01 14.53
C ASP A 128 0.49 -7.64 15.05
N CYS A 129 -0.73 -7.22 14.74
CA CYS A 129 -1.30 -5.98 15.27
C CYS A 129 -2.16 -6.18 16.51
N LEU A 130 -2.09 -7.36 17.15
CA LEU A 130 -2.81 -7.66 18.39
C LEU A 130 -4.32 -7.57 18.23
N VAL A 131 -4.83 -7.76 17.01
CA VAL A 131 -6.26 -7.81 16.81
C VAL A 131 -6.82 -9.07 17.48
N SER A 132 -8.12 -9.06 17.74
CA SER A 132 -8.81 -10.20 18.30
C SER A 132 -8.64 -11.45 17.43
N VAL A 133 -8.44 -12.59 18.09
CA VAL A 133 -8.40 -13.89 17.42
C VAL A 133 -9.32 -14.83 18.19
N GLY A 134 -9.55 -16.02 17.62
CA GLY A 134 -10.53 -16.95 18.15
C GLY A 134 -10.35 -18.39 17.71
N THR A 135 -11.08 -19.28 18.40
CA THR A 135 -11.18 -20.69 18.05
C THR A 135 -12.64 -21.02 17.70
N ILE A 136 -12.86 -21.73 16.61
CA ILE A 136 -14.19 -22.11 16.15
C ILE A 136 -14.31 -23.64 16.14
N PHE A 137 -15.50 -24.14 16.53
CA PHE A 137 -15.68 -25.59 16.53
C PHE A 137 -17.12 -26.01 16.23
N GLY A 138 -17.24 -27.16 15.59
CA GLY A 138 -18.51 -27.79 15.33
C GLY A 138 -18.38 -29.26 15.64
N ILE A 139 -19.39 -29.83 16.27
CA ILE A 139 -19.37 -31.20 16.76
C ILE A 139 -20.54 -31.94 16.13
N TYR A 140 -20.25 -33.01 15.39
CA TYR A 140 -21.25 -33.88 14.79
C TYR A 140 -21.16 -35.27 15.39
N ARG A 141 -22.29 -35.94 15.56
CA ARG A 141 -22.22 -37.36 15.87
C ARG A 141 -21.85 -38.11 14.60
N LYS A 142 -21.07 -39.16 14.75
CA LYS A 142 -20.80 -40.03 13.60
C LYS A 142 -22.11 -40.73 13.25
N LYS A 143 -22.53 -40.57 12.00
CA LYS A 143 -23.86 -40.98 11.58
C LYS A 143 -23.88 -42.35 10.95
N SER A 144 -22.73 -42.97 10.74
CA SER A 144 -22.66 -44.22 10.00
C SER A 144 -21.85 -45.24 10.78
N THR A 145 -22.05 -46.50 10.41
CA THR A 145 -21.42 -47.65 11.04
C THR A 145 -20.21 -48.14 10.28
N ASP A 146 -19.78 -47.41 9.25
CA ASP A 146 -18.58 -47.78 8.52
C ASP A 146 -17.38 -47.72 9.45
N GLU A 147 -16.23 -48.17 8.95
CA GLU A 147 -14.99 -47.83 9.63
C GLU A 147 -14.83 -46.31 9.53
N PRO A 148 -14.45 -45.63 10.62
CA PRO A 148 -14.39 -44.16 10.56
C PRO A 148 -13.44 -43.64 9.50
N SER A 149 -13.89 -42.62 8.76
CA SER A 149 -13.10 -42.01 7.69
C SER A 149 -13.48 -40.54 7.54
N GLU A 150 -12.82 -39.88 6.59
CA GLU A 150 -13.09 -38.47 6.29
C GLU A 150 -14.53 -38.22 5.85
N LYS A 151 -15.19 -39.21 5.24
CA LYS A 151 -16.59 -39.06 4.84
C LYS A 151 -17.47 -38.62 6.00
N ASP A 152 -17.11 -39.03 7.23
CA ASP A 152 -17.93 -38.78 8.41
C ASP A 152 -18.05 -37.30 8.74
N ALA A 153 -17.18 -36.47 8.21
CA ALA A 153 -17.24 -35.04 8.44
C ALA A 153 -18.03 -34.31 7.36
N LEU A 154 -18.56 -35.03 6.37
CA LEU A 154 -19.31 -34.39 5.30
C LEU A 154 -20.81 -34.33 5.57
N GLN A 155 -21.20 -33.99 6.79
CA GLN A 155 -22.60 -33.77 7.14
C GLN A 155 -22.95 -32.29 7.01
N PRO A 156 -24.20 -31.96 6.71
CA PRO A 156 -24.63 -30.55 6.73
C PRO A 156 -24.72 -30.02 8.15
N GLY A 157 -24.63 -28.69 8.25
CA GLY A 157 -24.69 -28.03 9.55
C GLY A 157 -25.94 -28.36 10.35
N ARG A 158 -27.04 -28.71 9.66
CA ARG A 158 -28.27 -29.12 10.33
C ARG A 158 -28.04 -30.21 11.36
N ASN A 159 -27.06 -31.08 11.11
CA ASN A 159 -26.78 -32.24 11.95
C ASN A 159 -25.95 -31.94 13.18
N LEU A 160 -25.55 -30.68 13.40
CA LEU A 160 -24.69 -30.37 14.52
C LEU A 160 -25.33 -30.71 15.84
N VAL A 161 -24.57 -31.37 16.70
CA VAL A 161 -24.96 -31.58 18.10
C VAL A 161 -24.63 -30.36 18.95
N ALA A 162 -23.52 -29.68 18.65
CA ALA A 162 -23.13 -28.47 19.36
C ALA A 162 -22.10 -27.73 18.53
N ALA A 163 -21.99 -26.44 18.78
CA ALA A 163 -20.99 -25.62 18.12
C ALA A 163 -20.75 -24.39 19.00
N GLY A 164 -19.67 -23.69 18.66
CA GLY A 164 -19.40 -22.43 19.32
C GLY A 164 -18.02 -21.92 18.94
N TYR A 165 -17.57 -20.95 19.71
CA TYR A 165 -16.28 -20.33 19.44
C TYR A 165 -15.78 -19.73 20.72
N ALA A 166 -14.47 -19.55 20.78
CA ALA A 166 -13.79 -18.78 21.81
C ALA A 166 -13.29 -17.48 21.19
N LEU A 167 -13.51 -16.38 21.85
CA LEU A 167 -12.99 -15.10 21.40
C LEU A 167 -11.90 -14.64 22.36
N TYR A 168 -10.68 -14.46 21.85
CA TYR A 168 -9.54 -13.93 22.63
C TYR A 168 -9.44 -12.43 22.35
N GLY A 169 -10.33 -11.67 22.99
CA GLY A 169 -10.39 -10.24 22.77
C GLY A 169 -9.83 -9.53 23.97
N SER A 170 -10.46 -8.40 24.36
CA SER A 170 -10.06 -7.70 25.57
C SER A 170 -10.21 -8.60 26.78
N ALA A 171 -11.22 -9.46 26.78
CA ALA A 171 -11.28 -10.60 27.68
C ALA A 171 -11.53 -11.85 26.83
N THR A 172 -11.37 -13.03 27.44
CA THR A 172 -11.56 -14.29 26.74
C THR A 172 -12.96 -14.82 27.03
N MET A 173 -13.74 -14.98 25.97
CA MET A 173 -15.10 -15.47 26.11
C MET A 173 -15.31 -16.69 25.26
N LEU A 174 -16.01 -17.67 25.82
CA LEU A 174 -16.43 -18.88 25.12
C LEU A 174 -17.94 -18.84 24.93
N VAL A 175 -18.37 -18.93 23.67
CA VAL A 175 -19.77 -18.98 23.32
C VAL A 175 -20.10 -20.40 22.90
N LEU A 176 -21.04 -21.02 23.59
CA LEU A 176 -21.41 -22.41 23.34
C LEU A 176 -22.86 -22.47 22.91
N ALA A 177 -23.11 -23.06 21.74
CA ALA A 177 -24.47 -23.27 21.22
C ALA A 177 -24.78 -24.77 21.16
N MET A 178 -25.92 -25.15 21.75
CA MET A 178 -26.46 -26.51 21.69
C MET A 178 -27.95 -26.45 21.38
N ASP A 179 -28.63 -27.61 21.37
CA ASP A 179 -30.06 -27.56 21.06
C ASP A 179 -30.83 -26.81 22.14
N CYS A 180 -30.33 -26.78 23.37
CA CYS A 180 -30.98 -26.00 24.43
C CYS A 180 -30.67 -24.49 24.39
N GLY A 181 -29.98 -23.96 23.37
CA GLY A 181 -29.74 -22.53 23.22
C GLY A 181 -28.26 -22.16 23.29
N VAL A 182 -28.00 -20.84 23.35
CA VAL A 182 -26.65 -20.27 23.34
C VAL A 182 -26.34 -19.68 24.71
N ASN A 183 -25.16 -20.01 25.24
CA ASN A 183 -24.70 -19.44 26.50
C ASN A 183 -23.27 -18.97 26.39
N CYS A 184 -22.99 -17.83 27.03
CA CYS A 184 -21.71 -17.13 26.94
C CYS A 184 -20.99 -17.26 28.26
N PHE A 185 -19.72 -17.67 28.21
CA PHE A 185 -18.90 -17.85 29.39
C PHE A 185 -17.67 -16.93 29.33
N MET A 186 -17.40 -16.22 30.44
CA MET A 186 -16.24 -15.34 30.52
C MET A 186 -15.10 -16.04 31.27
N LEU A 187 -13.93 -16.09 30.65
CA LEU A 187 -12.77 -16.70 31.31
C LEU A 187 -12.28 -15.83 32.45
N ASP A 188 -12.32 -16.36 33.67
CA ASP A 188 -11.69 -15.68 34.81
C ASP A 188 -10.26 -16.20 34.88
N PRO A 189 -9.28 -15.37 34.47
CA PRO A 189 -7.90 -15.87 34.39
C PRO A 189 -7.27 -16.09 35.74
N ALA A 190 -7.82 -15.49 36.81
CA ALA A 190 -7.27 -15.70 38.14
C ALA A 190 -7.45 -17.13 38.62
N ILE A 191 -8.52 -17.81 38.20
CA ILE A 191 -8.77 -19.19 38.63
C ILE A 191 -8.90 -20.14 37.46
N GLY A 192 -8.81 -19.66 36.22
CA GLY A 192 -8.92 -20.54 35.08
C GLY A 192 -10.24 -21.28 35.00
N GLU A 193 -11.35 -20.56 35.15
CA GLU A 193 -12.68 -21.14 35.06
C GLU A 193 -13.55 -20.22 34.21
N PHE A 194 -14.37 -20.83 33.36
CA PHE A 194 -15.31 -20.12 32.49
C PHE A 194 -16.60 -19.91 33.26
N ILE A 195 -16.91 -18.65 33.55
CA ILE A 195 -18.07 -18.29 34.36
C ILE A 195 -19.22 -17.92 33.43
N LEU A 196 -20.35 -18.59 33.61
CA LEU A 196 -21.54 -18.30 32.84
C LEU A 196 -22.03 -16.89 33.14
N VAL A 197 -22.03 -16.05 32.12
CA VAL A 197 -22.40 -14.66 32.30
C VAL A 197 -23.63 -14.23 31.49
N ASP A 198 -23.95 -14.88 30.36
CA ASP A 198 -25.13 -14.56 29.55
C ASP A 198 -25.84 -15.86 29.24
N LYS A 199 -27.02 -16.06 29.86
CA LYS A 199 -27.82 -17.27 29.70
C LYS A 199 -28.79 -17.11 28.53
N ASP A 200 -28.86 -18.12 27.68
CA ASP A 200 -29.92 -18.25 26.67
C ASP A 200 -30.02 -16.97 25.83
N VAL A 201 -28.99 -16.74 25.06
CA VAL A 201 -28.79 -15.45 24.41
C VAL A 201 -29.64 -15.38 23.13
N LYS A 202 -30.21 -14.20 22.86
CA LYS A 202 -31.00 -13.98 21.64
C LYS A 202 -30.55 -12.68 20.94
N ILE A 203 -30.40 -12.75 19.60
CA ILE A 203 -29.95 -11.60 18.82
C ILE A 203 -31.11 -10.61 18.62
N LYS A 204 -30.76 -9.34 18.52
CA LYS A 204 -31.73 -8.31 18.17
C LYS A 204 -32.41 -8.66 16.85
N LYS A 205 -33.71 -8.37 16.76
CA LYS A 205 -34.43 -8.61 15.52
C LYS A 205 -33.85 -7.76 14.38
N LYS A 206 -33.41 -6.54 14.71
CA LYS A 206 -32.83 -5.67 13.70
C LYS A 206 -31.71 -4.84 14.34
N GLY A 207 -30.58 -4.75 13.66
CA GLY A 207 -29.43 -4.04 14.16
C GLY A 207 -29.22 -2.73 13.42
N LYS A 208 -28.07 -2.10 13.71
CA LYS A 208 -27.70 -0.85 13.07
C LYS A 208 -26.27 -0.87 12.56
N ILE A 209 -25.68 -2.05 12.38
CA ILE A 209 -24.30 -2.15 11.90
C ILE A 209 -24.19 -3.23 10.83
N TYR A 210 -23.50 -2.91 9.74
CA TYR A 210 -23.13 -3.90 8.74
C TYR A 210 -21.61 -4.03 8.74
N SER A 211 -21.14 -5.22 8.35
CA SER A 211 -19.74 -5.60 8.52
C SER A 211 -19.28 -6.39 7.31
N LEU A 212 -18.39 -5.80 6.53
CA LEU A 212 -17.72 -6.46 5.41
C LEU A 212 -16.58 -5.57 4.94
N ASN A 213 -15.66 -6.17 4.18
CA ASN A 213 -14.49 -5.48 3.64
C ASN A 213 -14.89 -4.71 2.39
N GLU A 214 -15.21 -3.42 2.58
CA GLU A 214 -15.61 -2.52 1.51
C GLU A 214 -14.44 -2.06 0.65
N GLY A 215 -13.21 -2.35 1.06
CA GLY A 215 -12.10 -2.02 0.20
C GLY A 215 -12.11 -2.78 -1.09
N TYR A 216 -12.79 -3.92 -1.13
CA TYR A 216 -12.95 -4.74 -2.32
C TYR A 216 -14.23 -4.45 -3.08
N ALA A 217 -14.77 -3.23 -2.96
CA ALA A 217 -16.04 -2.93 -3.61
C ALA A 217 -15.98 -3.07 -5.12
N LYS A 218 -14.79 -2.93 -5.71
CA LYS A 218 -14.63 -3.08 -7.16
C LYS A 218 -15.17 -4.41 -7.66
N ASP A 219 -15.06 -5.47 -6.87
CA ASP A 219 -15.45 -6.83 -7.23
C ASP A 219 -16.81 -7.27 -6.67
N PHE A 220 -17.57 -6.38 -6.06
CA PHE A 220 -18.83 -6.75 -5.42
C PHE A 220 -19.81 -7.34 -6.41
N ASP A 221 -20.55 -8.35 -5.96
CA ASP A 221 -21.78 -8.73 -6.64
C ASP A 221 -22.69 -7.52 -6.70
N PRO A 222 -23.44 -7.31 -7.77
CA PRO A 222 -24.31 -6.12 -7.86
C PRO A 222 -25.30 -6.00 -6.71
N ALA A 223 -25.78 -7.11 -6.18
CA ALA A 223 -26.69 -7.05 -5.04
C ALA A 223 -25.99 -6.52 -3.81
N VAL A 224 -24.72 -6.93 -3.59
CA VAL A 224 -23.98 -6.43 -2.43
C VAL A 224 -23.75 -4.93 -2.56
N THR A 225 -23.42 -4.46 -3.78
CA THR A 225 -23.29 -3.02 -4.00
C THR A 225 -24.59 -2.29 -3.66
N GLU A 226 -25.73 -2.80 -4.13
CA GLU A 226 -26.99 -2.11 -3.86
C GLU A 226 -27.33 -2.15 -2.38
N TYR A 227 -27.17 -3.31 -1.73
CA TYR A 227 -27.55 -3.41 -0.32
C TYR A 227 -26.75 -2.44 0.54
N ILE A 228 -25.42 -2.38 0.32
CA ILE A 228 -24.59 -1.46 1.10
C ILE A 228 -24.96 -0.02 0.79
N GLN A 229 -25.27 0.28 -0.48
CA GLN A 229 -25.79 1.61 -0.79
C GLN A 229 -27.05 1.91 0.00
N ARG A 230 -27.90 0.90 0.21
CA ARG A 230 -29.10 1.12 1.02
C ARG A 230 -28.76 1.38 2.48
N LYS A 231 -27.64 0.83 2.96
CA LYS A 231 -27.25 1.07 4.33
C LYS A 231 -26.62 2.45 4.52
N LYS A 232 -25.85 2.94 3.54
CA LYS A 232 -25.23 4.27 3.67
C LYS A 232 -26.14 5.40 3.23
N PHE A 233 -27.01 5.16 2.26
CA PHE A 233 -27.86 6.20 1.69
C PHE A 233 -29.28 5.64 1.69
N PRO A 234 -29.90 5.57 2.86
CA PRO A 234 -31.21 4.94 2.96
C PRO A 234 -32.23 5.66 2.10
N PRO A 235 -33.12 4.92 1.42
CA PRO A 235 -34.08 5.60 0.54
C PRO A 235 -35.03 6.55 1.27
N ASP A 236 -35.37 6.29 2.53
CA ASP A 236 -36.25 7.20 3.25
C ASP A 236 -35.50 8.30 4.00
N ASN A 237 -34.21 8.48 3.73
CA ASN A 237 -33.39 9.52 4.35
C ASN A 237 -33.27 9.35 5.87
N SER A 238 -33.59 8.17 6.38
CA SER A 238 -33.36 7.87 7.80
C SER A 238 -31.86 7.75 8.06
N ALA A 239 -31.50 7.47 9.31
CA ALA A 239 -30.10 7.45 9.70
C ALA A 239 -29.36 6.26 9.11
N PRO A 240 -28.16 6.48 8.57
CA PRO A 240 -27.36 5.36 8.05
C PRO A 240 -26.91 4.41 9.15
N TYR A 241 -26.64 3.17 8.72
CA TYR A 241 -26.03 2.17 9.58
C TYR A 241 -24.58 2.52 9.86
N GLY A 242 -24.07 2.05 10.97
CA GLY A 242 -22.65 2.08 11.16
C GLY A 242 -21.93 0.96 10.43
N ALA A 243 -20.66 1.21 10.15
CA ALA A 243 -19.77 0.21 9.55
C ALA A 243 -18.71 -0.18 10.58
N ARG A 244 -18.46 -1.48 10.69
CA ARG A 244 -17.36 -2.01 11.49
C ARG A 244 -16.81 -3.22 10.75
N TYR A 245 -15.49 -3.36 10.71
CA TYR A 245 -14.91 -4.56 10.13
C TYR A 245 -13.57 -4.81 10.79
N VAL A 246 -13.55 -5.70 11.77
CA VAL A 246 -12.30 -6.04 12.45
C VAL A 246 -11.40 -6.86 11.53
N GLY A 247 -11.98 -7.64 10.64
CA GLY A 247 -11.19 -8.53 9.81
C GLY A 247 -10.92 -9.89 10.40
N SER A 248 -11.50 -10.20 11.54
CA SER A 248 -11.40 -11.50 12.17
C SER A 248 -12.82 -12.00 12.40
N MET A 249 -13.16 -13.15 11.83
CA MET A 249 -14.56 -13.57 11.77
C MET A 249 -15.17 -13.67 13.17
N VAL A 250 -14.48 -14.33 14.09
CA VAL A 250 -15.00 -14.51 15.45
C VAL A 250 -15.30 -13.18 16.09
N ALA A 251 -14.40 -12.20 15.93
CA ALA A 251 -14.66 -10.88 16.51
C ALA A 251 -15.86 -10.24 15.84
N ASP A 252 -15.90 -10.25 14.52
CA ASP A 252 -16.99 -9.64 13.77
C ASP A 252 -18.31 -10.37 14.02
N VAL A 253 -18.28 -11.70 14.07
CA VAL A 253 -19.53 -12.43 14.27
C VAL A 253 -20.06 -12.20 15.69
N HIS A 254 -19.16 -12.17 16.69
CA HIS A 254 -19.60 -11.95 18.06
C HIS A 254 -20.19 -10.56 18.26
N ARG A 255 -19.59 -9.54 17.62
CA ARG A 255 -20.20 -8.22 17.70
C ARG A 255 -21.60 -8.24 17.09
N THR A 256 -21.78 -8.93 15.95
CA THR A 256 -23.11 -9.06 15.38
C THR A 256 -24.08 -9.69 16.39
N LEU A 257 -23.65 -10.78 17.03
CA LEU A 257 -24.50 -11.44 18.02
C LEU A 257 -24.83 -10.50 19.17
N VAL A 258 -23.87 -9.72 19.64
CA VAL A 258 -24.06 -8.91 20.85
C VAL A 258 -24.86 -7.64 20.56
N TYR A 259 -24.61 -6.97 19.44
CA TYR A 259 -25.28 -5.71 19.16
C TYR A 259 -26.32 -5.78 18.07
N GLY A 260 -26.40 -6.89 17.34
CA GLY A 260 -27.29 -6.98 16.21
C GLY A 260 -26.66 -6.37 14.97
N GLY A 261 -27.31 -6.59 13.83
CA GLY A 261 -26.81 -6.14 12.56
C GLY A 261 -26.57 -7.29 11.60
N ILE A 262 -25.64 -7.08 10.68
CA ILE A 262 -25.36 -8.06 9.62
C ILE A 262 -23.87 -8.15 9.37
N PHE A 263 -23.39 -9.38 9.22
CA PHE A 263 -22.04 -9.67 8.79
C PHE A 263 -22.11 -10.34 7.42
N LEU A 264 -21.27 -9.89 6.48
CA LEU A 264 -21.27 -10.42 5.13
C LEU A 264 -19.86 -10.79 4.71
N TYR A 265 -19.70 -12.03 4.24
CA TYR A 265 -18.57 -12.43 3.42
C TYR A 265 -19.19 -13.10 2.20
N PRO A 266 -19.73 -12.32 1.28
CA PRO A 266 -20.59 -12.87 0.24
C PRO A 266 -19.79 -13.39 -0.94
N ALA A 267 -20.50 -13.99 -1.88
CA ALA A 267 -19.89 -14.49 -3.09
C ALA A 267 -19.81 -13.39 -4.14
N ASN A 268 -18.82 -13.51 -5.04
CA ASN A 268 -18.72 -12.64 -6.21
C ASN A 268 -18.29 -13.53 -7.38
N LYS A 269 -18.08 -12.92 -8.54
CA LYS A 269 -17.72 -13.70 -9.72
C LYS A 269 -16.26 -14.18 -9.66
N LYS A 270 -15.38 -13.44 -8.99
CA LYS A 270 -14.01 -13.87 -8.78
C LYS A 270 -13.92 -14.93 -7.70
N SER A 271 -14.89 -14.99 -6.78
CA SER A 271 -14.93 -15.97 -5.70
C SER A 271 -16.36 -16.50 -5.60
N PRO A 272 -16.78 -17.31 -6.58
CA PRO A 272 -18.20 -17.68 -6.63
C PRO A 272 -18.69 -18.50 -5.45
N ASN A 273 -17.81 -19.10 -4.64
CA ASN A 273 -18.24 -19.76 -3.41
C ASN A 273 -17.80 -19.04 -2.15
N GLY A 274 -17.32 -17.80 -2.24
CA GLY A 274 -16.89 -17.13 -1.04
C GLY A 274 -15.50 -17.60 -0.64
N LYS A 275 -15.09 -17.15 0.55
CA LYS A 275 -13.75 -17.43 1.07
C LYS A 275 -13.76 -18.27 2.34
N LEU A 276 -14.72 -18.06 3.24
CA LEU A 276 -14.73 -18.78 4.50
C LEU A 276 -15.05 -20.26 4.28
N ARG A 277 -14.53 -21.09 5.19
CA ARG A 277 -14.69 -22.53 5.08
C ARG A 277 -16.02 -23.01 5.67
N LEU A 278 -16.68 -23.94 4.99
CA LEU A 278 -18.02 -24.34 5.39
C LEU A 278 -18.02 -25.12 6.70
N LEU A 279 -17.12 -26.10 6.84
CA LEU A 279 -17.22 -27.01 7.97
C LEU A 279 -16.85 -26.30 9.28
N TYR A 280 -15.74 -25.58 9.31
CA TYR A 280 -15.21 -25.12 10.58
C TYR A 280 -15.19 -23.61 10.72
N GLU A 281 -15.85 -22.89 9.82
CA GLU A 281 -16.08 -21.46 10.03
C GLU A 281 -17.55 -21.15 9.86
N CYS A 282 -18.10 -21.44 8.67
CA CYS A 282 -19.47 -21.05 8.36
C CYS A 282 -20.50 -21.86 9.16
N ASN A 283 -20.38 -23.17 9.19
CA ASN A 283 -21.41 -23.95 9.87
C ASN A 283 -21.51 -23.64 11.36
N PRO A 284 -20.42 -23.62 12.15
CA PRO A 284 -20.59 -23.28 13.57
C PRO A 284 -21.13 -21.87 13.80
N MET A 285 -20.71 -20.88 13.00
CA MET A 285 -21.28 -19.54 13.18
C MET A 285 -22.76 -19.52 12.81
N ALA A 286 -23.15 -20.24 11.74
CA ALA A 286 -24.56 -20.32 11.41
C ALA A 286 -25.35 -20.99 12.53
N TYR A 287 -24.78 -22.02 13.14
CA TYR A 287 -25.45 -22.74 14.19
C TYR A 287 -25.68 -21.83 15.40
N VAL A 288 -24.65 -21.12 15.85
CA VAL A 288 -24.81 -20.16 16.94
C VAL A 288 -25.90 -19.13 16.59
N MET A 289 -25.88 -18.60 15.36
CA MET A 289 -26.87 -17.59 14.97
C MET A 289 -28.29 -18.12 15.07
N GLU A 290 -28.55 -19.28 14.49
CA GLU A 290 -29.93 -19.78 14.49
C GLU A 290 -30.39 -20.15 15.89
N LYS A 291 -29.51 -20.74 16.70
CA LYS A 291 -29.86 -21.02 18.07
C LYS A 291 -30.16 -19.76 18.87
N ALA A 292 -29.68 -18.62 18.41
CA ALA A 292 -29.95 -17.34 19.05
C ALA A 292 -31.10 -16.61 18.38
N GLY A 293 -31.81 -17.26 17.47
CA GLY A 293 -32.88 -16.59 16.78
C GLY A 293 -32.47 -15.77 15.59
N GLY A 294 -31.26 -15.99 15.04
CA GLY A 294 -30.80 -15.31 13.86
C GLY A 294 -30.81 -16.14 12.61
N MET A 295 -30.29 -15.56 11.53
CA MET A 295 -30.27 -16.19 10.22
C MET A 295 -28.86 -16.20 9.66
N ALA A 296 -28.63 -17.16 8.76
CA ALA A 296 -27.35 -17.30 8.09
C ALA A 296 -27.64 -17.91 6.72
N THR A 297 -27.30 -17.17 5.67
CA THR A 297 -27.55 -17.61 4.30
C THR A 297 -26.32 -17.46 3.41
N THR A 298 -26.25 -18.32 2.39
CA THR A 298 -25.32 -18.13 1.30
C THR A 298 -25.88 -17.19 0.25
N GLY A 299 -27.16 -16.83 0.40
CA GLY A 299 -27.86 -16.13 -0.64
C GLY A 299 -28.83 -17.04 -1.36
N LYS A 300 -28.37 -18.25 -1.70
CA LYS A 300 -29.20 -19.23 -2.37
C LYS A 300 -29.86 -20.20 -1.40
N GLU A 301 -29.19 -20.53 -0.30
CA GLU A 301 -29.70 -21.54 0.61
C GLU A 301 -29.22 -21.23 2.02
N ALA A 302 -29.86 -21.87 2.99
CA ALA A 302 -29.35 -21.82 4.35
C ALA A 302 -27.97 -22.46 4.39
N VAL A 303 -27.05 -21.82 5.13
CA VAL A 303 -25.69 -22.34 5.27
C VAL A 303 -25.72 -23.77 5.77
N LEU A 304 -26.54 -24.01 6.79
CA LEU A 304 -26.64 -25.30 7.45
C LEU A 304 -27.23 -26.39 6.57
N ASP A 305 -27.86 -26.02 5.44
CA ASP A 305 -28.46 -27.02 4.55
C ASP A 305 -27.53 -27.47 3.45
N VAL A 306 -26.34 -26.85 3.34
CA VAL A 306 -25.40 -27.27 2.32
C VAL A 306 -24.76 -28.60 2.71
N ILE A 307 -24.81 -29.56 1.80
CA ILE A 307 -24.19 -30.87 2.01
C ILE A 307 -22.77 -30.79 1.44
N PRO A 308 -21.75 -30.72 2.28
CA PRO A 308 -20.41 -30.55 1.73
C PRO A 308 -19.97 -31.83 1.03
N THR A 309 -19.18 -31.64 -0.03
CA THR A 309 -18.49 -32.71 -0.72
C THR A 309 -16.98 -32.68 -0.49
N ASP A 310 -16.44 -31.59 0.04
CA ASP A 310 -15.02 -31.47 0.37
C ASP A 310 -14.91 -30.79 1.73
N ILE A 311 -14.08 -31.36 2.63
CA ILE A 311 -14.03 -30.86 4.00
C ILE A 311 -13.53 -29.44 4.05
N HIS A 312 -12.71 -29.05 3.08
CA HIS A 312 -12.15 -27.71 3.02
C HIS A 312 -12.86 -26.84 2.02
N GLN A 313 -14.08 -27.18 1.68
CA GLN A 313 -14.80 -26.38 0.71
C GLN A 313 -15.26 -25.07 1.33
N ARG A 314 -15.32 -24.05 0.50
CA ARG A 314 -15.72 -22.72 0.91
C ARG A 314 -17.21 -22.54 0.73
N ALA A 315 -17.75 -21.54 1.43
CA ALA A 315 -19.14 -21.22 1.39
C ALA A 315 -19.25 -19.72 1.55
N PRO A 316 -20.12 -19.06 0.80
CA PRO A 316 -20.45 -17.68 1.11
C PRO A 316 -21.36 -17.65 2.34
N VAL A 317 -21.28 -16.56 3.10
CA VAL A 317 -22.05 -16.44 4.32
C VAL A 317 -22.49 -15.00 4.50
N ILE A 318 -23.76 -14.82 4.88
CA ILE A 318 -24.34 -13.55 5.29
C ILE A 318 -25.23 -13.85 6.49
N LEU A 319 -24.92 -13.26 7.64
CA LEU A 319 -25.62 -13.62 8.88
C LEU A 319 -25.86 -12.38 9.72
N GLY A 320 -26.68 -12.58 10.76
CA GLY A 320 -27.01 -11.55 11.73
C GLY A 320 -28.48 -11.49 12.10
N SER A 321 -28.96 -10.31 12.44
CA SER A 321 -30.36 -10.15 12.78
C SER A 321 -31.23 -10.64 11.63
N PRO A 322 -32.38 -11.27 11.93
CA PRO A 322 -33.19 -11.82 10.83
C PRO A 322 -33.74 -10.77 9.89
N ASP A 323 -34.16 -9.60 10.40
CA ASP A 323 -34.64 -8.55 9.50
C ASP A 323 -33.54 -8.02 8.59
N ASP A 324 -32.31 -7.89 9.10
CA ASP A 324 -31.25 -7.36 8.24
C ASP A 324 -30.86 -8.35 7.15
N VAL A 325 -30.83 -9.65 7.48
CA VAL A 325 -30.49 -10.66 6.48
C VAL A 325 -31.60 -10.75 5.43
N LEU A 326 -32.86 -10.60 5.86
CA LEU A 326 -33.96 -10.61 4.90
C LEU A 326 -33.84 -9.47 3.90
N GLU A 327 -33.53 -8.26 4.39
CA GLU A 327 -33.42 -7.12 3.49
C GLU A 327 -32.34 -7.34 2.46
N PHE A 328 -31.22 -7.92 2.89
CA PHE A 328 -30.21 -8.30 1.91
C PHE A 328 -30.77 -9.30 0.92
N LEU A 329 -31.58 -10.25 1.41
CA LEU A 329 -32.14 -11.25 0.51
C LEU A 329 -33.13 -10.64 -0.47
N LYS A 330 -33.94 -9.68 -0.03
CA LYS A 330 -34.83 -9.00 -0.97
C LYS A 330 -34.03 -8.32 -2.08
N VAL A 331 -32.96 -7.62 -1.71
CA VAL A 331 -32.06 -7.01 -2.69
C VAL A 331 -31.40 -8.08 -3.55
N TYR A 332 -31.02 -9.20 -2.93
CA TYR A 332 -30.42 -10.30 -3.67
C TYR A 332 -31.41 -10.88 -4.67
N GLU A 333 -32.68 -11.05 -4.25
CA GLU A 333 -33.72 -11.53 -5.16
C GLU A 333 -33.94 -10.54 -6.30
N LYS A 334 -33.89 -9.23 -6.00
CA LYS A 334 -34.08 -8.21 -7.03
C LYS A 334 -33.09 -8.36 -8.16
N HIS A 335 -31.85 -8.75 -7.83
CA HIS A 335 -30.84 -9.02 -8.84
C HIS A 335 -30.83 -10.49 -9.23
N SER A 336 -31.98 -11.16 -9.11
CA SER A 336 -32.19 -12.57 -9.44
C SER A 336 -31.30 -13.48 -8.58
N ASP B 10 20.23 -8.51 24.40
CA ASP B 10 19.93 -8.26 25.81
C ASP B 10 18.43 -7.98 26.08
N VAL B 11 17.85 -8.66 27.07
CA VAL B 11 16.45 -8.42 27.40
C VAL B 11 16.27 -7.02 27.98
N ASN B 12 15.16 -6.38 27.66
CA ASN B 12 14.91 -5.05 28.19
C ASN B 12 13.47 -4.94 28.65
N THR B 13 13.29 -4.27 29.78
CA THR B 13 11.96 -4.01 30.28
C THR B 13 11.64 -2.55 30.12
N LEU B 14 10.36 -2.21 30.26
CA LEU B 14 9.95 -0.82 30.20
C LEU B 14 10.67 0.00 31.27
N THR B 15 10.66 -0.48 32.52
CA THR B 15 11.25 0.25 33.63
C THR B 15 12.76 0.41 33.46
N ARG B 16 13.45 -0.67 33.10
CA ARG B 16 14.88 -0.61 32.86
C ARG B 16 15.19 0.37 31.73
N PHE B 17 14.42 0.29 30.64
CA PHE B 17 14.63 1.17 29.50
C PHE B 17 14.52 2.65 29.87
N VAL B 18 13.50 3.01 30.64
CA VAL B 18 13.30 4.41 30.98
C VAL B 18 14.38 4.92 31.93
N MET B 19 14.86 4.08 32.85
CA MET B 19 15.92 4.54 33.74
C MET B 19 17.24 4.75 32.99
N GLU B 20 17.52 3.92 31.98
CA GLU B 20 18.74 4.07 31.19
C GLU B 20 18.72 5.36 30.38
N GLU B 21 17.62 5.63 29.67
CA GLU B 21 17.54 6.85 28.88
C GLU B 21 17.55 8.09 29.78
N GLY B 22 16.90 7.98 30.94
CA GLY B 22 16.90 9.07 31.89
C GLY B 22 18.27 9.35 32.49
N ARG B 23 19.12 8.32 32.58
CA ARG B 23 20.44 8.57 33.13
C ARG B 23 21.35 9.20 32.09
N LYS B 24 21.20 8.79 30.84
CA LYS B 24 21.86 9.43 29.71
C LYS B 24 21.58 10.92 29.69
N ALA B 25 20.32 11.32 29.86
CA ALA B 25 19.92 12.73 29.82
C ALA B 25 20.23 13.47 31.10
N ARG B 26 20.70 12.75 32.11
CA ARG B 26 21.05 13.33 33.40
C ARG B 26 19.89 14.16 33.96
N GLY B 27 18.67 13.63 33.83
CA GLY B 27 17.50 14.25 34.40
C GLY B 27 17.32 13.89 35.87
N THR B 28 16.32 14.53 36.48
CA THR B 28 16.07 14.33 37.91
C THR B 28 15.41 13.00 38.25
N GLY B 29 14.79 12.32 37.28
CA GLY B 29 14.04 11.11 37.55
C GLY B 29 12.53 11.31 37.59
N GLU B 30 12.08 12.56 37.54
CA GLU B 30 10.67 12.84 37.72
C GLU B 30 9.82 12.22 36.58
N LEU B 31 10.30 12.32 35.34
CA LEU B 31 9.60 11.67 34.22
C LEU B 31 9.67 10.15 34.36
N THR B 32 10.81 9.62 34.79
CA THR B 32 10.93 8.19 35.05
C THR B 32 9.94 7.73 36.12
N GLN B 33 9.78 8.50 37.19
CA GLN B 33 8.79 8.18 38.22
C GLN B 33 7.37 8.23 37.67
N LEU B 34 7.09 9.20 36.80
CA LEU B 34 5.78 9.28 36.19
C LEU B 34 5.50 8.06 35.32
N LEU B 35 6.41 7.76 34.40
CA LEU B 35 6.19 6.66 33.48
C LEU B 35 6.05 5.33 34.21
N ASN B 36 6.85 5.13 35.26
CA ASN B 36 6.74 3.88 36.02
C ASN B 36 5.37 3.74 36.68
N SER B 37 4.83 4.82 37.27
CA SER B 37 3.50 4.78 37.87
C SER B 37 2.41 4.47 36.84
N LEU B 38 2.53 5.07 35.66
CA LEU B 38 1.61 4.84 34.56
C LEU B 38 1.71 3.41 34.07
N CYS B 39 2.94 2.91 33.99
CA CYS B 39 3.17 1.53 33.64
C CYS B 39 2.43 0.60 34.61
N THR B 40 2.50 0.90 35.92
CA THR B 40 1.79 0.10 36.92
C THR B 40 0.28 0.20 36.73
N ALA B 41 -0.23 1.40 36.49
CA ALA B 41 -1.66 1.58 36.27
C ALA B 41 -2.16 0.75 35.10
N VAL B 42 -1.41 0.75 33.99
CA VAL B 42 -1.78 0.02 32.80
C VAL B 42 -1.88 -1.48 33.08
N LYS B 43 -0.95 -2.01 33.87
CA LYS B 43 -1.04 -3.42 34.25
C LYS B 43 -2.29 -3.69 35.07
N ALA B 44 -2.68 -2.77 35.95
CA ALA B 44 -3.89 -2.99 36.73
C ALA B 44 -5.13 -2.96 35.83
N ILE B 45 -5.18 -2.00 34.91
CA ILE B 45 -6.29 -1.94 33.96
C ILE B 45 -6.34 -3.20 33.13
N SER B 46 -5.18 -3.69 32.69
CA SER B 46 -5.18 -4.91 31.88
C SER B 46 -5.76 -6.08 32.64
N SER B 47 -5.40 -6.22 33.92
CA SER B 47 -5.92 -7.30 34.75
C SER B 47 -7.43 -7.24 34.88
N ALA B 48 -7.98 -6.04 35.06
CA ALA B 48 -9.42 -5.88 35.19
C ALA B 48 -10.11 -6.10 33.85
N VAL B 49 -9.50 -5.59 32.77
CA VAL B 49 -10.09 -5.75 31.44
C VAL B 49 -10.14 -7.23 31.04
N ARG B 50 -9.10 -8.00 31.36
CA ARG B 50 -9.19 -9.44 31.06
C ARG B 50 -10.13 -10.21 32.03
N LYS B 51 -10.81 -9.48 32.92
CA LYS B 51 -11.86 -10.01 33.79
C LYS B 51 -11.31 -10.86 34.92
N ALA B 52 -10.12 -10.55 35.43
CA ALA B 52 -9.65 -11.19 36.65
C ALA B 52 -10.65 -10.95 37.78
N GLY B 53 -10.90 -11.99 38.57
CA GLY B 53 -11.86 -11.85 39.64
C GLY B 53 -13.31 -11.77 39.23
N ILE B 54 -13.63 -11.97 37.94
CA ILE B 54 -15.03 -11.85 37.53
C ILE B 54 -15.89 -12.89 38.26
N ALA B 55 -15.30 -14.04 38.61
CA ALA B 55 -16.05 -15.05 39.36
C ALA B 55 -16.63 -14.52 40.65
N HIS B 56 -15.93 -13.58 41.31
CA HIS B 56 -16.44 -13.05 42.57
C HIS B 56 -17.62 -12.14 42.35
N LEU B 57 -17.63 -11.42 41.23
CA LEU B 57 -18.80 -10.63 40.86
C LEU B 57 -20.02 -11.51 40.67
N TYR B 58 -19.82 -12.77 40.28
CA TYR B 58 -20.92 -13.68 39.97
C TYR B 58 -21.19 -14.68 41.10
N GLY B 59 -20.77 -14.36 42.31
CA GLY B 59 -21.21 -15.11 43.48
C GLY B 59 -20.47 -16.39 43.79
N ILE B 60 -19.23 -16.54 43.33
CA ILE B 60 -18.48 -17.77 43.59
C ILE B 60 -18.30 -18.02 45.09
N ALA B 61 -18.32 -16.95 45.89
CA ALA B 61 -18.22 -17.06 47.34
C ALA B 61 -19.48 -16.59 48.04
N GLY B 62 -20.57 -16.37 47.30
CA GLY B 62 -21.81 -15.87 47.85
C GLY B 62 -22.17 -14.46 47.48
N LYS B 73 -18.52 0.68 34.70
CA LYS B 73 -17.72 0.47 35.91
C LYS B 73 -16.22 0.32 35.59
N LEU B 74 -15.93 -0.31 34.45
CA LEU B 74 -14.55 -0.65 34.12
C LEU B 74 -13.74 0.60 33.77
N ASP B 75 -14.35 1.55 33.06
CA ASP B 75 -13.63 2.79 32.77
C ASP B 75 -13.62 3.74 33.95
N VAL B 76 -14.56 3.62 34.89
CA VAL B 76 -14.42 4.37 36.14
C VAL B 76 -13.24 3.84 36.93
N LEU B 77 -13.13 2.52 37.03
CA LEU B 77 -11.99 1.92 37.72
C LEU B 77 -10.68 2.24 37.00
N SER B 78 -10.68 2.21 35.65
CA SER B 78 -9.49 2.59 34.89
C SER B 78 -9.05 4.01 35.19
N ASN B 79 -10.00 4.95 35.20
CA ASN B 79 -9.71 6.34 35.52
C ASN B 79 -9.20 6.46 36.94
N ASP B 80 -9.84 5.76 37.89
CA ASP B 80 -9.35 5.78 39.26
C ASP B 80 -7.94 5.23 39.35
N LEU B 81 -7.63 4.19 38.56
CA LEU B 81 -6.29 3.62 38.59
C LEU B 81 -5.26 4.63 38.09
N VAL B 82 -5.53 5.26 36.95
CA VAL B 82 -4.59 6.20 36.39
C VAL B 82 -4.47 7.43 37.29
N MET B 83 -5.60 7.97 37.75
CA MET B 83 -5.58 9.15 38.61
C MET B 83 -4.71 8.94 39.84
N ASN B 84 -4.89 7.80 40.51
CA ASN B 84 -4.25 7.57 41.79
C ASN B 84 -2.75 7.32 41.65
N MET B 85 -2.33 6.57 40.64
CA MET B 85 -0.91 6.30 40.43
C MET B 85 -0.17 7.55 39.99
N LEU B 86 -0.85 8.44 39.25
CA LEU B 86 -0.21 9.69 38.86
C LEU B 86 -0.10 10.64 40.04
N LYS B 87 -1.19 10.84 40.78
CA LYS B 87 -1.17 11.70 41.95
C LYS B 87 -0.03 11.34 42.88
N SER B 88 0.08 10.04 43.17
CA SER B 88 1.06 9.55 44.13
C SER B 88 2.43 9.36 43.51
N SER B 89 2.62 9.63 42.22
CA SER B 89 3.95 9.55 41.63
C SER B 89 4.80 10.77 41.96
N PHE B 90 4.18 11.85 42.41
CA PHE B 90 4.83 13.12 42.75
C PHE B 90 5.48 13.80 41.54
N ALA B 91 5.12 13.40 40.31
CA ALA B 91 5.70 13.98 39.11
C ALA B 91 4.70 14.83 38.33
N THR B 92 3.45 14.93 38.79
CA THR B 92 2.40 15.61 38.03
C THR B 92 1.77 16.71 38.88
N CYS B 93 1.13 17.63 38.20
CA CYS B 93 0.37 18.71 38.84
C CYS B 93 -0.97 19.00 38.18
N VAL B 94 -1.15 18.72 36.89
CA VAL B 94 -2.42 18.89 36.22
C VAL B 94 -2.70 17.62 35.43
N LEU B 95 -3.89 17.04 35.65
CA LEU B 95 -4.33 15.81 35.02
C LEU B 95 -5.63 16.05 34.28
N VAL B 96 -5.65 15.79 32.97
CA VAL B 96 -6.87 15.90 32.18
C VAL B 96 -7.24 14.51 31.66
N SER B 97 -8.47 14.11 31.93
CA SER B 97 -8.94 12.79 31.57
C SER B 97 -10.21 12.94 30.77
N GLU B 98 -10.40 12.02 29.83
CA GLU B 98 -11.65 11.98 29.11
C GLU B 98 -12.83 11.82 30.07
N GLU B 99 -12.59 11.24 31.24
CA GLU B 99 -13.65 10.92 32.18
C GLU B 99 -14.09 12.09 33.05
N ASP B 100 -13.34 13.20 33.06
CA ASP B 100 -13.59 14.32 33.97
C ASP B 100 -13.79 15.61 33.19
N LYS B 101 -14.90 16.30 33.44
CA LYS B 101 -15.17 17.55 32.72
C LYS B 101 -14.10 18.60 33.01
N HIS B 102 -13.72 18.74 34.25
CA HIS B 102 -12.71 19.72 34.61
C HIS B 102 -11.38 19.02 34.79
N ALA B 103 -10.30 19.77 34.57
CA ALA B 103 -8.99 19.28 34.93
C ALA B 103 -8.91 19.00 36.43
N ILE B 104 -8.11 18.00 36.78
CA ILE B 104 -7.82 17.70 38.17
C ILE B 104 -6.51 18.39 38.52
N ILE B 105 -6.51 19.14 39.62
CA ILE B 105 -5.31 19.83 40.07
C ILE B 105 -4.74 19.06 41.24
N VAL B 106 -3.52 18.52 41.07
CA VAL B 106 -2.92 17.67 42.11
C VAL B 106 -2.67 18.49 43.37
N GLU B 107 -2.90 17.87 44.52
CA GLU B 107 -2.76 18.56 45.80
C GLU B 107 -1.29 18.84 46.14
N PRO B 108 -1.04 19.93 46.88
CA PRO B 108 0.33 20.48 46.97
C PRO B 108 1.45 19.51 47.34
N GLU B 109 1.26 18.60 48.30
CA GLU B 109 2.37 17.73 48.67
C GLU B 109 2.73 16.73 47.59
N LYS B 110 1.87 16.56 46.59
CA LYS B 110 2.10 15.56 45.57
C LYS B 110 2.51 16.16 44.24
N ARG B 111 2.74 17.47 44.20
CA ARG B 111 2.96 18.13 42.93
C ARG B 111 4.34 17.84 42.35
N GLY B 112 4.36 17.62 41.05
CA GLY B 112 5.57 17.53 40.27
C GLY B 112 5.36 18.44 39.09
N LYS B 113 6.24 18.39 38.09
CA LYS B 113 6.25 19.43 37.08
C LYS B 113 5.57 19.05 35.78
N TYR B 114 4.85 17.92 35.71
CA TYR B 114 4.33 17.43 34.43
C TYR B 114 2.81 17.44 34.37
N VAL B 115 2.30 17.72 33.15
CA VAL B 115 0.87 17.66 32.83
C VAL B 115 0.60 16.40 32.02
N VAL B 116 -0.43 15.64 32.39
CA VAL B 116 -0.77 14.41 31.68
C VAL B 116 -2.21 14.50 31.21
N CYS B 117 -2.44 14.24 29.94
CA CYS B 117 -3.77 14.12 29.36
C CYS B 117 -3.99 12.67 28.98
N PHE B 118 -5.12 12.09 29.41
CA PHE B 118 -5.29 10.67 29.13
C PHE B 118 -6.75 10.29 28.92
N ASP B 119 -6.94 9.26 28.10
CA ASP B 119 -8.16 8.49 28.08
C ASP B 119 -7.86 7.15 28.76
N PRO B 120 -8.33 6.91 29.99
CA PRO B 120 -7.91 5.69 30.70
C PRO B 120 -8.41 4.41 30.06
N LEU B 121 -9.57 4.43 29.39
CA LEU B 121 -10.05 3.21 28.72
C LEU B 121 -10.80 3.68 27.47
N ASP B 122 -10.03 3.95 26.42
CA ASP B 122 -10.57 4.39 25.15
C ASP B 122 -11.27 3.23 24.46
N GLY B 123 -12.46 3.48 23.95
CA GLY B 123 -13.26 2.46 23.31
C GLY B 123 -14.16 1.66 24.22
N SER B 124 -14.37 2.11 25.46
CA SER B 124 -15.05 1.35 26.49
C SER B 124 -16.58 1.30 26.34
N SER B 125 -17.18 2.09 25.45
CA SER B 125 -18.60 1.92 25.16
C SER B 125 -18.89 0.56 24.52
N ASN B 126 -17.99 0.10 23.64
CA ASN B 126 -18.15 -1.15 22.91
C ASN B 126 -17.38 -2.31 23.54
N ILE B 127 -17.18 -2.30 24.86
CA ILE B 127 -16.47 -3.42 25.50
C ILE B 127 -17.41 -4.60 25.74
N ASP B 128 -18.73 -4.42 25.59
CA ASP B 128 -19.67 -5.54 25.77
C ASP B 128 -19.51 -6.60 24.69
N CYS B 129 -19.02 -6.24 23.51
CA CYS B 129 -18.64 -7.23 22.53
C CYS B 129 -17.17 -7.62 22.64
N LEU B 130 -16.50 -7.24 23.73
CA LEU B 130 -15.11 -7.59 23.98
C LEU B 130 -14.18 -7.02 22.90
N VAL B 131 -14.58 -5.91 22.29
CA VAL B 131 -13.69 -5.29 21.33
C VAL B 131 -12.48 -4.72 22.05
N SER B 132 -11.40 -4.54 21.28
CA SER B 132 -10.18 -3.97 21.82
C SER B 132 -10.46 -2.63 22.46
N VAL B 133 -9.83 -2.39 23.61
CA VAL B 133 -9.82 -1.12 24.30
C VAL B 133 -8.39 -0.72 24.62
N GLY B 134 -8.22 0.52 25.05
CA GLY B 134 -6.88 1.01 25.28
C GLY B 134 -6.88 2.26 26.13
N THR B 135 -5.70 2.57 26.64
CA THR B 135 -5.43 3.80 27.38
C THR B 135 -4.49 4.64 26.51
N ILE B 136 -4.78 5.93 26.40
CA ILE B 136 -3.95 6.85 25.64
C ILE B 136 -3.42 7.92 26.60
N PHE B 137 -2.17 8.35 26.39
CA PHE B 137 -1.61 9.40 27.24
C PHE B 137 -0.64 10.31 26.48
N GLY B 138 -0.61 11.56 26.91
CA GLY B 138 0.36 12.55 26.47
C GLY B 138 0.86 13.34 27.67
N ILE B 139 2.16 13.62 27.70
CA ILE B 139 2.81 14.23 28.85
C ILE B 139 3.46 15.54 28.42
N TYR B 140 3.07 16.65 29.06
CA TYR B 140 3.68 17.96 28.86
C TYR B 140 4.39 18.44 30.12
N ARG B 141 5.19 19.50 29.95
CA ARG B 141 5.76 20.18 31.10
C ARG B 141 4.88 21.36 31.50
N LYS B 142 4.68 21.48 32.82
CA LYS B 142 4.14 22.68 33.46
C LYS B 142 4.60 23.94 32.74
N LYS B 143 3.66 24.87 32.54
CA LYS B 143 3.88 26.02 31.65
C LYS B 143 4.46 27.25 32.35
N SER B 144 4.49 27.30 33.68
CA SER B 144 4.98 28.47 34.40
C SER B 144 4.99 28.13 35.88
N THR B 145 5.60 29.00 36.67
CA THR B 145 5.81 28.76 38.10
C THR B 145 4.68 29.32 38.97
N ASP B 146 3.62 29.84 38.37
CA ASP B 146 2.44 30.28 39.10
C ASP B 146 1.78 29.05 39.73
N GLU B 147 0.68 29.26 40.44
CA GLU B 147 -0.13 28.14 40.86
C GLU B 147 -0.62 27.39 39.62
N PRO B 148 -0.44 26.08 39.58
CA PRO B 148 -0.83 25.30 38.40
C PRO B 148 -2.34 25.36 38.19
N SER B 149 -2.76 25.43 36.93
CA SER B 149 -4.17 25.53 36.58
C SER B 149 -4.45 24.71 35.33
N GLU B 150 -5.73 24.68 34.95
CA GLU B 150 -6.13 23.96 33.76
C GLU B 150 -5.44 24.50 32.51
N LYS B 151 -5.11 25.79 32.51
CA LYS B 151 -4.41 26.38 31.37
C LYS B 151 -3.15 25.59 31.02
N ASP B 152 -2.55 24.94 32.02
CA ASP B 152 -1.31 24.19 31.81
C ASP B 152 -1.49 23.04 30.84
N ALA B 153 -2.72 22.61 30.60
CA ALA B 153 -2.98 21.52 29.67
C ALA B 153 -3.29 22.01 28.27
N LEU B 154 -3.33 23.31 28.04
CA LEU B 154 -3.69 23.83 26.73
C LEU B 154 -2.49 24.04 25.83
N GLN B 155 -1.56 23.13 25.81
CA GLN B 155 -0.46 23.31 24.88
C GLN B 155 -0.71 22.57 23.56
N PRO B 156 -0.10 23.02 22.46
CA PRO B 156 -0.14 22.24 21.23
C PRO B 156 0.66 20.96 21.36
N GLY B 157 0.38 20.02 20.46
CA GLY B 157 1.06 18.73 20.48
C GLY B 157 2.56 18.83 20.31
N ARG B 158 3.05 19.87 19.61
CA ARG B 158 4.49 20.09 19.46
C ARG B 158 5.24 20.04 20.78
N ASN B 159 4.58 20.41 21.90
CA ASN B 159 5.24 20.47 23.20
C ASN B 159 5.35 19.12 23.89
N LEU B 160 4.85 18.04 23.30
CA LEU B 160 4.84 16.77 24.00
C LEU B 160 6.26 16.36 24.36
N VAL B 161 6.42 15.96 25.61
CA VAL B 161 7.63 15.35 26.11
C VAL B 161 7.65 13.85 25.83
N ALA B 162 6.48 13.21 25.94
CA ALA B 162 6.28 11.79 25.68
C ALA B 162 4.78 11.54 25.51
N ALA B 163 4.46 10.49 24.76
CA ALA B 163 3.08 10.09 24.52
C ALA B 163 3.05 8.62 24.17
N GLY B 164 1.86 8.04 24.23
CA GLY B 164 1.72 6.66 23.83
C GLY B 164 0.36 6.12 24.21
N TYR B 165 0.26 4.80 24.14
CA TYR B 165 -0.99 4.12 24.40
C TYR B 165 -0.66 2.71 24.84
N ALA B 166 -1.56 2.13 25.63
CA ALA B 166 -1.58 0.70 25.87
C ALA B 166 -2.75 0.16 25.09
N LEU B 167 -2.55 -0.95 24.41
CA LEU B 167 -3.62 -1.64 23.70
C LEU B 167 -3.92 -2.94 24.43
N TYR B 168 -5.16 -3.07 24.91
CA TYR B 168 -5.62 -4.32 25.54
C TYR B 168 -6.30 -5.17 24.46
N GLY B 169 -5.47 -5.81 23.64
CA GLY B 169 -5.95 -6.58 22.53
C GLY B 169 -5.89 -8.06 22.82
N SER B 170 -5.56 -8.85 21.79
CA SER B 170 -5.33 -10.26 22.05
C SER B 170 -4.18 -10.44 23.03
N ALA B 171 -3.22 -9.52 23.02
CA ALA B 171 -2.24 -9.35 24.07
C ALA B 171 -2.22 -7.88 24.46
N THR B 172 -1.53 -7.55 25.55
CA THR B 172 -1.44 -6.18 26.02
C THR B 172 -0.08 -5.58 25.63
N MET B 173 -0.11 -4.53 24.85
CA MET B 173 1.13 -3.90 24.41
C MET B 173 1.12 -2.42 24.76
N LEU B 174 2.27 -1.95 25.20
CA LEU B 174 2.51 -0.54 25.49
C LEU B 174 3.45 0.05 24.43
N VAL B 175 2.98 1.10 23.77
CA VAL B 175 3.76 1.84 22.80
C VAL B 175 4.10 3.17 23.47
N LEU B 176 5.39 3.46 23.57
CA LEU B 176 5.93 4.67 24.20
C LEU B 176 6.69 5.43 23.14
N ALA B 177 6.29 6.68 22.93
CA ALA B 177 6.93 7.58 21.98
C ALA B 177 7.67 8.69 22.74
N MET B 178 8.97 8.79 22.53
CA MET B 178 9.74 9.87 23.11
C MET B 178 10.55 10.50 22.00
N ASP B 179 11.38 11.47 22.39
CA ASP B 179 12.22 12.15 21.42
C ASP B 179 13.23 11.19 20.80
N CYS B 180 13.61 10.14 21.54
CA CYS B 180 14.47 9.08 21.06
C CYS B 180 13.76 8.08 20.14
N GLY B 181 12.47 8.26 19.84
CA GLY B 181 11.77 7.38 18.93
C GLY B 181 10.62 6.62 19.58
N VAL B 182 10.14 5.62 18.87
CA VAL B 182 9.01 4.81 19.31
C VAL B 182 9.53 3.42 19.66
N ASN B 183 9.13 2.91 20.84
CA ASN B 183 9.46 1.55 21.22
C ASN B 183 8.21 0.85 21.72
N CYS B 184 8.08 -0.45 21.39
CA CYS B 184 6.91 -1.27 21.72
C CYS B 184 7.26 -2.33 22.74
N PHE B 185 6.46 -2.40 23.81
CA PHE B 185 6.68 -3.33 24.90
C PHE B 185 5.47 -4.28 25.01
N MET B 186 5.74 -5.56 25.16
CA MET B 186 4.70 -6.54 25.33
C MET B 186 4.57 -6.91 26.81
N LEU B 187 3.37 -6.80 27.36
CA LEU B 187 3.18 -7.21 28.75
C LEU B 187 3.24 -8.72 28.86
N ASP B 188 4.20 -9.24 29.62
CA ASP B 188 4.23 -10.66 29.96
C ASP B 188 3.40 -10.89 31.21
N PRO B 189 2.21 -11.49 31.11
CA PRO B 189 1.32 -11.58 32.28
C PRO B 189 1.80 -12.54 33.33
N ALA B 190 2.66 -13.49 32.98
CA ALA B 190 3.17 -14.43 33.96
C ALA B 190 4.08 -13.76 34.99
N ILE B 191 4.72 -12.66 34.62
CA ILE B 191 5.64 -11.98 35.52
C ILE B 191 5.28 -10.53 35.75
N GLY B 192 4.25 -10.01 35.08
CA GLY B 192 3.87 -8.61 35.24
C GLY B 192 4.98 -7.65 34.84
N GLU B 193 5.57 -7.84 33.65
CA GLU B 193 6.65 -6.99 33.16
C GLU B 193 6.45 -6.68 31.69
N PHE B 194 6.78 -5.44 31.30
CA PHE B 194 6.71 -5.04 29.90
C PHE B 194 8.03 -5.33 29.22
N ILE B 195 8.04 -6.29 28.27
CA ILE B 195 9.24 -6.70 27.55
C ILE B 195 9.36 -5.90 26.26
N LEU B 196 10.53 -5.25 26.06
CA LEU B 196 10.80 -4.53 24.82
C LEU B 196 10.88 -5.51 23.65
N VAL B 197 10.01 -5.33 22.65
CA VAL B 197 10.02 -6.26 21.52
C VAL B 197 10.26 -5.58 20.17
N ASP B 198 9.96 -4.29 20.03
CA ASP B 198 10.15 -3.54 18.80
C ASP B 198 10.87 -2.25 19.17
N LYS B 199 12.16 -2.16 18.79
CA LYS B 199 12.94 -0.97 19.07
C LYS B 199 12.84 0.02 17.92
N ASP B 200 12.71 1.30 18.26
CA ASP B 200 12.90 2.40 17.32
C ASP B 200 12.07 2.18 16.06
N VAL B 201 10.76 2.13 16.26
CA VAL B 201 9.84 1.60 15.28
C VAL B 201 9.53 2.66 14.25
N LYS B 202 9.43 2.25 12.97
CA LYS B 202 9.12 3.16 11.88
C LYS B 202 7.96 2.63 11.06
N ILE B 203 7.05 3.51 10.68
CA ILE B 203 5.90 3.10 9.88
C ILE B 203 6.32 2.92 8.42
N LYS B 204 5.67 1.98 7.71
CA LYS B 204 5.86 1.85 6.27
C LYS B 204 5.58 3.19 5.60
N LYS B 205 6.34 3.49 4.56
CA LYS B 205 6.14 4.72 3.80
C LYS B 205 4.77 4.73 3.12
N LYS B 206 4.28 3.57 2.71
CA LYS B 206 2.99 3.43 2.06
C LYS B 206 2.35 2.11 2.45
N GLY B 207 1.04 2.16 2.73
CA GLY B 207 0.29 1.00 3.13
C GLY B 207 -0.70 0.56 2.07
N LYS B 208 -1.52 -0.44 2.44
CA LYS B 208 -2.54 -1.04 1.58
C LYS B 208 -3.87 -1.14 2.30
N ILE B 209 -4.04 -0.42 3.40
CA ILE B 209 -5.23 -0.50 4.22
C ILE B 209 -5.65 0.91 4.58
N TYR B 210 -6.94 1.21 4.43
CA TYR B 210 -7.50 2.43 4.98
C TYR B 210 -8.52 2.07 6.03
N SER B 211 -8.75 3.00 6.95
CA SER B 211 -9.55 2.72 8.13
C SER B 211 -10.42 3.94 8.44
N LEU B 212 -11.74 3.79 8.27
CA LEU B 212 -12.69 4.78 8.73
C LEU B 212 -14.09 4.18 8.68
N ASN B 213 -15.01 4.83 9.40
CA ASN B 213 -16.40 4.40 9.48
C ASN B 213 -17.12 4.86 8.22
N GLU B 214 -17.24 3.96 7.23
CA GLU B 214 -17.90 4.36 5.99
C GLU B 214 -19.42 4.46 6.12
N GLY B 215 -19.99 4.11 7.27
CA GLY B 215 -21.41 4.29 7.47
C GLY B 215 -21.84 5.74 7.46
N TYR B 216 -20.89 6.67 7.69
CA TYR B 216 -21.12 8.11 7.63
C TYR B 216 -20.83 8.68 6.24
N ALA B 217 -20.89 7.86 5.19
CA ALA B 217 -20.55 8.34 3.85
C ALA B 217 -21.50 9.44 3.37
N LYS B 218 -22.74 9.45 3.88
CA LYS B 218 -23.65 10.55 3.54
C LYS B 218 -23.06 11.90 3.91
N ASP B 219 -22.28 11.98 5.00
CA ASP B 219 -21.79 13.23 5.54
C ASP B 219 -20.37 13.58 5.10
N PHE B 220 -19.77 12.81 4.19
CA PHE B 220 -18.37 12.99 3.86
C PHE B 220 -18.07 14.35 3.24
N ASP B 221 -16.95 14.93 3.65
CA ASP B 221 -16.35 16.01 2.88
C ASP B 221 -16.01 15.47 1.49
N PRO B 222 -16.13 16.28 0.45
CA PRO B 222 -15.83 15.76 -0.90
C PRO B 222 -14.44 15.18 -1.02
N ALA B 223 -13.46 15.73 -0.30
CA ALA B 223 -12.11 15.17 -0.38
C ALA B 223 -12.08 13.75 0.18
N VAL B 224 -12.79 13.51 1.28
CA VAL B 224 -12.88 12.16 1.82
C VAL B 224 -13.61 11.24 0.86
N THR B 225 -14.72 11.71 0.27
CA THR B 225 -15.39 10.90 -0.74
C THR B 225 -14.41 10.56 -1.86
N GLU B 226 -13.71 11.57 -2.37
CA GLU B 226 -12.80 11.33 -3.48
C GLU B 226 -11.64 10.44 -3.05
N TYR B 227 -11.04 10.74 -1.89
CA TYR B 227 -9.89 9.97 -1.46
C TYR B 227 -10.26 8.50 -1.26
N ILE B 228 -11.40 8.24 -0.62
CA ILE B 228 -11.81 6.85 -0.43
C ILE B 228 -12.12 6.20 -1.78
N GLN B 229 -12.71 6.95 -2.70
CA GLN B 229 -12.97 6.41 -4.04
C GLN B 229 -11.69 5.92 -4.72
N ARG B 230 -10.59 6.66 -4.57
CA ARG B 230 -9.31 6.23 -5.14
C ARG B 230 -8.76 4.98 -4.45
N LYS B 231 -9.15 4.72 -3.21
CA LYS B 231 -8.68 3.51 -2.54
C LYS B 231 -9.36 2.27 -3.09
N LYS B 232 -10.64 2.38 -3.46
CA LYS B 232 -11.38 1.26 -4.03
C LYS B 232 -11.21 1.13 -5.54
N PHE B 233 -11.02 2.23 -6.25
CA PHE B 233 -10.96 2.24 -7.72
C PHE B 233 -9.72 3.01 -8.14
N PRO B 234 -8.56 2.41 -7.97
CA PRO B 234 -7.30 3.12 -8.18
C PRO B 234 -7.17 3.59 -9.61
N PRO B 235 -6.76 4.84 -9.83
CA PRO B 235 -6.59 5.32 -11.21
C PRO B 235 -5.46 4.61 -11.94
N ASP B 236 -4.40 4.18 -11.25
CA ASP B 236 -3.28 3.50 -11.88
C ASP B 236 -3.42 1.98 -11.94
N ASN B 237 -4.65 1.46 -11.87
CA ASN B 237 -4.99 0.05 -11.98
C ASN B 237 -4.29 -0.85 -10.96
N SER B 238 -3.71 -0.28 -9.91
CA SER B 238 -3.14 -1.12 -8.84
C SER B 238 -4.25 -1.75 -8.00
N ALA B 239 -3.85 -2.65 -7.11
CA ALA B 239 -4.84 -3.40 -6.33
C ALA B 239 -5.49 -2.46 -5.32
N PRO B 240 -6.82 -2.55 -5.15
CA PRO B 240 -7.49 -1.69 -4.17
C PRO B 240 -7.01 -1.98 -2.76
N TYR B 241 -7.10 -0.96 -1.90
CA TYR B 241 -6.76 -1.16 -0.50
C TYR B 241 -7.79 -2.06 0.16
N GLY B 242 -7.36 -2.81 1.17
CA GLY B 242 -8.30 -3.45 2.05
C GLY B 242 -8.86 -2.45 3.04
N ALA B 243 -10.03 -2.76 3.58
CA ALA B 243 -10.66 -1.89 4.57
C ALA B 243 -10.69 -2.60 5.92
N ARG B 244 -10.39 -1.86 6.98
CA ARG B 244 -10.53 -2.34 8.34
C ARG B 244 -11.02 -1.19 9.19
N TYR B 245 -11.97 -1.46 10.08
CA TYR B 245 -12.37 -0.45 11.06
C TYR B 245 -12.89 -1.18 12.29
N VAL B 246 -12.04 -1.27 13.32
CA VAL B 246 -12.44 -1.92 14.56
C VAL B 246 -13.45 -1.05 15.30
N GLY B 247 -13.33 0.26 15.18
CA GLY B 247 -14.16 1.14 15.97
C GLY B 247 -13.56 1.51 17.31
N SER B 248 -12.32 1.12 17.57
CA SER B 248 -11.59 1.55 18.75
C SER B 248 -10.28 2.17 18.29
N MET B 249 -10.09 3.45 18.59
CA MET B 249 -9.00 4.18 17.97
C MET B 249 -7.66 3.51 18.23
N VAL B 250 -7.41 3.07 19.47
CA VAL B 250 -6.14 2.43 19.77
C VAL B 250 -5.90 1.23 18.89
N ALA B 251 -6.93 0.41 18.67
CA ALA B 251 -6.77 -0.77 17.82
C ALA B 251 -6.45 -0.36 16.40
N ASP B 252 -7.22 0.58 15.86
CA ASP B 252 -7.03 1.00 14.48
C ASP B 252 -5.70 1.72 14.32
N VAL B 253 -5.37 2.61 15.23
CA VAL B 253 -4.12 3.34 15.10
C VAL B 253 -2.93 2.39 15.25
N HIS B 254 -3.04 1.44 16.18
CA HIS B 254 -1.92 0.51 16.33
C HIS B 254 -1.72 -0.33 15.09
N ARG B 255 -2.82 -0.79 14.48
CA ARG B 255 -2.72 -1.53 13.23
C ARG B 255 -2.10 -0.68 12.13
N THR B 256 -2.51 0.60 12.05
CA THR B 256 -1.90 1.52 11.10
C THR B 256 -0.39 1.65 11.31
N LEU B 257 0.03 1.75 12.56
CA LEU B 257 1.46 1.81 12.86
C LEU B 257 2.17 0.53 12.42
N VAL B 258 1.59 -0.62 12.74
CA VAL B 258 2.29 -1.89 12.58
C VAL B 258 2.29 -2.36 11.13
N TYR B 259 1.18 -2.16 10.41
CA TYR B 259 1.04 -2.66 9.05
C TYR B 259 1.10 -1.57 7.99
N GLY B 260 1.05 -0.30 8.39
CA GLY B 260 0.97 0.79 7.44
C GLY B 260 -0.45 1.00 6.97
N GLY B 261 -0.64 2.13 6.29
CA GLY B 261 -1.96 2.51 5.86
C GLY B 261 -2.33 3.89 6.38
N ILE B 262 -3.63 4.15 6.47
CA ILE B 262 -4.13 5.45 6.83
C ILE B 262 -5.36 5.28 7.71
N PHE B 263 -5.44 6.11 8.75
CA PHE B 263 -6.61 6.16 9.61
C PHE B 263 -7.26 7.52 9.41
N LEU B 264 -8.59 7.54 9.23
CA LEU B 264 -9.34 8.76 8.98
C LEU B 264 -10.51 8.86 9.96
N TYR B 265 -10.56 9.96 10.71
CA TYR B 265 -11.77 10.38 11.41
C TYR B 265 -11.91 11.85 11.05
N PRO B 266 -12.36 12.13 9.86
CA PRO B 266 -12.25 13.48 9.32
C PRO B 266 -13.41 14.37 9.71
N ALA B 267 -13.33 15.64 9.32
CA ALA B 267 -14.40 16.58 9.58
C ALA B 267 -15.47 16.43 8.52
N ASN B 268 -16.69 16.75 8.90
CA ASN B 268 -17.83 16.66 8.02
C ASN B 268 -18.72 17.88 8.24
N LYS B 269 -19.86 17.89 7.56
CA LYS B 269 -20.74 19.04 7.68
C LYS B 269 -21.45 19.07 9.02
N LYS B 270 -21.70 17.89 9.60
CA LYS B 270 -22.33 17.77 10.91
C LYS B 270 -21.35 17.95 12.06
N SER B 271 -20.06 17.68 11.85
CA SER B 271 -19.04 17.80 12.90
C SER B 271 -17.81 18.45 12.29
N PRO B 272 -17.86 19.77 12.06
CA PRO B 272 -16.77 20.43 11.32
C PRO B 272 -15.44 20.38 12.04
N ASN B 273 -15.43 20.07 13.33
CA ASN B 273 -14.19 19.87 14.08
C ASN B 273 -13.98 18.40 14.45
N GLY B 274 -14.69 17.46 13.80
CA GLY B 274 -14.48 16.06 14.08
C GLY B 274 -15.21 15.56 15.32
N LYS B 275 -14.86 14.33 15.70
CA LYS B 275 -15.44 13.67 16.88
C LYS B 275 -14.40 13.35 17.94
N LEU B 276 -13.19 12.94 17.55
CA LEU B 276 -12.17 12.54 18.50
C LEU B 276 -11.64 13.76 19.27
N ARG B 277 -11.23 13.53 20.51
CA ARG B 277 -10.77 14.63 21.38
C ARG B 277 -9.30 14.94 21.11
N LEU B 278 -8.99 16.23 21.08
CA LEU B 278 -7.66 16.64 20.63
C LEU B 278 -6.56 16.31 21.65
N LEU B 279 -6.77 16.58 22.95
CA LEU B 279 -5.65 16.51 23.91
C LEU B 279 -5.20 15.09 24.16
N TYR B 280 -6.14 14.17 24.40
CA TYR B 280 -5.79 12.84 24.89
C TYR B 280 -6.16 11.73 23.91
N GLU B 281 -6.56 12.07 22.69
CA GLU B 281 -6.69 11.08 21.64
C GLU B 281 -5.86 11.47 20.42
N CYS B 282 -6.14 12.64 19.84
CA CYS B 282 -5.50 12.99 18.58
C CYS B 282 -4.02 13.30 18.77
N ASN B 283 -3.70 14.23 19.69
CA ASN B 283 -2.31 14.65 19.85
C ASN B 283 -1.37 13.51 20.25
N PRO B 284 -1.65 12.69 21.26
CA PRO B 284 -0.70 11.62 21.56
C PRO B 284 -0.49 10.67 20.38
N MET B 285 -1.54 10.38 19.60
CA MET B 285 -1.38 9.56 18.40
C MET B 285 -0.61 10.31 17.31
N ALA B 286 -0.89 11.60 17.14
CA ALA B 286 -0.13 12.39 16.19
C ALA B 286 1.36 12.38 16.52
N TYR B 287 1.70 12.48 17.80
CA TYR B 287 3.09 12.48 18.21
C TYR B 287 3.75 11.13 17.93
N VAL B 288 3.07 10.03 18.31
CA VAL B 288 3.56 8.68 18.00
C VAL B 288 3.76 8.53 16.50
N MET B 289 2.78 8.98 15.71
CA MET B 289 2.89 8.83 14.27
C MET B 289 4.12 9.56 13.76
N GLU B 290 4.30 10.82 14.14
CA GLU B 290 5.43 11.58 13.59
C GLU B 290 6.76 10.98 14.06
N LYS B 291 6.84 10.56 15.32
CA LYS B 291 8.04 9.92 15.84
C LYS B 291 8.34 8.60 15.14
N ALA B 292 7.35 7.97 14.50
CA ALA B 292 7.55 6.73 13.76
C ALA B 292 7.76 6.97 12.25
N GLY B 293 7.94 8.22 11.85
CA GLY B 293 8.12 8.62 10.47
C GLY B 293 6.82 8.79 9.69
N GLY B 294 5.68 8.83 10.37
CA GLY B 294 4.39 9.00 9.73
C GLY B 294 3.89 10.43 9.90
N MET B 295 2.64 10.64 9.49
CA MET B 295 2.07 11.98 9.48
C MET B 295 0.70 12.00 10.15
N ALA B 296 0.30 13.18 10.60
CA ALA B 296 -1.01 13.36 11.23
C ALA B 296 -1.50 14.78 10.97
N THR B 297 -2.59 14.91 10.22
CA THR B 297 -3.14 16.21 9.83
C THR B 297 -4.63 16.28 10.15
N THR B 298 -5.13 17.50 10.34
CA THR B 298 -6.56 17.80 10.34
C THR B 298 -7.09 18.05 8.94
N GLY B 299 -6.22 18.04 7.94
CA GLY B 299 -6.58 18.48 6.61
C GLY B 299 -6.06 19.88 6.38
N LYS B 300 -6.26 20.75 7.35
CA LYS B 300 -5.79 22.12 7.26
C LYS B 300 -4.38 22.27 7.84
N GLU B 301 -4.06 21.55 8.91
CA GLU B 301 -2.78 21.72 9.56
C GLU B 301 -2.37 20.42 10.22
N ALA B 302 -1.08 20.34 10.55
CA ALA B 302 -0.60 19.23 11.37
C ALA B 302 -1.29 19.28 12.72
N VAL B 303 -1.70 18.10 13.20
CA VAL B 303 -2.40 18.02 14.47
C VAL B 303 -1.54 18.62 15.59
N LEU B 304 -0.25 18.31 15.59
CA LEU B 304 0.63 18.79 16.66
C LEU B 304 0.75 20.32 16.68
N ASP B 305 0.32 21.00 15.63
CA ASP B 305 0.40 22.46 15.59
C ASP B 305 -0.87 23.15 16.05
N VAL B 306 -1.95 22.42 16.31
CA VAL B 306 -3.17 23.04 16.80
C VAL B 306 -3.00 23.45 18.26
N ILE B 307 -3.28 24.71 18.57
CA ILE B 307 -3.23 25.22 19.93
C ILE B 307 -4.64 25.14 20.52
N PRO B 308 -4.90 24.25 21.47
CA PRO B 308 -6.26 24.09 21.97
C PRO B 308 -6.69 25.27 22.83
N THR B 309 -8.00 25.53 22.84
CA THR B 309 -8.56 26.49 23.78
C THR B 309 -9.45 25.83 24.82
N ASP B 310 -9.87 24.58 24.63
CA ASP B 310 -10.70 23.87 25.60
C ASP B 310 -10.15 22.45 25.72
N ILE B 311 -10.11 21.95 26.96
CA ILE B 311 -9.46 20.67 27.20
C ILE B 311 -10.19 19.52 26.49
N HIS B 312 -11.50 19.65 26.25
CA HIS B 312 -12.26 18.59 25.60
C HIS B 312 -12.60 18.91 24.15
N GLN B 313 -11.85 19.81 23.51
CA GLN B 313 -12.20 20.16 22.15
C GLN B 313 -11.88 19.01 21.21
N ARG B 314 -12.66 18.92 20.15
CA ARG B 314 -12.48 17.88 19.17
C ARG B 314 -11.61 18.37 18.01
N ALA B 315 -11.09 17.41 17.24
CA ALA B 315 -10.29 17.73 16.07
C ALA B 315 -10.49 16.62 15.04
N PRO B 316 -10.59 16.96 13.77
CA PRO B 316 -10.55 15.92 12.74
C PRO B 316 -9.13 15.42 12.62
N VAL B 317 -8.97 14.17 12.22
CA VAL B 317 -7.64 13.57 12.20
C VAL B 317 -7.54 12.63 11.01
N ILE B 318 -6.41 12.72 10.31
CA ILE B 318 -6.06 11.79 9.24
C ILE B 318 -4.59 11.46 9.45
N LEU B 319 -4.28 10.20 9.73
CA LEU B 319 -2.92 9.84 10.13
C LEU B 319 -2.52 8.52 9.50
N GLY B 320 -1.22 8.24 9.57
CA GLY B 320 -0.67 7.01 9.03
C GLY B 320 0.59 7.21 8.19
N SER B 321 0.80 6.30 7.22
CA SER B 321 1.99 6.32 6.38
C SER B 321 2.13 7.66 5.63
N PRO B 322 3.36 8.17 5.44
CA PRO B 322 3.51 9.51 4.84
C PRO B 322 3.03 9.61 3.40
N ASP B 323 3.27 8.63 2.54
CA ASP B 323 2.77 8.72 1.16
C ASP B 323 1.24 8.73 1.13
N ASP B 324 0.61 8.00 2.03
CA ASP B 324 -0.85 7.95 2.07
C ASP B 324 -1.46 9.25 2.61
N VAL B 325 -0.84 9.84 3.64
CA VAL B 325 -1.33 11.12 4.17
C VAL B 325 -1.11 12.23 3.17
N LEU B 326 0.05 12.21 2.49
CA LEU B 326 0.32 13.20 1.46
C LEU B 326 -0.68 13.08 0.32
N GLU B 327 -0.95 11.84 -0.10
CA GLU B 327 -1.95 11.63 -1.15
C GLU B 327 -3.32 12.13 -0.71
N PHE B 328 -3.68 11.93 0.56
CA PHE B 328 -4.95 12.50 1.01
C PHE B 328 -4.91 14.02 0.96
N LEU B 329 -3.77 14.62 1.34
CA LEU B 329 -3.66 16.08 1.38
C LEU B 329 -3.70 16.69 -0.01
N LYS B 330 -3.17 15.99 -1.03
CA LYS B 330 -3.31 16.48 -2.40
C LYS B 330 -4.79 16.57 -2.81
N VAL B 331 -5.58 15.52 -2.55
CA VAL B 331 -7.01 15.56 -2.84
C VAL B 331 -7.69 16.67 -2.03
N TYR B 332 -7.27 16.85 -0.79
CA TYR B 332 -7.86 17.89 0.06
C TYR B 332 -7.57 19.28 -0.50
N GLU B 333 -6.33 19.53 -0.91
CA GLU B 333 -5.97 20.81 -1.52
C GLU B 333 -6.67 20.99 -2.87
N LYS B 334 -6.88 19.90 -3.60
CA LYS B 334 -7.61 20.01 -4.87
C LYS B 334 -8.97 20.65 -4.66
N HIS B 335 -9.65 20.31 -3.56
CA HIS B 335 -10.93 20.92 -3.25
C HIS B 335 -10.75 22.16 -2.40
N SER B 336 -9.56 22.76 -2.43
CA SER B 336 -9.21 23.98 -1.73
C SER B 336 -9.43 23.79 -0.23
N ASP C 10 0.17 -39.68 28.01
CA ASP C 10 -1.02 -38.82 27.79
C ASP C 10 -1.38 -37.96 28.99
N VAL C 11 -1.57 -36.66 28.72
CA VAL C 11 -1.84 -35.70 29.79
C VAL C 11 -3.20 -35.97 30.44
N ASN C 12 -3.26 -35.78 31.74
CA ASN C 12 -4.49 -35.98 32.47
C ASN C 12 -4.72 -34.84 33.44
N THR C 13 -5.95 -34.38 33.52
CA THR C 13 -6.35 -33.35 34.46
C THR C 13 -7.22 -33.95 35.56
N LEU C 14 -7.50 -33.13 36.58
CA LEU C 14 -8.38 -33.59 37.65
C LEU C 14 -9.79 -33.88 37.14
N THR C 15 -10.35 -32.95 36.38
CA THR C 15 -11.70 -33.10 35.86
C THR C 15 -11.78 -34.30 34.93
N ARG C 16 -10.82 -34.41 34.02
CA ARG C 16 -10.77 -35.55 33.12
C ARG C 16 -10.62 -36.86 33.88
N PHE C 17 -9.75 -36.87 34.90
CA PHE C 17 -9.51 -38.08 35.67
C PHE C 17 -10.79 -38.55 36.39
N VAL C 18 -11.49 -37.61 37.03
CA VAL C 18 -12.66 -37.95 37.81
C VAL C 18 -13.80 -38.42 36.91
N MET C 19 -13.89 -37.85 35.70
CA MET C 19 -14.90 -38.30 34.76
C MET C 19 -14.54 -39.67 34.19
N GLU C 20 -13.26 -39.91 33.90
CA GLU C 20 -12.87 -41.23 33.42
C GLU C 20 -13.16 -42.28 34.49
N GLU C 21 -12.79 -41.99 35.74
CA GLU C 21 -13.05 -42.94 36.81
C GLU C 21 -14.55 -43.08 37.09
N GLY C 22 -15.30 -41.98 37.03
CA GLY C 22 -16.73 -42.06 37.26
C GLY C 22 -17.51 -42.85 36.23
N ARG C 23 -17.07 -42.83 34.97
CA ARG C 23 -17.75 -43.61 33.93
C ARG C 23 -17.35 -45.09 33.97
N LYS C 24 -16.09 -45.40 34.32
CA LYS C 24 -15.75 -46.78 34.64
C LYS C 24 -16.70 -47.34 35.69
N ALA C 25 -16.95 -46.57 36.76
CA ALA C 25 -17.83 -47.05 37.81
C ALA C 25 -19.31 -46.96 37.46
N ARG C 26 -19.65 -46.30 36.34
CA ARG C 26 -21.05 -46.14 35.92
C ARG C 26 -21.93 -45.57 37.03
N GLY C 27 -21.41 -44.60 37.77
CA GLY C 27 -22.20 -43.92 38.77
C GLY C 27 -23.00 -42.79 38.15
N THR C 28 -23.84 -42.14 38.97
CA THR C 28 -24.67 -41.05 38.49
C THR C 28 -23.89 -39.77 38.17
N GLY C 29 -22.70 -39.56 38.75
CA GLY C 29 -21.98 -38.32 38.56
C GLY C 29 -22.03 -37.35 39.71
N GLU C 30 -22.78 -37.64 40.76
CA GLU C 30 -22.95 -36.68 41.85
C GLU C 30 -21.64 -36.42 42.56
N LEU C 31 -20.84 -37.48 42.78
CA LEU C 31 -19.52 -37.35 43.36
C LEU C 31 -18.59 -36.53 42.46
N THR C 32 -18.64 -36.83 41.16
CA THR C 32 -17.87 -36.06 40.20
C THR C 32 -18.27 -34.59 40.24
N GLN C 33 -19.56 -34.30 40.34
CA GLN C 33 -19.98 -32.92 40.49
C GLN C 33 -19.44 -32.33 41.78
N LEU C 34 -19.40 -33.11 42.85
CA LEU C 34 -18.88 -32.59 44.10
C LEU C 34 -17.40 -32.23 43.95
N LEU C 35 -16.61 -33.19 43.44
CA LEU C 35 -15.18 -33.00 43.31
C LEU C 35 -14.88 -31.82 42.41
N ASN C 36 -15.60 -31.69 41.30
CA ASN C 36 -15.38 -30.55 40.40
C ASN C 36 -15.66 -29.23 41.11
N SER C 37 -16.75 -29.17 41.87
CA SER C 37 -16.99 -27.95 42.65
C SER C 37 -15.86 -27.69 43.64
N LEU C 38 -15.37 -28.75 44.29
CA LEU C 38 -14.31 -28.57 45.26
C LEU C 38 -13.03 -28.06 44.58
N CYS C 39 -12.70 -28.63 43.42
CA CYS C 39 -11.54 -28.18 42.67
C CYS C 39 -11.62 -26.69 42.36
N THR C 40 -12.80 -26.20 41.93
CA THR C 40 -12.94 -24.78 41.63
C THR C 40 -12.72 -23.94 42.86
N ALA C 41 -13.28 -24.36 44.00
CA ALA C 41 -13.03 -23.63 45.23
C ALA C 41 -11.52 -23.60 45.54
N VAL C 42 -10.83 -24.72 45.35
CA VAL C 42 -9.40 -24.74 45.62
C VAL C 42 -8.66 -23.75 44.72
N LYS C 43 -9.01 -23.68 43.44
CA LYS C 43 -8.31 -22.75 42.55
C LYS C 43 -8.52 -21.32 43.02
N ALA C 44 -9.74 -20.99 43.43
CA ALA C 44 -10.01 -19.65 43.92
C ALA C 44 -9.33 -19.40 45.26
N ILE C 45 -9.29 -20.40 46.15
CA ILE C 45 -8.57 -20.23 47.40
C ILE C 45 -7.08 -19.99 47.15
N SER C 46 -6.50 -20.75 46.21
CA SER C 46 -5.09 -20.60 45.88
C SER C 46 -4.80 -19.19 45.39
N SER C 47 -5.68 -18.64 44.55
CA SER C 47 -5.52 -17.28 44.05
C SER C 47 -5.53 -16.24 45.18
N ALA C 48 -6.37 -16.46 46.20
CA ALA C 48 -6.41 -15.53 47.33
C ALA C 48 -5.18 -15.70 48.23
N VAL C 49 -4.72 -16.93 48.39
CA VAL C 49 -3.54 -17.18 49.23
C VAL C 49 -2.30 -16.54 48.60
N ARG C 50 -2.14 -16.64 47.29
CA ARG C 50 -1.02 -16.00 46.63
C ARG C 50 -1.21 -14.49 46.54
N LYS C 51 -2.28 -13.94 47.09
CA LYS C 51 -2.44 -12.49 47.23
C LYS C 51 -2.69 -11.77 45.91
N ALA C 52 -3.31 -12.44 44.95
CA ALA C 52 -3.79 -11.74 43.76
C ALA C 52 -4.82 -10.70 44.19
N GLY C 53 -4.73 -9.51 43.61
CA GLY C 53 -5.53 -8.38 44.01
C GLY C 53 -5.13 -7.67 45.29
N ILE C 54 -4.02 -8.05 45.93
CA ILE C 54 -3.61 -7.39 47.18
C ILE C 54 -3.38 -5.89 46.97
N ALA C 55 -2.90 -5.50 45.79
CA ALA C 55 -2.65 -4.09 45.48
C ALA C 55 -3.89 -3.23 45.68
N HIS C 56 -5.08 -3.79 45.41
CA HIS C 56 -6.26 -2.98 45.59
C HIS C 56 -6.59 -2.79 47.07
N LEU C 57 -6.33 -3.79 47.92
CA LEU C 57 -6.50 -3.54 49.35
C LEU C 57 -5.61 -2.41 49.83
N TYR C 58 -4.46 -2.18 49.19
CA TYR C 58 -3.51 -1.16 49.64
C TYR C 58 -3.65 0.13 48.85
N GLY C 59 -4.79 0.34 48.20
CA GLY C 59 -5.12 1.64 47.66
C GLY C 59 -4.56 1.96 46.30
N ILE C 60 -4.23 0.96 45.48
CA ILE C 60 -3.71 1.25 44.15
C ILE C 60 -4.71 2.07 43.33
N ALA C 61 -5.98 2.04 43.68
CA ALA C 61 -7.02 2.82 43.01
C ALA C 61 -7.60 3.90 43.89
N GLY C 62 -6.98 4.21 45.02
CA GLY C 62 -7.51 5.18 45.96
C GLY C 62 -8.34 4.62 47.12
N LYS C 73 -11.02 -11.34 55.51
CA LYS C 73 -10.09 -12.32 56.08
C LYS C 73 -9.99 -13.57 55.20
N LEU C 74 -8.81 -14.19 55.18
CA LEU C 74 -8.52 -15.22 54.21
C LEU C 74 -9.16 -16.56 54.56
N ASP C 75 -9.25 -16.91 55.83
CA ASP C 75 -9.90 -18.17 56.13
C ASP C 75 -11.42 -18.05 56.11
N VAL C 76 -11.96 -16.87 56.40
CA VAL C 76 -13.39 -16.65 56.21
C VAL C 76 -13.73 -16.68 54.73
N LEU C 77 -12.91 -16.04 53.91
CA LEU C 77 -13.13 -16.12 52.46
C LEU C 77 -12.97 -17.55 51.98
N SER C 78 -11.96 -18.26 52.47
CA SER C 78 -11.79 -19.66 52.08
C SER C 78 -13.01 -20.50 52.43
N ASN C 79 -13.53 -20.34 53.65
CA ASN C 79 -14.71 -21.07 54.09
C ASN C 79 -15.91 -20.78 53.19
N ASP C 80 -16.14 -19.50 52.88
CA ASP C 80 -17.27 -19.13 52.02
C ASP C 80 -17.15 -19.76 50.64
N LEU C 81 -15.94 -19.88 50.10
CA LEU C 81 -15.76 -20.48 48.80
C LEU C 81 -16.13 -21.96 48.82
N VAL C 82 -15.61 -22.70 49.81
CA VAL C 82 -15.93 -24.12 49.87
C VAL C 82 -17.42 -24.30 50.16
N MET C 83 -17.97 -23.53 51.12
CA MET C 83 -19.38 -23.61 51.45
C MET C 83 -20.26 -23.36 50.23
N ASN C 84 -19.97 -22.31 49.46
CA ASN C 84 -20.88 -21.97 48.38
C ASN C 84 -20.77 -22.98 47.25
N MET C 85 -19.55 -23.42 46.93
CA MET C 85 -19.39 -24.35 45.82
C MET C 85 -19.97 -25.72 46.16
N LEU C 86 -19.90 -26.14 47.43
CA LEU C 86 -20.49 -27.42 47.81
C LEU C 86 -22.02 -27.31 47.85
N LYS C 87 -22.54 -26.26 48.49
CA LYS C 87 -23.98 -26.05 48.49
C LYS C 87 -24.54 -26.06 47.08
N SER C 88 -23.94 -25.30 46.18
CA SER C 88 -24.45 -25.12 44.82
C SER C 88 -24.11 -26.28 43.88
N SER C 89 -23.36 -27.25 44.34
CA SER C 89 -23.10 -28.43 43.53
C SER C 89 -24.28 -29.38 43.49
N PHE C 90 -25.27 -29.19 44.36
CA PHE C 90 -26.42 -30.09 44.53
C PHE C 90 -26.02 -31.49 44.96
N ALA C 91 -24.79 -31.68 45.41
CA ALA C 91 -24.31 -33.01 45.71
C ALA C 91 -24.17 -33.29 47.20
N THR C 92 -24.47 -32.32 48.07
CA THR C 92 -24.17 -32.46 49.49
C THR C 92 -25.43 -32.23 50.31
N CYS C 93 -25.39 -32.70 51.56
CA CYS C 93 -26.52 -32.45 52.46
C CYS C 93 -26.06 -31.98 53.84
N VAL C 94 -24.87 -32.39 54.28
CA VAL C 94 -24.32 -31.96 55.57
C VAL C 94 -22.89 -31.49 55.36
N LEU C 95 -22.57 -30.30 55.86
CA LEU C 95 -21.25 -29.68 55.72
C LEU C 95 -20.68 -29.34 57.09
N VAL C 96 -19.53 -29.91 57.42
CA VAL C 96 -18.80 -29.61 58.65
C VAL C 96 -17.48 -28.92 58.27
N SER C 97 -17.26 -27.71 58.83
CA SER C 97 -16.09 -26.89 58.57
C SER C 97 -15.44 -26.50 59.89
N GLU C 98 -14.11 -26.37 59.90
CA GLU C 98 -13.43 -25.90 61.09
C GLU C 98 -13.93 -24.53 61.52
N GLU C 99 -14.38 -23.71 60.57
CA GLU C 99 -14.80 -22.33 60.83
C GLU C 99 -16.22 -22.23 61.39
N ASP C 100 -16.99 -23.31 61.43
CA ASP C 100 -18.40 -23.25 61.78
C ASP C 100 -18.66 -24.08 63.02
N LYS C 101 -19.27 -23.47 64.02
CA LYS C 101 -19.50 -24.18 65.28
C LYS C 101 -20.40 -25.39 65.08
N HIS C 102 -21.47 -25.25 64.30
CA HIS C 102 -22.40 -26.34 64.02
C HIS C 102 -22.22 -26.85 62.59
N ALA C 103 -22.62 -28.10 62.37
CA ALA C 103 -22.74 -28.58 60.99
C ALA C 103 -23.74 -27.71 60.23
N ILE C 104 -23.50 -27.55 58.93
CA ILE C 104 -24.39 -26.80 58.06
C ILE C 104 -25.31 -27.79 57.33
N ILE C 105 -26.62 -27.53 57.38
CA ILE C 105 -27.57 -28.36 56.67
C ILE C 105 -27.93 -27.65 55.37
N VAL C 106 -27.58 -28.29 54.25
CA VAL C 106 -27.91 -27.73 52.94
C VAL C 106 -29.42 -27.63 52.79
N GLU C 107 -29.89 -26.53 52.20
CA GLU C 107 -31.32 -26.29 52.05
C GLU C 107 -31.92 -27.34 51.10
N PRO C 108 -33.16 -27.75 51.34
CA PRO C 108 -33.71 -28.96 50.69
C PRO C 108 -33.57 -29.01 49.18
N GLU C 109 -33.77 -27.89 48.49
CA GLU C 109 -33.73 -27.91 47.04
C GLU C 109 -32.34 -28.21 46.51
N LYS C 110 -31.31 -28.04 47.32
CA LYS C 110 -29.94 -28.23 46.86
C LYS C 110 -29.31 -29.50 47.43
N ARG C 111 -30.09 -30.35 48.08
CA ARG C 111 -29.55 -31.48 48.81
C ARG C 111 -29.11 -32.60 47.87
N GLY C 112 -27.99 -33.22 48.23
CA GLY C 112 -27.50 -34.38 47.54
C GLY C 112 -27.15 -35.42 48.58
N LYS C 113 -26.41 -36.45 48.20
CA LYS C 113 -26.25 -37.63 49.05
C LYS C 113 -24.95 -37.66 49.85
N TYR C 114 -24.15 -36.61 49.82
CA TYR C 114 -22.82 -36.64 50.42
C TYR C 114 -22.67 -35.68 51.59
N VAL C 115 -21.87 -36.11 52.56
CA VAL C 115 -21.46 -35.29 53.70
C VAL C 115 -20.00 -34.91 53.48
N VAL C 116 -19.69 -33.62 53.66
CA VAL C 116 -18.32 -33.15 53.50
C VAL C 116 -17.85 -32.48 54.78
N CYS C 117 -16.71 -32.92 55.29
CA CYS C 117 -16.02 -32.32 56.41
C CYS C 117 -14.71 -31.72 55.92
N PHE C 118 -14.48 -30.44 56.21
CA PHE C 118 -13.28 -29.81 55.66
C PHE C 118 -12.77 -28.72 56.59
N ASP C 119 -11.44 -28.52 56.54
CA ASP C 119 -10.76 -27.33 57.05
C ASP C 119 -10.41 -26.47 55.84
N PRO C 120 -11.08 -25.35 55.62
CA PRO C 120 -10.87 -24.61 54.37
C PRO C 120 -9.49 -23.98 54.28
N LEU C 121 -8.87 -23.61 55.39
CA LEU C 121 -7.53 -23.02 55.30
C LEU C 121 -6.75 -23.45 56.53
N ASP C 122 -6.26 -24.68 56.48
CA ASP C 122 -5.51 -25.24 57.59
C ASP C 122 -4.14 -24.56 57.69
N GLY C 123 -3.76 -24.16 58.89
CA GLY C 123 -2.51 -23.46 59.15
C GLY C 123 -2.57 -21.95 59.00
N SER C 124 -3.77 -21.37 58.90
CA SER C 124 -3.93 -19.95 58.62
C SER C 124 -3.63 -19.04 59.81
N SER C 125 -3.48 -19.58 61.03
CA SER C 125 -2.96 -18.76 62.13
C SER C 125 -1.49 -18.41 61.91
N ASN C 126 -0.72 -19.36 61.36
CA ASN C 126 0.72 -19.23 61.17
C ASN C 126 1.04 -18.69 59.77
N ILE C 127 0.05 -18.08 59.10
CA ILE C 127 0.21 -17.58 57.74
C ILE C 127 0.83 -16.19 57.67
N ASP C 128 0.92 -15.45 58.80
CA ASP C 128 1.53 -14.12 58.76
C ASP C 128 2.99 -14.19 58.38
N CYS C 129 3.63 -15.33 58.63
CA CYS C 129 4.98 -15.59 58.16
C CYS C 129 4.97 -16.28 56.80
N LEU C 130 3.82 -16.28 56.11
CA LEU C 130 3.70 -16.88 54.78
C LEU C 130 3.99 -18.36 54.82
N VAL C 131 3.70 -19.00 55.96
CA VAL C 131 3.88 -20.43 56.02
C VAL C 131 2.92 -21.09 55.03
N SER C 132 3.28 -22.30 54.63
CA SER C 132 2.42 -23.08 53.76
C SER C 132 1.04 -23.21 54.38
N VAL C 133 0.01 -23.10 53.56
CA VAL C 133 -1.33 -23.35 54.04
C VAL C 133 -1.99 -24.41 53.15
N GLY C 134 -3.15 -24.88 53.59
CA GLY C 134 -3.78 -25.97 52.87
C GLY C 134 -5.26 -26.07 53.14
N THR C 135 -5.91 -26.82 52.28
CA THR C 135 -7.31 -27.21 52.43
C THR C 135 -7.33 -28.72 52.57
N ILE C 136 -8.07 -29.21 53.56
CA ILE C 136 -8.24 -30.64 53.84
C ILE C 136 -9.72 -30.95 53.70
N PHE C 137 -10.04 -32.12 53.14
CA PHE C 137 -11.42 -32.54 52.97
C PHE C 137 -11.55 -34.05 53.06
N GLY C 138 -12.71 -34.50 53.55
CA GLY C 138 -13.12 -35.87 53.57
C GLY C 138 -14.58 -35.97 53.14
N ILE C 139 -14.93 -36.98 52.34
CA ILE C 139 -16.24 -37.10 51.73
C ILE C 139 -16.89 -38.41 52.17
N TYR C 140 -18.04 -38.31 52.81
CA TYR C 140 -18.84 -39.48 53.19
C TYR C 140 -20.15 -39.49 52.42
N ARG C 141 -20.57 -40.69 52.04
CA ARG C 141 -21.96 -40.98 51.71
C ARG C 141 -22.80 -40.82 52.96
N LYS C 142 -23.94 -40.14 52.85
CA LYS C 142 -24.88 -40.12 53.98
C LYS C 142 -25.36 -41.53 54.24
N LYS C 143 -25.21 -41.98 55.48
CA LYS C 143 -25.35 -43.39 55.81
C LYS C 143 -26.74 -43.76 56.31
N SER C 144 -27.55 -42.80 56.72
CA SER C 144 -28.81 -43.12 57.34
C SER C 144 -29.91 -42.33 56.66
N THR C 145 -31.14 -42.80 56.85
CA THR C 145 -32.27 -42.22 56.15
C THR C 145 -33.00 -41.18 56.97
N ASP C 146 -32.47 -40.80 58.13
CA ASP C 146 -33.10 -39.72 58.87
C ASP C 146 -33.02 -38.41 58.08
N GLU C 147 -33.74 -37.42 58.56
CA GLU C 147 -33.60 -36.07 58.04
C GLU C 147 -32.18 -35.59 58.30
N PRO C 148 -31.53 -34.91 57.35
CA PRO C 148 -30.08 -34.63 57.51
C PRO C 148 -29.78 -33.83 58.77
N SER C 149 -28.77 -34.27 59.51
CA SER C 149 -28.39 -33.59 60.74
C SER C 149 -26.90 -33.79 61.03
N GLU C 150 -26.43 -33.15 62.12
CA GLU C 150 -25.02 -33.24 62.54
C GLU C 150 -24.58 -34.69 62.69
N LYS C 151 -25.50 -35.56 63.11
CA LYS C 151 -25.21 -36.97 63.26
C LYS C 151 -24.63 -37.58 61.98
N ASP C 152 -24.97 -37.02 60.82
CA ASP C 152 -24.55 -37.64 59.57
C ASP C 152 -23.04 -37.61 59.36
N ALA C 153 -22.33 -36.68 60.01
CA ALA C 153 -20.88 -36.55 59.86
C ALA C 153 -20.12 -37.33 60.90
N LEU C 154 -20.82 -38.03 61.80
CA LEU C 154 -20.13 -38.75 62.86
C LEU C 154 -19.80 -40.18 62.47
N GLN C 155 -19.41 -40.40 61.28
CA GLN C 155 -19.01 -41.74 60.87
C GLN C 155 -17.50 -41.94 61.06
N PRO C 156 -17.08 -43.17 61.27
CA PRO C 156 -15.64 -43.45 61.31
C PRO C 156 -15.00 -43.27 59.93
N GLY C 157 -13.71 -42.93 59.94
CA GLY C 157 -13.00 -42.68 58.71
C GLY C 157 -13.04 -43.84 57.73
N ARG C 158 -13.20 -45.07 58.23
CA ARG C 158 -13.34 -46.22 57.35
C ARG C 158 -14.38 -45.98 56.26
N ASN C 159 -15.43 -45.22 56.57
CA ASN C 159 -16.53 -45.04 55.63
C ASN C 159 -16.26 -44.02 54.56
N LEU C 160 -15.10 -43.38 54.57
CA LEU C 160 -14.82 -42.32 53.62
C LEU C 160 -14.98 -42.81 52.20
N VAL C 161 -15.61 -41.97 51.39
CA VAL C 161 -15.70 -42.20 49.95
C VAL C 161 -14.49 -41.64 49.22
N ALA C 162 -14.00 -40.50 49.69
CA ALA C 162 -12.86 -39.83 49.12
C ALA C 162 -12.37 -38.82 50.13
N ALA C 163 -11.08 -38.52 50.08
CA ALA C 163 -10.47 -37.54 50.96
C ALA C 163 -9.21 -37.05 50.29
N GLY C 164 -8.72 -35.91 50.77
CA GLY C 164 -7.48 -35.40 50.23
C GLY C 164 -7.21 -34.00 50.72
N TYR C 165 -6.29 -33.32 50.03
CA TYR C 165 -5.93 -31.99 50.47
C TYR C 165 -5.34 -31.19 49.31
N ALA C 166 -5.45 -29.87 49.43
CA ALA C 166 -4.71 -28.93 48.62
C ALA C 166 -3.62 -28.28 49.48
N LEU C 167 -2.40 -28.28 49.00
CA LEU C 167 -1.28 -27.65 49.69
C LEU C 167 -0.93 -26.41 48.90
N TYR C 168 -1.06 -25.24 49.54
CA TYR C 168 -0.68 -23.98 48.91
C TYR C 168 0.75 -23.61 49.34
N GLY C 169 1.70 -24.33 48.76
CA GLY C 169 3.10 -24.15 49.14
C GLY C 169 3.83 -23.32 48.11
N SER C 170 5.07 -23.75 47.81
CA SER C 170 5.81 -23.12 46.72
C SER C 170 5.06 -23.27 45.40
N ALA C 171 4.36 -24.38 45.22
CA ALA C 171 3.33 -24.51 44.22
C ALA C 171 2.09 -25.07 44.91
N THR C 172 0.98 -25.08 44.18
CA THR C 172 -0.29 -25.58 44.69
C THR C 172 -0.52 -26.98 44.17
N MET C 173 -0.60 -27.95 45.06
CA MET C 173 -0.85 -29.32 44.66
C MET C 173 -2.11 -29.84 45.34
N LEU C 174 -2.90 -30.60 44.59
CA LEU C 174 -4.09 -31.29 45.11
C LEU C 174 -3.81 -32.79 45.17
N VAL C 175 -3.97 -33.38 46.35
CA VAL C 175 -3.82 -34.81 46.58
C VAL C 175 -5.20 -35.38 46.79
N LEU C 176 -5.59 -36.34 45.96
CA LEU C 176 -6.89 -36.99 46.03
C LEU C 176 -6.69 -38.47 46.24
N ALA C 177 -7.23 -39.01 47.34
CA ALA C 177 -7.19 -40.43 47.63
C ALA C 177 -8.60 -41.00 47.52
N MET C 178 -8.75 -42.07 46.75
CA MET C 178 -10.03 -42.77 46.61
C MET C 178 -9.79 -44.27 46.77
N ASP C 179 -10.80 -45.09 46.48
CA ASP C 179 -10.55 -46.52 46.58
C ASP C 179 -9.50 -46.97 45.58
N CYS C 180 -9.38 -46.28 44.46
CA CYS C 180 -8.39 -46.62 43.46
C CYS C 180 -6.98 -46.17 43.81
N GLY C 181 -6.77 -45.49 44.94
CA GLY C 181 -5.44 -45.07 45.35
C GLY C 181 -5.31 -43.56 45.39
N VAL C 182 -4.06 -43.12 45.55
CA VAL C 182 -3.77 -41.71 45.77
C VAL C 182 -3.19 -41.13 44.49
N ASN C 183 -3.71 -39.96 44.09
CA ASN C 183 -3.18 -39.25 42.92
C ASN C 183 -2.93 -37.79 43.22
N CYS C 184 -1.82 -37.27 42.68
CA CYS C 184 -1.34 -35.92 42.94
C CYS C 184 -1.44 -35.09 41.66
N PHE C 185 -2.09 -33.95 41.78
CA PHE C 185 -2.31 -33.03 40.67
C PHE C 185 -1.64 -31.71 41.01
N MET C 186 -0.92 -31.14 40.03
CA MET C 186 -0.25 -29.86 40.16
C MET C 186 -1.09 -28.80 39.45
N LEU C 187 -1.42 -27.73 40.16
CA LEU C 187 -2.15 -26.62 39.56
C LEU C 187 -1.20 -25.82 38.64
N ASP C 188 -1.52 -25.80 37.35
CA ASP C 188 -0.82 -24.92 36.41
C ASP C 188 -1.55 -23.58 36.45
N PRO C 189 -0.99 -22.56 37.09
CA PRO C 189 -1.76 -21.31 37.26
C PRO C 189 -1.94 -20.56 35.97
N ALA C 190 -1.12 -20.84 34.95
CA ALA C 190 -1.26 -20.16 33.67
C ALA C 190 -2.57 -20.52 32.97
N ILE C 191 -3.10 -21.72 33.20
CA ILE C 191 -4.35 -22.11 32.53
C ILE C 191 -5.41 -22.53 33.51
N GLY C 192 -5.13 -22.52 34.80
CA GLY C 192 -6.11 -22.90 35.81
C GLY C 192 -6.55 -24.34 35.70
N GLU C 193 -5.61 -25.28 35.63
CA GLU C 193 -5.96 -26.68 35.48
C GLU C 193 -5.06 -27.51 36.37
N PHE C 194 -5.64 -28.55 36.97
CA PHE C 194 -4.90 -29.48 37.79
C PHE C 194 -4.35 -30.59 36.92
N ILE C 195 -3.02 -30.68 36.86
CA ILE C 195 -2.32 -31.65 36.01
C ILE C 195 -1.89 -32.84 36.86
N LEU C 196 -2.31 -34.03 36.44
CA LEU C 196 -1.87 -35.25 37.10
C LEU C 196 -0.36 -35.43 36.88
N VAL C 197 0.39 -35.45 37.98
CA VAL C 197 1.84 -35.59 37.89
C VAL C 197 2.38 -36.80 38.64
N ASP C 198 1.66 -37.35 39.63
CA ASP C 198 2.08 -38.53 40.38
C ASP C 198 0.92 -39.53 40.44
N LYS C 199 1.00 -40.61 39.67
CA LYS C 199 -0.10 -41.58 39.59
C LYS C 199 0.07 -42.71 40.58
N ASP C 200 -1.01 -43.02 41.31
CA ASP C 200 -1.08 -44.18 42.18
C ASP C 200 0.12 -44.23 43.13
N VAL C 201 0.21 -43.22 43.98
CA VAL C 201 1.44 -43.01 44.74
C VAL C 201 1.45 -43.89 45.98
N LYS C 202 2.64 -44.38 46.34
CA LYS C 202 2.82 -45.19 47.54
C LYS C 202 3.98 -44.63 48.34
N ILE C 203 3.78 -44.55 49.65
CA ILE C 203 4.78 -44.01 50.57
C ILE C 203 5.91 -45.01 50.77
N LYS C 204 7.11 -44.51 51.05
CA LYS C 204 8.23 -45.39 51.37
C LYS C 204 7.87 -46.32 52.52
N LYS C 205 8.41 -47.54 52.46
CA LYS C 205 8.21 -48.48 53.56
C LYS C 205 8.84 -47.97 54.86
N LYS C 206 9.98 -47.27 54.78
CA LYS C 206 10.61 -46.70 55.96
C LYS C 206 11.31 -45.42 55.56
N GLY C 207 11.17 -44.38 56.38
CA GLY C 207 11.74 -43.08 56.12
C GLY C 207 12.92 -42.75 57.02
N LYS C 208 13.36 -41.49 56.92
CA LYS C 208 14.50 -41.02 57.69
C LYS C 208 14.24 -39.67 58.32
N ILE C 209 12.99 -39.27 58.44
CA ILE C 209 12.61 -37.99 59.02
C ILE C 209 11.48 -38.23 60.02
N TYR C 210 11.57 -37.57 61.17
CA TYR C 210 10.42 -37.54 62.08
C TYR C 210 9.95 -36.11 62.25
N SER C 211 8.65 -35.97 62.52
CA SER C 211 8.02 -34.65 62.54
C SER C 211 7.02 -34.59 63.69
N LEU C 212 7.29 -33.72 64.66
CA LEU C 212 6.42 -33.33 65.78
C LEU C 212 7.02 -32.07 66.41
N ASN C 213 6.21 -31.37 67.20
CA ASN C 213 6.63 -30.17 67.94
C ASN C 213 7.35 -30.60 69.23
N GLU C 214 8.68 -30.62 69.20
CA GLU C 214 9.45 -31.11 70.34
C GLU C 214 9.43 -30.14 71.53
N GLY C 215 8.83 -28.96 71.37
CA GLY C 215 8.67 -28.06 72.51
C GLY C 215 7.77 -28.62 73.60
N TYR C 216 6.92 -29.59 73.28
CA TYR C 216 6.12 -30.24 74.30
C TYR C 216 6.84 -31.47 74.90
N ALA C 217 8.17 -31.52 74.82
CA ALA C 217 8.86 -32.71 75.34
C ALA C 217 8.62 -32.90 76.83
N LYS C 218 8.35 -31.81 77.56
CA LYS C 218 8.02 -31.89 78.99
C LYS C 218 6.75 -32.70 79.24
N ASP C 219 5.78 -32.65 78.32
CA ASP C 219 4.49 -33.35 78.52
C ASP C 219 4.40 -34.68 77.79
N PHE C 220 5.45 -35.13 77.14
CA PHE C 220 5.35 -36.37 76.36
C PHE C 220 5.11 -37.57 77.25
N ASP C 221 4.24 -38.47 76.78
CA ASP C 221 4.13 -39.80 77.35
C ASP C 221 5.45 -40.56 77.18
N PRO C 222 5.74 -41.52 78.07
CA PRO C 222 7.03 -42.24 77.99
C PRO C 222 7.33 -42.88 76.64
N ALA C 223 6.33 -43.41 75.93
CA ALA C 223 6.58 -44.05 74.64
C ALA C 223 7.03 -43.04 73.59
N VAL C 224 6.41 -41.86 73.54
CA VAL C 224 6.83 -40.82 72.61
C VAL C 224 8.21 -40.33 72.96
N THR C 225 8.45 -40.08 74.25
CA THR C 225 9.80 -39.71 74.67
C THR C 225 10.81 -40.75 74.21
N GLU C 226 10.47 -42.03 74.40
CA GLU C 226 11.41 -43.08 74.00
C GLU C 226 11.57 -43.18 72.50
N TYR C 227 10.46 -43.07 71.75
CA TYR C 227 10.57 -43.21 70.31
C TYR C 227 11.50 -42.14 69.75
N ILE C 228 11.33 -40.90 70.20
CA ILE C 228 12.16 -39.82 69.69
C ILE C 228 13.63 -40.02 70.07
N GLN C 229 13.88 -40.45 71.31
CA GLN C 229 15.25 -40.73 71.72
C GLN C 229 15.90 -41.75 70.78
N ARG C 230 15.13 -42.74 70.32
CA ARG C 230 15.64 -43.73 69.37
C ARG C 230 15.91 -43.09 68.02
N LYS C 231 15.20 -42.01 67.69
CA LYS C 231 15.45 -41.37 66.40
C LYS C 231 16.75 -40.59 66.40
N LYS C 232 17.11 -39.99 67.54
CA LYS C 232 18.36 -39.24 67.66
C LYS C 232 19.53 -40.16 67.98
N PHE C 233 19.27 -41.29 68.65
CA PHE C 233 20.31 -42.18 69.14
C PHE C 233 19.94 -43.62 68.79
N PRO C 234 20.05 -44.00 67.52
CA PRO C 234 19.62 -45.35 67.12
C PRO C 234 20.43 -46.41 67.85
N PRO C 235 19.76 -47.45 68.37
CA PRO C 235 20.52 -48.50 69.05
C PRO C 235 21.43 -49.26 68.11
N ASP C 236 21.07 -49.36 66.83
CA ASP C 236 21.84 -50.07 65.81
C ASP C 236 22.87 -49.18 65.10
N ASN C 237 23.44 -48.21 65.81
CA ASN C 237 24.46 -47.25 65.33
C ASN C 237 24.21 -46.71 63.90
N SER C 238 22.99 -46.87 63.35
CA SER C 238 22.63 -46.31 62.05
C SER C 238 22.50 -44.78 62.15
N ALA C 239 22.28 -44.13 61.03
CA ALA C 239 22.23 -42.68 61.04
C ALA C 239 20.98 -42.20 61.75
N PRO C 240 21.08 -41.16 62.57
CA PRO C 240 19.89 -40.60 63.21
C PRO C 240 18.95 -40.07 62.14
N TYR C 241 17.66 -40.02 62.48
CA TYR C 241 16.70 -39.39 61.59
C TYR C 241 16.87 -37.88 61.59
N GLY C 242 16.54 -37.25 60.47
CA GLY C 242 16.38 -35.82 60.46
C GLY C 242 15.05 -35.39 61.05
N ALA C 243 14.98 -34.17 61.52
CA ALA C 243 13.75 -33.62 62.05
C ALA C 243 13.26 -32.47 61.20
N ARG C 244 11.97 -32.45 60.92
CA ARG C 244 11.32 -31.32 60.24
C ARG C 244 9.98 -31.09 60.91
N TYR C 245 9.64 -29.82 61.11
CA TYR C 245 8.32 -29.48 61.64
C TYR C 245 7.96 -28.09 61.16
N VAL C 246 7.08 -28.03 60.15
CA VAL C 246 6.58 -26.76 59.64
C VAL C 246 5.59 -26.13 60.61
N GLY C 247 4.77 -26.95 61.29
CA GLY C 247 3.66 -26.46 62.09
C GLY C 247 2.36 -26.29 61.33
N SER C 248 2.30 -26.77 60.09
CA SER C 248 1.08 -26.77 59.29
C SER C 248 0.83 -28.18 58.80
N MET C 249 -0.31 -28.75 59.19
CA MET C 249 -0.47 -30.19 59.01
C MET C 249 -0.34 -30.61 57.55
N VAL C 250 -0.97 -29.88 56.62
CA VAL C 250 -0.87 -30.27 55.22
C VAL C 250 0.58 -30.35 54.78
N ALA C 251 1.38 -29.34 55.14
CA ALA C 251 2.79 -29.34 54.76
C ALA C 251 3.54 -30.52 55.40
N ASP C 252 3.34 -30.74 56.70
CA ASP C 252 4.06 -31.83 57.36
C ASP C 252 3.63 -33.19 56.83
N VAL C 253 2.32 -33.42 56.63
CA VAL C 253 1.89 -34.74 56.17
C VAL C 253 2.34 -34.95 54.72
N HIS C 254 2.23 -33.92 53.88
CA HIS C 254 2.62 -34.09 52.49
C HIS C 254 4.12 -34.39 52.35
N ARG C 255 4.98 -33.72 53.13
CA ARG C 255 6.39 -34.09 53.08
C ARG C 255 6.56 -35.55 53.49
N THR C 256 5.82 -35.96 54.52
CA THR C 256 5.85 -37.35 54.95
C THR C 256 5.42 -38.28 53.83
N LEU C 257 4.33 -37.93 53.12
CA LEU C 257 3.91 -38.76 51.99
C LEU C 257 4.99 -38.79 50.92
N VAL C 258 5.58 -37.64 50.62
CA VAL C 258 6.46 -37.52 49.46
C VAL C 258 7.84 -38.10 49.74
N TYR C 259 8.37 -37.92 50.95
CA TYR C 259 9.72 -38.37 51.29
C TYR C 259 9.75 -39.57 52.23
N GLY C 260 8.63 -39.96 52.83
CA GLY C 260 8.63 -41.01 53.82
C GLY C 260 9.00 -40.46 55.18
N GLY C 261 8.82 -41.30 56.20
CA GLY C 261 9.07 -40.84 57.55
C GLY C 261 7.86 -40.94 58.45
N ILE C 262 7.81 -40.13 59.50
CA ILE C 262 6.77 -40.23 60.51
C ILE C 262 6.39 -38.83 60.99
N PHE C 263 5.09 -38.63 61.17
CA PHE C 263 4.55 -37.40 61.74
C PHE C 263 3.77 -37.74 63.01
N LEU C 264 4.03 -36.99 64.10
CA LEU C 264 3.38 -37.21 65.37
C LEU C 264 2.81 -35.90 65.90
N TYR C 265 1.54 -35.91 66.28
CA TYR C 265 0.98 -34.88 67.16
C TYR C 265 0.25 -35.57 68.30
N PRO C 266 0.98 -36.01 69.31
CA PRO C 266 0.39 -36.79 70.40
C PRO C 266 -0.24 -35.84 71.41
N ALA C 267 -0.84 -36.40 72.45
CA ALA C 267 -1.54 -35.58 73.41
C ALA C 267 -0.54 -34.91 74.36
N ASN C 268 -0.93 -33.76 74.90
CA ASN C 268 -0.11 -33.06 75.89
C ASN C 268 -1.03 -32.41 76.92
N LYS C 269 -0.45 -31.63 77.83
CA LYS C 269 -1.23 -31.06 78.93
C LYS C 269 -2.21 -29.99 78.47
N LYS C 270 -1.92 -29.31 77.36
CA LYS C 270 -2.90 -28.37 76.81
C LYS C 270 -3.96 -29.08 76.00
N SER C 271 -3.66 -30.28 75.51
CA SER C 271 -4.54 -31.01 74.60
C SER C 271 -4.58 -32.48 74.99
N PRO C 272 -5.28 -32.81 76.08
CA PRO C 272 -5.28 -34.19 76.58
C PRO C 272 -5.93 -35.20 75.64
N ASN C 273 -6.77 -34.75 74.70
CA ASN C 273 -7.30 -35.62 73.66
C ASN C 273 -6.59 -35.40 72.33
N GLY C 274 -5.38 -34.82 72.41
CA GLY C 274 -4.61 -34.43 71.26
C GLY C 274 -5.03 -33.06 70.78
N LYS C 275 -4.42 -32.61 69.70
CA LYS C 275 -4.70 -31.25 69.27
C LYS C 275 -5.41 -31.19 67.94
N LEU C 276 -5.05 -32.08 67.01
CA LEU C 276 -5.63 -32.08 65.67
C LEU C 276 -7.07 -32.62 65.71
N ARG C 277 -7.89 -32.11 64.79
CA ARG C 277 -9.30 -32.47 64.75
C ARG C 277 -9.52 -33.78 64.02
N LEU C 278 -10.40 -34.60 64.56
CA LEU C 278 -10.59 -35.93 63.99
C LEU C 278 -11.28 -35.86 62.63
N LEU C 279 -12.32 -35.03 62.51
CA LEU C 279 -13.19 -35.12 61.36
C LEU C 279 -12.50 -34.65 60.09
N TYR C 280 -11.88 -33.48 60.15
CA TYR C 280 -11.42 -32.81 58.96
C TYR C 280 -9.91 -32.59 58.97
N GLU C 281 -9.19 -33.20 59.90
CA GLU C 281 -7.73 -33.20 59.80
C GLU C 281 -7.22 -34.64 59.84
N CYS C 282 -7.51 -35.38 60.92
CA CYS C 282 -6.90 -36.69 61.10
C CYS C 282 -7.45 -37.72 60.12
N ASN C 283 -8.76 -37.79 59.98
CA ASN C 283 -9.35 -38.81 59.11
C ASN C 283 -8.93 -38.66 57.65
N PRO C 284 -9.04 -37.48 57.00
CA PRO C 284 -8.60 -37.40 55.61
C PRO C 284 -7.13 -37.71 55.44
N MET C 285 -6.28 -37.32 56.40
CA MET C 285 -4.87 -37.67 56.28
C MET C 285 -4.64 -39.16 56.51
N ALA C 286 -5.34 -39.73 57.50
CA ALA C 286 -5.27 -41.18 57.70
C ALA C 286 -5.74 -41.93 56.46
N TYR C 287 -6.78 -41.44 55.80
CA TYR C 287 -7.26 -42.11 54.60
C TYR C 287 -6.22 -42.07 53.47
N VAL C 288 -5.66 -40.88 53.19
CA VAL C 288 -4.61 -40.78 52.18
C VAL C 288 -3.41 -41.68 52.52
N MET C 289 -2.99 -41.67 53.78
CA MET C 289 -1.86 -42.51 54.17
C MET C 289 -2.15 -43.98 53.90
N GLU C 290 -3.30 -44.48 54.37
CA GLU C 290 -3.58 -45.91 54.21
C GLU C 290 -3.78 -46.27 52.75
N LYS C 291 -4.48 -45.42 51.97
CA LYS C 291 -4.54 -45.66 50.54
C LYS C 291 -3.15 -45.57 49.89
N ALA C 292 -2.18 -44.87 50.48
CA ALA C 292 -0.85 -44.81 49.91
C ALA C 292 0.07 -45.87 50.48
N GLY C 293 -0.47 -46.85 51.20
CA GLY C 293 0.35 -47.89 51.77
C GLY C 293 0.97 -47.55 53.11
N GLY C 294 0.47 -46.52 53.79
CA GLY C 294 0.98 -46.11 55.08
C GLY C 294 0.08 -46.49 56.24
N MET C 295 0.39 -45.93 57.41
CA MET C 295 -0.35 -46.20 58.63
C MET C 295 -0.70 -44.90 59.34
N ALA C 296 -1.73 -44.99 60.18
CA ALA C 296 -2.19 -43.84 60.95
C ALA C 296 -2.88 -44.37 62.20
N THR C 297 -2.31 -44.08 63.36
CA THR C 297 -2.86 -44.60 64.62
C THR C 297 -2.99 -43.48 65.62
N THR C 298 -3.90 -43.67 66.57
CA THR C 298 -3.92 -42.82 67.75
C THR C 298 -2.97 -43.30 68.82
N GLY C 299 -2.35 -44.46 68.62
CA GLY C 299 -1.62 -45.14 69.67
C GLY C 299 -2.47 -46.26 70.21
N LYS C 300 -3.76 -45.99 70.46
CA LYS C 300 -4.67 -47.01 70.95
C LYS C 300 -5.40 -47.73 69.82
N GLU C 301 -5.73 -47.03 68.74
CA GLU C 301 -6.47 -47.62 67.64
C GLU C 301 -6.12 -46.91 66.34
N ALA C 302 -6.47 -47.56 65.24
CA ALA C 302 -6.40 -46.91 63.93
C ALA C 302 -7.26 -45.66 63.92
N VAL C 303 -6.75 -44.60 63.29
CA VAL C 303 -7.51 -43.37 63.26
C VAL C 303 -8.85 -43.59 62.57
N LEU C 304 -8.83 -44.31 61.45
CA LEU C 304 -10.03 -44.58 60.65
C LEU C 304 -11.05 -45.46 61.38
N ASP C 305 -10.66 -46.09 62.48
CA ASP C 305 -11.58 -46.88 63.29
C ASP C 305 -12.17 -46.10 64.46
N VAL C 306 -11.77 -44.85 64.67
CA VAL C 306 -12.35 -44.06 65.75
C VAL C 306 -13.74 -43.60 65.31
N ILE C 307 -14.75 -43.88 66.14
CA ILE C 307 -16.13 -43.49 65.86
C ILE C 307 -16.43 -42.18 66.59
N PRO C 308 -16.52 -41.06 65.88
CA PRO C 308 -16.70 -39.78 66.58
C PRO C 308 -18.10 -39.64 67.18
N THR C 309 -18.15 -38.87 68.27
CA THR C 309 -19.37 -38.41 68.90
C THR C 309 -19.59 -36.90 68.79
N ASP C 310 -18.53 -36.12 68.48
CA ASP C 310 -18.60 -34.67 68.41
C ASP C 310 -17.82 -34.22 67.17
N ILE C 311 -18.39 -33.28 66.42
CA ILE C 311 -17.82 -32.95 65.12
C ILE C 311 -16.47 -32.24 65.22
N HIS C 312 -16.24 -31.46 66.29
CA HIS C 312 -14.95 -30.79 66.43
C HIS C 312 -14.07 -31.52 67.44
N GLN C 313 -14.32 -32.79 67.66
CA GLN C 313 -13.57 -33.51 68.67
C GLN C 313 -12.13 -33.75 68.18
N ARG C 314 -11.21 -33.81 69.14
CA ARG C 314 -9.80 -34.01 68.86
C ARG C 314 -9.41 -35.48 69.01
N ALA C 315 -8.24 -35.80 68.45
CA ALA C 315 -7.58 -37.09 68.46
C ALA C 315 -6.06 -36.93 68.40
N PRO C 316 -5.33 -37.72 69.16
CA PRO C 316 -3.88 -37.82 68.91
C PRO C 316 -3.63 -38.58 67.62
N VAL C 317 -2.51 -38.30 66.96
CA VAL C 317 -2.21 -38.88 65.64
C VAL C 317 -0.74 -39.23 65.54
N ILE C 318 -0.46 -40.40 64.99
CA ILE C 318 0.88 -40.82 64.61
C ILE C 318 0.76 -41.49 63.25
N LEU C 319 1.39 -40.92 62.23
CA LEU C 319 1.19 -41.45 60.88
C LEU C 319 2.49 -41.40 60.09
N GLY C 320 2.47 -42.11 58.97
CA GLY C 320 3.59 -42.11 58.07
C GLY C 320 3.90 -43.48 57.53
N SER C 321 5.17 -43.67 57.17
CA SER C 321 5.64 -44.91 56.58
C SER C 321 5.34 -46.08 57.52
N PRO C 322 4.98 -47.24 56.97
CA PRO C 322 4.55 -48.36 57.85
C PRO C 322 5.64 -48.90 58.77
N ASP C 323 6.89 -48.98 58.34
CA ASP C 323 7.93 -49.46 59.27
C ASP C 323 8.10 -48.50 60.43
N ASP C 324 7.97 -47.20 60.19
CA ASP C 324 8.17 -46.25 61.27
C ASP C 324 6.98 -46.25 62.24
N VAL C 325 5.76 -46.35 61.72
CA VAL C 325 4.61 -46.39 62.64
C VAL C 325 4.61 -47.67 63.45
N LEU C 326 4.95 -48.80 62.82
CA LEU C 326 5.05 -50.03 63.59
C LEU C 326 6.12 -49.92 64.66
N GLU C 327 7.24 -49.28 64.34
CA GLU C 327 8.30 -49.13 65.33
C GLU C 327 7.79 -48.33 66.53
N PHE C 328 7.04 -47.26 66.27
CA PHE C 328 6.45 -46.50 67.37
C PHE C 328 5.47 -47.34 68.15
N LEU C 329 4.66 -48.15 67.46
CA LEU C 329 3.65 -48.96 68.13
C LEU C 329 4.28 -50.04 69.00
N LYS C 330 5.40 -50.60 68.53
CA LYS C 330 6.14 -51.53 69.38
C LYS C 330 6.58 -50.85 70.68
N VAL C 331 7.13 -49.62 70.59
CA VAL C 331 7.48 -48.86 71.78
C VAL C 331 6.25 -48.59 72.65
N TYR C 332 5.12 -48.28 72.01
CA TYR C 332 3.89 -48.02 72.75
C TYR C 332 3.47 -49.25 73.55
N GLU C 333 3.47 -50.43 72.92
CA GLU C 333 3.11 -51.63 73.67
C GLU C 333 4.12 -51.95 74.77
N LYS C 334 5.40 -51.66 74.56
CA LYS C 334 6.39 -51.88 75.61
C LYS C 334 5.98 -51.19 76.91
N HIS C 335 5.35 -50.02 76.80
CA HIS C 335 4.85 -49.27 77.94
C HIS C 335 3.39 -49.59 78.25
N SER C 336 2.97 -50.82 77.96
CA SER C 336 1.59 -51.33 78.14
C SER C 336 0.61 -50.61 77.22
N ASP D 10 -0.92 6.16 50.96
CA ASP D 10 -0.44 6.13 49.58
C ASP D 10 0.14 4.78 49.24
N VAL D 11 -0.30 4.20 48.11
CA VAL D 11 0.22 2.91 47.69
C VAL D 11 1.67 3.06 47.26
N ASN D 12 2.49 2.06 47.59
CA ASN D 12 3.91 2.07 47.27
C ASN D 12 4.34 0.73 46.70
N THR D 13 5.14 0.77 45.64
CA THR D 13 5.74 -0.40 45.06
C THR D 13 7.22 -0.40 45.36
N LEU D 14 7.87 -1.55 45.16
CA LEU D 14 9.31 -1.61 45.37
C LEU D 14 10.02 -0.63 44.45
N THR D 15 9.63 -0.58 43.16
CA THR D 15 10.28 0.32 42.22
C THR D 15 10.08 1.76 42.63
N ARG D 16 8.86 2.14 42.98
CA ARG D 16 8.61 3.49 43.43
C ARG D 16 9.40 3.79 44.69
N PHE D 17 9.42 2.85 45.63
CA PHE D 17 10.14 3.04 46.88
C PHE D 17 11.63 3.26 46.65
N VAL D 18 12.23 2.43 45.81
CA VAL D 18 13.67 2.53 45.56
C VAL D 18 14.01 3.83 44.83
N MET D 19 13.11 4.31 43.94
CA MET D 19 13.40 5.57 43.29
C MET D 19 13.30 6.75 44.27
N GLU D 20 12.29 6.73 45.14
CA GLU D 20 12.14 7.79 46.13
C GLU D 20 13.34 7.81 47.08
N GLU D 21 13.78 6.64 47.53
CA GLU D 21 14.97 6.57 48.38
C GLU D 21 16.21 7.02 47.63
N GLY D 22 16.31 6.66 46.34
CA GLY D 22 17.46 7.08 45.55
C GLY D 22 17.53 8.57 45.29
N ARG D 23 16.39 9.24 45.17
CA ARG D 23 16.39 10.68 44.95
C ARG D 23 16.64 11.46 46.23
N LYS D 24 16.13 10.99 47.37
CA LYS D 24 16.51 11.58 48.66
C LYS D 24 18.02 11.64 48.79
N ALA D 25 18.70 10.53 48.49
CA ALA D 25 20.14 10.41 48.59
C ALA D 25 20.90 11.01 47.42
N ARG D 26 20.21 11.48 46.36
CA ARG D 26 20.86 12.07 45.19
C ARG D 26 21.96 11.17 44.62
N GLY D 27 21.67 9.87 44.48
CA GLY D 27 22.61 8.94 43.88
C GLY D 27 22.50 8.98 42.37
N THR D 28 23.38 8.20 41.71
CA THR D 28 23.42 8.15 40.25
C THR D 28 22.34 7.26 39.66
N GLY D 29 21.74 6.37 40.45
CA GLY D 29 20.76 5.43 39.96
C GLY D 29 21.26 4.03 39.74
N GLU D 30 22.56 3.78 39.89
CA GLU D 30 23.07 2.48 39.56
C GLU D 30 22.52 1.40 40.49
N LEU D 31 22.43 1.70 41.79
CA LEU D 31 21.86 0.75 42.73
C LEU D 31 20.38 0.47 42.45
N THR D 32 19.63 1.52 42.12
CA THR D 32 18.22 1.38 41.76
C THR D 32 18.05 0.52 40.52
N GLN D 33 18.91 0.70 39.52
CA GLN D 33 18.85 -0.18 38.36
C GLN D 33 19.12 -1.63 38.76
N LEU D 34 20.03 -1.84 39.70
CA LEU D 34 20.31 -3.19 40.17
C LEU D 34 19.09 -3.81 40.85
N LEU D 35 18.49 -3.08 41.80
CA LEU D 35 17.39 -3.67 42.56
C LEU D 35 16.23 -3.96 41.65
N ASN D 36 15.95 -3.04 40.71
CA ASN D 36 14.87 -3.28 39.78
C ASN D 36 15.16 -4.52 38.92
N SER D 37 16.39 -4.67 38.46
CA SER D 37 16.74 -5.89 37.75
C SER D 37 16.56 -7.12 38.62
N LEU D 38 16.91 -7.02 39.90
CA LEU D 38 16.75 -8.13 40.84
C LEU D 38 15.28 -8.45 41.07
N CYS D 39 14.44 -7.41 41.20
CA CYS D 39 13.01 -7.58 41.36
C CYS D 39 12.38 -8.29 40.16
N THR D 40 12.79 -7.94 38.94
CA THR D 40 12.29 -8.65 37.78
C THR D 40 12.69 -10.12 37.81
N ALA D 41 13.95 -10.40 38.16
CA ALA D 41 14.39 -11.80 38.24
C ALA D 41 13.56 -12.57 39.27
N VAL D 42 13.28 -11.94 40.42
CA VAL D 42 12.54 -12.61 41.50
C VAL D 42 11.14 -12.98 41.01
N LYS D 43 10.49 -12.07 40.27
CA LYS D 43 9.17 -12.37 39.74
C LYS D 43 9.22 -13.53 38.75
N ALA D 44 10.23 -13.58 37.87
CA ALA D 44 10.31 -14.71 36.95
C ALA D 44 10.56 -16.00 37.71
N ILE D 45 11.43 -15.94 38.73
CA ILE D 45 11.67 -17.14 39.53
C ILE D 45 10.38 -17.60 40.19
N SER D 46 9.61 -16.65 40.74
CA SER D 46 8.37 -16.97 41.40
C SER D 46 7.39 -17.64 40.44
N SER D 47 7.29 -17.13 39.21
CA SER D 47 6.39 -17.74 38.24
C SER D 47 6.75 -19.19 37.98
N ALA D 48 8.05 -19.48 37.86
CA ALA D 48 8.46 -20.85 37.59
C ALA D 48 8.25 -21.76 38.80
N VAL D 49 8.50 -21.23 40.01
CA VAL D 49 8.33 -22.04 41.23
C VAL D 49 6.86 -22.42 41.41
N ARG D 50 5.94 -21.50 41.10
CA ARG D 50 4.53 -21.80 41.14
C ARG D 50 4.08 -22.68 39.97
N LYS D 51 4.99 -23.09 39.09
CA LYS D 51 4.76 -24.12 38.07
C LYS D 51 3.85 -23.67 36.94
N ALA D 52 3.83 -22.38 36.61
CA ALA D 52 3.13 -21.94 35.42
C ALA D 52 3.71 -22.60 34.18
N GLY D 53 2.84 -23.02 33.27
CA GLY D 53 3.24 -23.75 32.07
C GLY D 53 3.61 -25.21 32.28
N ILE D 54 3.40 -25.76 33.49
CA ILE D 54 3.68 -27.16 33.78
C ILE D 54 2.84 -28.07 32.89
N ALA D 55 1.64 -27.62 32.48
CA ALA D 55 0.83 -28.45 31.58
C ALA D 55 1.63 -28.84 30.34
N HIS D 56 2.50 -27.95 29.87
CA HIS D 56 3.26 -28.21 28.65
C HIS D 56 4.33 -29.27 28.88
N LEU D 57 4.92 -29.30 30.06
CA LEU D 57 5.82 -30.39 30.39
C LEU D 57 5.12 -31.73 30.41
N TYR D 58 3.81 -31.75 30.67
CA TYR D 58 3.10 -33.01 30.78
C TYR D 58 2.30 -33.34 29.52
N GLY D 59 2.66 -32.73 28.39
CA GLY D 59 2.15 -33.14 27.10
C GLY D 59 0.81 -32.59 26.68
N ILE D 60 0.39 -31.45 27.25
CA ILE D 60 -0.90 -30.85 26.88
C ILE D 60 -0.95 -30.47 25.40
N ALA D 61 0.20 -30.29 24.76
CA ALA D 61 0.24 -29.98 23.34
C ALA D 61 0.86 -31.11 22.54
N GLY D 62 1.01 -32.29 23.16
CA GLY D 62 1.59 -33.42 22.48
C GLY D 62 2.55 -34.22 23.32
N LYS D 73 16.01 -28.38 36.74
CA LYS D 73 16.27 -27.20 35.94
C LYS D 73 15.92 -25.91 36.73
N LEU D 74 15.20 -26.05 37.86
CA LEU D 74 14.59 -24.89 38.53
C LEU D 74 15.62 -24.01 39.25
N ASP D 75 16.64 -24.61 39.87
CA ASP D 75 17.68 -23.78 40.46
C ASP D 75 18.67 -23.31 39.40
N VAL D 76 18.84 -24.08 38.31
CA VAL D 76 19.63 -23.65 37.16
C VAL D 76 18.96 -22.49 36.44
N LEU D 77 17.63 -22.58 36.24
CA LEU D 77 16.89 -21.46 35.66
C LEU D 77 16.91 -20.24 36.59
N SER D 78 16.81 -20.48 37.89
CA SER D 78 16.90 -19.38 38.86
C SER D 78 18.25 -18.69 38.75
N ASN D 79 19.32 -19.48 38.72
CA ASN D 79 20.65 -18.91 38.58
C ASN D 79 20.80 -18.16 37.27
N ASP D 80 20.26 -18.72 36.19
CA ASP D 80 20.33 -18.01 34.92
C ASP D 80 19.55 -16.70 34.97
N LEU D 81 18.36 -16.72 35.58
CA LEU D 81 17.54 -15.51 35.60
C LEU D 81 18.24 -14.40 36.35
N VAL D 82 18.78 -14.72 37.53
CA VAL D 82 19.49 -13.71 38.34
C VAL D 82 20.78 -13.28 37.65
N MET D 83 21.59 -14.23 37.18
CA MET D 83 22.83 -13.87 36.48
C MET D 83 22.56 -12.92 35.33
N ASN D 84 21.59 -13.28 34.49
CA ASN D 84 21.35 -12.53 33.27
C ASN D 84 20.75 -11.16 33.57
N MET D 85 19.85 -11.08 34.55
CA MET D 85 19.31 -9.77 34.89
C MET D 85 20.35 -8.90 35.61
N LEU D 86 21.29 -9.49 36.32
CA LEU D 86 22.31 -8.65 36.95
C LEU D 86 23.32 -8.15 35.91
N LYS D 87 23.81 -9.04 35.06
CA LYS D 87 24.74 -8.66 34.01
C LYS D 87 24.19 -7.51 33.16
N SER D 88 22.92 -7.63 32.75
CA SER D 88 22.30 -6.66 31.86
C SER D 88 21.86 -5.38 32.58
N SER D 89 22.05 -5.28 33.90
CA SER D 89 21.71 -4.04 34.59
C SER D 89 22.75 -2.94 34.43
N PHE D 90 23.99 -3.28 34.02
CA PHE D 90 25.09 -2.33 33.94
C PHE D 90 25.50 -1.78 35.29
N ALA D 91 25.08 -2.43 36.39
CA ALA D 91 25.33 -1.98 37.75
C ALA D 91 26.30 -2.85 38.54
N THR D 92 26.79 -3.94 37.96
CA THR D 92 27.55 -4.96 38.69
C THR D 92 28.85 -5.25 37.96
N CYS D 93 29.80 -5.86 38.67
CA CYS D 93 31.05 -6.23 38.03
C CYS D 93 31.56 -7.60 38.44
N VAL D 94 31.21 -8.08 39.64
CA VAL D 94 31.55 -9.40 40.15
C VAL D 94 30.27 -10.02 40.71
N LEU D 95 29.95 -11.24 40.29
CA LEU D 95 28.76 -11.96 40.73
C LEU D 95 29.19 -13.28 41.31
N VAL D 96 28.81 -13.54 42.56
CA VAL D 96 29.10 -14.80 43.24
C VAL D 96 27.79 -15.51 43.52
N SER D 97 27.69 -16.75 43.06
CA SER D 97 26.48 -17.57 43.19
C SER D 97 26.82 -18.90 43.83
N GLU D 98 25.86 -19.41 44.62
CA GLU D 98 25.95 -20.77 45.15
C GLU D 98 26.09 -21.80 44.02
N GLU D 99 25.59 -21.48 42.83
CA GLU D 99 25.60 -22.43 41.74
C GLU D 99 26.93 -22.48 41.00
N ASP D 100 27.81 -21.49 41.20
CA ASP D 100 28.99 -21.32 40.37
C ASP D 100 30.25 -21.43 41.21
N LYS D 101 31.17 -22.30 40.78
CA LYS D 101 32.36 -22.57 41.57
C LYS D 101 33.18 -21.30 41.77
N HIS D 102 33.39 -20.55 40.70
CA HIS D 102 34.15 -19.30 40.73
C HIS D 102 33.21 -18.12 40.64
N ALA D 103 33.71 -16.99 41.16
CA ALA D 103 33.03 -15.74 40.93
C ALA D 103 32.95 -15.50 39.44
N ILE D 104 31.86 -14.90 39.02
CA ILE D 104 31.64 -14.55 37.63
C ILE D 104 32.04 -13.10 37.46
N ILE D 105 32.88 -12.81 36.46
CA ILE D 105 33.29 -11.44 36.17
C ILE D 105 32.50 -10.92 34.97
N VAL D 106 31.72 -9.86 35.20
CA VAL D 106 30.92 -9.23 34.15
C VAL D 106 31.84 -8.62 33.09
N GLU D 107 31.44 -8.73 31.82
CA GLU D 107 32.31 -8.25 30.76
C GLU D 107 32.42 -6.74 30.82
N PRO D 108 33.58 -6.19 30.40
CA PRO D 108 33.86 -4.76 30.63
C PRO D 108 32.77 -3.83 30.18
N GLU D 109 32.14 -4.11 29.05
CA GLU D 109 31.15 -3.19 28.50
C GLU D 109 29.89 -3.14 29.34
N LYS D 110 29.65 -4.12 30.20
CA LYS D 110 28.46 -4.14 31.03
C LYS D 110 28.77 -3.83 32.50
N ARG D 111 29.99 -3.37 32.78
CA ARG D 111 30.44 -3.26 34.17
C ARG D 111 29.83 -2.09 34.90
N GLY D 112 29.47 -2.32 36.15
CA GLY D 112 29.05 -1.28 37.06
C GLY D 112 29.74 -1.48 38.39
N LYS D 113 29.31 -0.76 39.42
CA LYS D 113 30.14 -0.58 40.61
C LYS D 113 29.79 -1.50 41.77
N TYR D 114 28.90 -2.49 41.57
CA TYR D 114 28.45 -3.29 42.70
C TYR D 114 28.85 -4.76 42.56
N VAL D 115 29.11 -5.39 43.71
CA VAL D 115 29.37 -6.82 43.82
C VAL D 115 28.14 -7.48 44.45
N VAL D 116 27.66 -8.58 43.86
CA VAL D 116 26.46 -9.26 44.35
C VAL D 116 26.77 -10.73 44.66
N CYS D 117 26.44 -11.16 45.86
CA CYS D 117 26.52 -12.56 46.27
C CYS D 117 25.11 -13.09 46.50
N PHE D 118 24.80 -14.24 45.90
CA PHE D 118 23.43 -14.71 46.01
C PHE D 118 23.35 -16.23 45.98
N ASP D 119 22.30 -16.74 46.63
CA ASP D 119 21.77 -18.09 46.47
C ASP D 119 20.48 -18.00 45.66
N PRO D 120 20.46 -18.37 44.38
CA PRO D 120 19.26 -18.11 43.57
C PRO D 120 18.03 -18.91 44.00
N LEU D 121 18.20 -20.13 44.51
CA LEU D 121 17.02 -20.88 44.96
C LEU D 121 17.45 -21.71 46.17
N ASP D 122 17.48 -21.07 47.32
CA ASP D 122 17.86 -21.76 48.54
C ASP D 122 16.72 -22.65 49.01
N GLY D 123 17.07 -23.86 49.45
CA GLY D 123 16.09 -24.80 49.90
C GLY D 123 15.51 -25.70 48.84
N SER D 124 16.07 -25.67 47.63
CA SER D 124 15.49 -26.38 46.50
C SER D 124 15.75 -27.88 46.58
N SER D 125 16.55 -28.33 47.54
CA SER D 125 16.68 -29.76 47.78
C SER D 125 15.36 -30.37 48.21
N ASN D 126 14.60 -29.66 49.05
CA ASN D 126 13.30 -30.11 49.55
C ASN D 126 12.13 -29.48 48.77
N ILE D 127 12.33 -29.10 47.51
CA ILE D 127 11.24 -28.48 46.77
C ILE D 127 10.29 -29.52 46.21
N ASP D 128 10.66 -30.81 46.26
CA ASP D 128 9.76 -31.88 45.83
C ASP D 128 8.57 -32.03 46.76
N CYS D 129 8.70 -31.65 48.03
CA CYS D 129 7.59 -31.64 48.97
C CYS D 129 6.85 -30.32 48.98
N LEU D 130 7.14 -29.45 48.00
CA LEU D 130 6.51 -28.14 47.84
C LEU D 130 6.72 -27.25 49.02
N VAL D 131 7.73 -27.54 49.84
CA VAL D 131 8.06 -26.62 50.93
C VAL D 131 8.65 -25.35 50.34
N SER D 132 8.60 -24.28 51.14
CA SER D 132 9.08 -22.98 50.70
C SER D 132 10.53 -23.01 50.20
N VAL D 133 10.77 -22.21 49.16
CA VAL D 133 12.11 -21.95 48.66
C VAL D 133 12.29 -20.43 48.62
N GLY D 134 13.53 -20.01 48.37
CA GLY D 134 13.82 -18.58 48.42
C GLY D 134 15.08 -18.20 47.69
N THR D 135 15.20 -16.91 47.43
CA THR D 135 16.40 -16.30 46.88
C THR D 135 16.98 -15.36 47.93
N ILE D 136 18.29 -15.48 48.18
CA ILE D 136 19.00 -14.64 49.12
C ILE D 136 20.03 -13.81 48.36
N PHE D 137 20.14 -12.55 48.70
CA PHE D 137 21.08 -11.72 47.98
C PHE D 137 21.72 -10.72 48.94
N GLY D 138 22.99 -10.39 48.66
CA GLY D 138 23.72 -9.33 49.35
C GLY D 138 24.49 -8.45 48.37
N ILE D 139 24.47 -7.14 48.57
CA ILE D 139 25.01 -6.20 47.60
C ILE D 139 26.12 -5.36 48.23
N TYR D 140 27.34 -5.48 47.70
CA TYR D 140 28.49 -4.69 48.14
C TYR D 140 28.95 -3.74 47.05
N ARG D 141 29.52 -2.60 47.48
CA ARG D 141 30.23 -1.74 46.55
C ARG D 141 31.64 -2.28 46.34
N LYS D 142 32.09 -2.31 45.10
CA LYS D 142 33.48 -2.63 44.82
C LYS D 142 34.36 -1.53 45.41
N LYS D 143 35.37 -1.94 46.19
CA LYS D 143 36.13 -1.01 47.02
C LYS D 143 37.38 -0.47 46.34
N SER D 144 37.82 -1.08 45.24
CA SER D 144 39.05 -0.64 44.60
C SER D 144 38.85 -0.56 43.09
N THR D 145 39.83 0.07 42.45
CA THR D 145 39.88 0.29 41.02
C THR D 145 40.65 -0.81 40.30
N ASP D 146 41.04 -1.86 41.00
CA ASP D 146 41.73 -2.95 40.34
C ASP D 146 40.82 -3.63 39.33
N GLU D 147 41.41 -4.51 38.53
CA GLU D 147 40.61 -5.33 37.64
C GLU D 147 39.68 -6.20 38.50
N PRO D 148 38.39 -6.28 38.15
CA PRO D 148 37.49 -7.09 38.98
C PRO D 148 37.92 -8.54 39.00
N SER D 149 37.89 -9.11 40.20
CA SER D 149 38.27 -10.48 40.48
C SER D 149 37.48 -10.93 41.70
N GLU D 150 37.71 -12.18 42.13
CA GLU D 150 36.99 -12.72 43.28
C GLU D 150 37.21 -11.89 44.53
N LYS D 151 38.41 -11.30 44.65
CA LYS D 151 38.77 -10.51 45.83
C LYS D 151 37.75 -9.41 46.12
N ASP D 152 37.04 -8.91 45.10
CA ASP D 152 36.06 -7.86 45.33
C ASP D 152 34.87 -8.37 46.14
N ALA D 153 34.66 -9.68 46.19
CA ALA D 153 33.56 -10.29 46.93
C ALA D 153 33.93 -10.71 48.34
N LEU D 154 35.19 -10.56 48.75
CA LEU D 154 35.60 -11.00 50.08
C LEU D 154 35.47 -9.89 51.12
N GLN D 155 34.43 -9.13 51.08
CA GLN D 155 34.33 -8.14 52.14
C GLN D 155 33.57 -8.69 53.35
N PRO D 156 33.81 -8.17 54.54
CA PRO D 156 32.96 -8.56 55.67
C PRO D 156 31.55 -8.02 55.48
N GLY D 157 30.57 -8.75 56.04
CA GLY D 157 29.19 -8.34 55.90
C GLY D 157 28.87 -6.92 56.34
N ARG D 158 29.69 -6.38 57.26
CA ARG D 158 29.59 -4.97 57.65
C ARG D 158 29.54 -4.04 56.45
N ASN D 159 30.19 -4.41 55.34
CA ASN D 159 30.25 -3.52 54.19
C ASN D 159 29.00 -3.55 53.31
N LEU D 160 28.00 -4.38 53.65
CA LEU D 160 26.83 -4.54 52.79
C LEU D 160 26.15 -3.19 52.54
N VAL D 161 25.80 -2.94 51.30
CA VAL D 161 25.02 -1.76 50.94
C VAL D 161 23.53 -2.03 51.04
N ALA D 162 23.13 -3.25 50.71
CA ALA D 162 21.76 -3.68 50.76
C ALA D 162 21.78 -5.19 50.73
N ALA D 163 20.78 -5.79 51.35
CA ALA D 163 20.67 -7.23 51.40
C ALA D 163 19.21 -7.62 51.60
N GLY D 164 18.90 -8.87 51.31
CA GLY D 164 17.53 -9.29 51.52
C GLY D 164 17.25 -10.67 50.95
N TYR D 165 15.96 -10.94 50.81
CA TYR D 165 15.56 -12.24 50.29
C TYR D 165 14.14 -12.17 49.74
N ALA D 166 13.86 -13.05 48.80
CA ALA D 166 12.50 -13.32 48.38
C ALA D 166 12.08 -14.65 48.99
N LEU D 167 10.88 -14.69 49.54
CA LEU D 167 10.30 -15.92 50.04
C LEU D 167 9.18 -16.30 49.09
N TYR D 168 9.32 -17.46 48.46
CA TYR D 168 8.30 -18.01 47.57
C TYR D 168 7.50 -18.99 48.42
N GLY D 169 6.61 -18.43 49.24
CA GLY D 169 5.85 -19.20 50.19
C GLY D 169 4.40 -19.37 49.80
N SER D 170 3.49 -19.29 50.79
CA SER D 170 2.08 -19.26 50.46
C SER D 170 1.77 -18.08 49.55
N ALA D 171 2.50 -16.98 49.75
CA ALA D 171 2.62 -15.88 48.80
C ALA D 171 4.11 -15.57 48.63
N THR D 172 4.42 -14.71 47.66
CA THR D 172 5.78 -14.32 47.38
C THR D 172 6.06 -12.96 47.99
N MET D 173 7.01 -12.91 48.92
CA MET D 173 7.36 -11.67 49.59
C MET D 173 8.83 -11.37 49.39
N LEU D 174 9.13 -10.11 49.17
CA LEU D 174 10.50 -9.64 49.06
C LEU D 174 10.82 -8.82 50.30
N VAL D 175 11.88 -9.21 51.00
CA VAL D 175 12.34 -8.45 52.17
C VAL D 175 13.62 -7.72 51.77
N LEU D 176 13.63 -6.40 51.91
CA LEU D 176 14.78 -5.58 51.53
C LEU D 176 15.32 -4.83 52.75
N ALA D 177 16.59 -5.05 53.09
CA ALA D 177 17.26 -4.36 54.18
C ALA D 177 18.31 -3.40 53.63
N MET D 178 18.21 -2.13 54.03
CA MET D 178 19.19 -1.10 53.68
C MET D 178 19.47 -0.29 54.95
N ASP D 179 20.26 0.79 54.81
CA ASP D 179 20.57 1.60 55.98
C ASP D 179 19.33 2.26 56.57
N CYS D 180 18.32 2.57 55.73
CA CYS D 180 17.06 3.12 56.23
C CYS D 180 16.17 2.07 56.91
N GLY D 181 16.61 0.82 57.03
CA GLY D 181 15.84 -0.19 57.74
C GLY D 181 15.39 -1.32 56.84
N VAL D 182 14.49 -2.13 57.38
CA VAL D 182 14.01 -3.33 56.69
C VAL D 182 12.57 -3.06 56.26
N ASN D 183 12.25 -3.36 54.99
CA ASN D 183 10.90 -3.20 54.47
C ASN D 183 10.47 -4.44 53.69
N CYS D 184 9.19 -4.82 53.83
CA CYS D 184 8.66 -6.05 53.26
C CYS D 184 7.64 -5.74 52.17
N PHE D 185 7.83 -6.34 50.99
CA PHE D 185 6.96 -6.15 49.83
C PHE D 185 6.27 -7.46 49.48
N MET D 186 4.98 -7.38 49.25
CA MET D 186 4.15 -8.51 48.86
C MET D 186 3.94 -8.48 47.36
N LEU D 187 4.27 -9.58 46.68
CA LEU D 187 4.03 -9.66 45.25
C LEU D 187 2.54 -9.85 44.96
N ASP D 188 1.92 -8.88 44.28
CA ASP D 188 0.58 -9.07 43.75
C ASP D 188 0.72 -9.75 42.38
N PRO D 189 0.34 -11.02 42.24
CA PRO D 189 0.58 -11.73 40.97
C PRO D 189 -0.32 -11.25 39.84
N ALA D 190 -1.44 -10.61 40.16
CA ALA D 190 -2.34 -10.17 39.10
C ALA D 190 -1.70 -9.09 38.23
N ILE D 191 -0.80 -8.30 38.79
CA ILE D 191 -0.18 -7.17 38.09
C ILE D 191 1.35 -7.23 38.11
N GLY D 192 1.95 -8.23 38.73
CA GLY D 192 3.40 -8.28 38.78
C GLY D 192 4.00 -7.11 39.53
N GLU D 193 3.52 -6.81 40.74
CA GLU D 193 4.02 -5.68 41.47
C GLU D 193 4.27 -6.05 42.92
N PHE D 194 5.39 -5.59 43.46
CA PHE D 194 5.71 -5.81 44.87
C PHE D 194 5.09 -4.65 45.65
N ILE D 195 4.06 -4.95 46.44
CA ILE D 195 3.34 -3.92 47.18
C ILE D 195 3.95 -3.81 48.57
N LEU D 196 4.33 -2.59 48.95
CA LEU D 196 4.85 -2.38 50.30
C LEU D 196 3.76 -2.66 51.34
N VAL D 197 4.00 -3.64 52.20
CA VAL D 197 3.00 -3.97 53.21
C VAL D 197 3.51 -3.83 54.63
N ASP D 198 4.83 -3.92 54.90
CA ASP D 198 5.40 -3.76 56.24
C ASP D 198 6.57 -2.78 56.16
N LYS D 199 6.38 -1.56 56.67
CA LYS D 199 7.43 -0.54 56.68
C LYS D 199 8.26 -0.66 57.94
N ASP D 200 9.58 -0.61 57.77
CA ASP D 200 10.57 -0.44 58.84
C ASP D 200 10.35 -1.41 60.00
N VAL D 201 10.47 -2.70 59.70
CA VAL D 201 10.07 -3.71 60.68
C VAL D 201 11.21 -3.96 61.66
N LYS D 202 10.85 -4.28 62.90
CA LYS D 202 11.78 -4.62 63.97
C LYS D 202 11.35 -5.93 64.59
N ILE D 203 12.34 -6.75 64.90
CA ILE D 203 12.07 -8.06 65.49
C ILE D 203 11.73 -7.85 66.95
N LYS D 204 10.88 -8.72 67.50
CA LYS D 204 10.57 -8.69 68.92
C LYS D 204 11.85 -8.74 69.73
N LYS D 205 11.83 -8.05 70.87
CA LYS D 205 12.98 -8.10 71.78
C LYS D 205 13.29 -9.53 72.21
N LYS D 206 12.26 -10.36 72.37
CA LYS D 206 12.40 -11.76 72.77
C LYS D 206 11.29 -12.57 72.15
N GLY D 207 11.60 -13.79 71.68
CA GLY D 207 10.62 -14.64 71.04
C GLY D 207 10.17 -15.81 71.89
N LYS D 208 9.38 -16.70 71.26
CA LYS D 208 8.86 -17.90 71.93
C LYS D 208 9.09 -19.15 71.09
N ILE D 209 9.96 -19.08 70.09
CA ILE D 209 10.18 -20.16 69.14
C ILE D 209 11.68 -20.40 69.01
N TYR D 210 12.07 -21.65 69.01
CA TYR D 210 13.42 -22.02 68.65
C TYR D 210 13.33 -22.88 67.41
N SER D 211 14.37 -22.80 66.59
CA SER D 211 14.40 -23.42 65.26
C SER D 211 15.79 -23.97 64.97
N LEU D 212 15.89 -25.29 64.89
CA LEU D 212 17.10 -25.99 64.44
C LEU D 212 16.72 -27.44 64.21
N ASN D 213 17.60 -28.18 63.55
CA ASN D 213 17.40 -29.60 63.27
C ASN D 213 17.78 -30.41 64.49
N GLU D 214 16.79 -30.75 65.35
CA GLU D 214 17.08 -31.52 66.55
C GLU D 214 17.36 -32.99 66.29
N GLY D 215 17.20 -33.45 65.05
CA GLY D 215 17.53 -34.82 64.74
C GLY D 215 19.00 -35.13 64.84
N TYR D 216 19.84 -34.11 64.75
CA TYR D 216 21.29 -34.32 64.85
C TYR D 216 21.83 -34.02 66.25
N ALA D 217 20.98 -34.15 67.28
CA ALA D 217 21.40 -33.85 68.65
C ALA D 217 22.56 -34.71 69.11
N LYS D 218 22.72 -35.91 68.55
CA LYS D 218 23.87 -36.75 68.87
C LYS D 218 25.17 -35.98 68.65
N ASP D 219 25.22 -35.17 67.59
CA ASP D 219 26.42 -34.44 67.23
C ASP D 219 26.42 -33.02 67.74
N PHE D 220 25.41 -32.63 68.55
CA PHE D 220 25.34 -31.26 69.04
C PHE D 220 26.57 -30.89 69.86
N ASP D 221 27.00 -29.66 69.70
CA ASP D 221 27.91 -29.07 70.66
C ASP D 221 27.23 -29.01 72.03
N PRO D 222 27.95 -29.32 73.12
CA PRO D 222 27.28 -29.37 74.45
C PRO D 222 26.54 -28.11 74.84
N ALA D 223 27.03 -26.95 74.40
CA ALA D 223 26.37 -25.68 74.67
C ALA D 223 24.99 -25.60 74.00
N VAL D 224 24.86 -26.11 72.77
CA VAL D 224 23.55 -26.15 72.10
C VAL D 224 22.62 -27.10 72.83
N THR D 225 23.16 -28.27 73.21
CA THR D 225 22.42 -29.24 73.99
C THR D 225 21.82 -28.58 75.23
N GLU D 226 22.63 -27.81 75.97
CA GLU D 226 22.07 -27.16 77.15
C GLU D 226 21.08 -26.07 76.76
N TYR D 227 21.40 -25.27 75.73
CA TYR D 227 20.50 -24.17 75.37
C TYR D 227 19.13 -24.69 74.97
N ILE D 228 19.11 -25.71 74.12
CA ILE D 228 17.84 -26.25 73.68
C ILE D 228 17.11 -26.94 74.82
N GLN D 229 17.84 -27.68 75.67
CA GLN D 229 17.22 -28.27 76.86
C GLN D 229 16.55 -27.22 77.74
N ARG D 230 17.12 -26.01 77.82
CA ARG D 230 16.49 -24.91 78.57
C ARG D 230 15.25 -24.37 77.86
N LYS D 231 15.18 -24.49 76.54
CA LYS D 231 13.97 -24.04 75.84
C LYS D 231 12.81 -25.00 76.08
N LYS D 232 13.11 -26.28 76.27
CA LYS D 232 12.09 -27.28 76.58
C LYS D 232 11.77 -27.40 78.06
N PHE D 233 12.73 -27.07 78.94
CA PHE D 233 12.57 -27.26 80.38
C PHE D 233 13.05 -26.02 81.13
N PRO D 234 12.28 -24.93 81.09
CA PRO D 234 12.73 -23.69 81.72
C PRO D 234 12.94 -23.87 83.20
N PRO D 235 14.02 -23.34 83.76
CA PRO D 235 14.26 -23.51 85.20
C PRO D 235 13.21 -22.86 86.08
N ASP D 236 12.55 -21.78 85.62
CA ASP D 236 11.49 -21.14 86.38
C ASP D 236 10.14 -21.77 86.00
N ASN D 237 9.07 -20.99 85.99
CA ASN D 237 7.75 -21.50 85.63
C ASN D 237 7.22 -20.95 84.31
N SER D 238 8.09 -20.38 83.49
CA SER D 238 7.63 -19.91 82.20
C SER D 238 7.36 -21.07 81.24
N ALA D 239 6.72 -20.73 80.16
CA ALA D 239 6.32 -21.73 79.18
C ALA D 239 7.51 -22.16 78.34
N PRO D 240 7.66 -23.45 78.08
CA PRO D 240 8.72 -23.87 77.16
C PRO D 240 8.48 -23.26 75.79
N TYR D 241 9.54 -23.12 75.01
CA TYR D 241 9.33 -22.64 73.65
C TYR D 241 8.68 -23.70 72.76
N GLY D 242 7.90 -23.26 71.82
CA GLY D 242 7.54 -24.13 70.74
C GLY D 242 8.68 -24.26 69.75
N ALA D 243 8.67 -25.37 69.04
CA ALA D 243 9.69 -25.63 68.03
C ALA D 243 9.05 -25.63 66.66
N ARG D 244 9.76 -25.01 65.70
CA ARG D 244 9.46 -24.98 64.28
C ARG D 244 10.78 -25.17 63.55
N TYR D 245 10.79 -26.01 62.51
CA TYR D 245 11.96 -26.13 61.66
C TYR D 245 11.47 -26.56 60.27
N VAL D 246 11.37 -25.59 59.36
CA VAL D 246 10.95 -25.86 57.99
C VAL D 246 12.04 -26.59 57.24
N GLY D 247 13.29 -26.30 57.54
CA GLY D 247 14.38 -26.87 56.79
C GLY D 247 14.75 -26.07 55.58
N SER D 248 14.14 -24.91 55.39
CA SER D 248 14.52 -23.97 54.37
C SER D 248 14.85 -22.65 55.06
N MET D 249 16.08 -22.18 54.87
CA MET D 249 16.59 -21.08 55.68
C MET D 249 15.72 -19.83 55.56
N VAL D 250 15.34 -19.44 54.33
CA VAL D 250 14.51 -18.25 54.17
C VAL D 250 13.22 -18.38 54.96
N ALA D 251 12.59 -19.55 54.93
CA ALA D 251 11.34 -19.72 55.65
C ALA D 251 11.55 -19.57 57.14
N ASP D 252 12.53 -20.30 57.69
CA ASP D 252 12.78 -20.28 59.13
C ASP D 252 13.21 -18.89 59.58
N VAL D 253 14.09 -18.25 58.81
CA VAL D 253 14.56 -16.92 59.17
C VAL D 253 13.42 -15.91 59.08
N HIS D 254 12.61 -15.98 58.02
CA HIS D 254 11.51 -15.02 57.89
C HIS D 254 10.49 -15.18 59.01
N ARG D 255 10.15 -16.42 59.38
CA ARG D 255 9.30 -16.61 60.55
C ARG D 255 9.99 -16.05 61.79
N THR D 256 11.30 -16.26 61.93
CA THR D 256 12.00 -15.65 63.06
C THR D 256 11.86 -14.14 63.04
N LEU D 257 11.97 -13.52 61.86
CA LEU D 257 11.83 -12.07 61.77
C LEU D 257 10.42 -11.62 62.19
N VAL D 258 9.39 -12.33 61.73
CA VAL D 258 8.01 -11.86 61.89
C VAL D 258 7.47 -12.16 63.28
N TYR D 259 7.85 -13.29 63.86
CA TYR D 259 7.30 -13.71 65.14
C TYR D 259 8.28 -13.62 66.29
N GLY D 260 9.57 -13.39 66.00
CA GLY D 260 10.61 -13.40 67.01
C GLY D 260 11.07 -14.80 67.34
N GLY D 261 12.18 -14.86 68.08
CA GLY D 261 12.74 -16.16 68.41
C GLY D 261 14.17 -16.32 67.95
N ILE D 262 14.61 -17.56 67.79
CA ILE D 262 16.00 -17.86 67.50
C ILE D 262 16.08 -18.97 66.45
N PHE D 263 16.93 -18.76 65.45
CA PHE D 263 17.28 -19.74 64.46
C PHE D 263 18.76 -20.06 64.60
N LEU D 264 19.10 -21.34 64.68
CA LEU D 264 20.47 -21.80 64.94
C LEU D 264 20.86 -22.79 63.88
N TYR D 265 21.99 -22.57 63.23
CA TYR D 265 22.64 -23.62 62.46
C TYR D 265 24.08 -23.60 62.96
N PRO D 266 24.31 -24.15 64.15
CA PRO D 266 25.58 -23.92 64.85
C PRO D 266 26.67 -24.90 64.44
N ALA D 267 27.86 -24.68 64.97
CA ALA D 267 29.01 -25.54 64.75
C ALA D 267 29.00 -26.73 65.70
N ASN D 268 29.71 -27.79 65.30
CA ASN D 268 29.99 -28.93 66.16
C ASN D 268 31.39 -29.41 65.79
N LYS D 269 31.85 -30.52 66.39
CA LYS D 269 33.18 -31.00 66.02
C LYS D 269 33.20 -31.55 64.60
N LYS D 270 32.05 -32.03 64.11
CA LYS D 270 32.00 -32.51 62.74
C LYS D 270 31.97 -31.37 61.73
N SER D 271 31.51 -30.18 62.15
CA SER D 271 31.42 -29.02 61.27
C SER D 271 31.83 -27.78 62.03
N PRO D 272 33.12 -27.63 62.32
CA PRO D 272 33.56 -26.52 63.20
C PRO D 272 33.29 -25.16 62.61
N ASN D 273 33.02 -25.07 61.32
CA ASN D 273 32.60 -23.82 60.72
C ASN D 273 31.13 -23.81 60.32
N GLY D 274 30.34 -24.77 60.78
CA GLY D 274 28.95 -24.78 60.41
C GLY D 274 28.74 -25.35 59.01
N LYS D 275 27.51 -25.22 58.54
CA LYS D 275 27.15 -25.72 57.22
C LYS D 275 26.76 -24.64 56.25
N LEU D 276 26.07 -23.60 56.71
CA LEU D 276 25.60 -22.54 55.83
C LEU D 276 26.75 -21.66 55.32
N ARG D 277 26.59 -21.14 54.10
CA ARG D 277 27.60 -20.34 53.43
C ARG D 277 27.55 -18.89 53.89
N LEU D 278 28.73 -18.32 54.13
CA LEU D 278 28.83 -17.01 54.74
C LEU D 278 28.37 -15.88 53.81
N LEU D 279 28.79 -15.91 52.53
CA LEU D 279 28.57 -14.75 51.68
C LEU D 279 27.10 -14.57 51.31
N TYR D 280 26.45 -15.64 50.88
CA TYR D 280 25.14 -15.51 50.26
C TYR D 280 24.04 -16.20 51.06
N GLU D 281 24.33 -16.64 52.28
CA GLU D 281 23.27 -17.10 53.17
C GLU D 281 23.39 -16.38 54.51
N CYS D 282 24.54 -16.51 55.17
CA CYS D 282 24.68 -16.01 56.54
C CYS D 282 24.70 -14.49 56.60
N ASN D 283 25.53 -13.85 55.77
CA ASN D 283 25.68 -12.41 55.83
C ASN D 283 24.40 -11.68 55.48
N PRO D 284 23.72 -11.95 54.36
CA PRO D 284 22.52 -11.18 54.07
C PRO D 284 21.48 -11.32 55.17
N MET D 285 21.34 -12.52 55.77
CA MET D 285 20.37 -12.67 56.85
C MET D 285 20.83 -11.93 58.10
N ALA D 286 22.13 -11.97 58.40
CA ALA D 286 22.68 -11.20 59.51
C ALA D 286 22.39 -9.72 59.33
N TYR D 287 22.55 -9.23 58.11
CA TYR D 287 22.31 -7.83 57.81
C TYR D 287 20.84 -7.47 58.01
N VAL D 288 19.94 -8.31 57.49
CA VAL D 288 18.50 -8.10 57.69
C VAL D 288 18.19 -8.08 59.19
N MET D 289 18.70 -9.09 59.92
CA MET D 289 18.46 -9.21 61.35
C MET D 289 18.93 -7.99 62.10
N GLU D 290 20.16 -7.54 61.84
CA GLU D 290 20.66 -6.41 62.58
C GLU D 290 19.93 -5.13 62.19
N LYS D 291 19.58 -4.98 60.91
CA LYS D 291 18.81 -3.81 60.52
C LYS D 291 17.42 -3.78 61.14
N ALA D 292 16.91 -4.93 61.58
CA ALA D 292 15.64 -4.98 62.27
C ALA D 292 15.80 -4.96 63.78
N GLY D 293 17.00 -4.72 64.28
CA GLY D 293 17.17 -4.76 65.73
C GLY D 293 17.43 -6.14 66.29
N GLY D 294 17.87 -7.09 65.45
CA GLY D 294 18.19 -8.42 65.92
C GLY D 294 19.69 -8.63 66.01
N MET D 295 20.06 -9.88 66.27
CA MET D 295 21.44 -10.25 66.45
C MET D 295 21.75 -11.46 65.57
N ALA D 296 23.02 -11.61 65.25
CA ALA D 296 23.51 -12.71 64.42
C ALA D 296 24.96 -12.97 64.78
N THR D 297 25.24 -14.14 65.35
CA THR D 297 26.58 -14.49 65.81
C THR D 297 26.93 -15.88 65.31
N THR D 298 28.22 -16.14 65.21
CA THR D 298 28.73 -17.49 65.04
C THR D 298 28.93 -18.21 66.35
N GLY D 299 28.76 -17.51 67.47
CA GLY D 299 29.17 -18.05 68.75
C GLY D 299 30.40 -17.33 69.30
N LYS D 300 31.40 -17.10 68.46
CA LYS D 300 32.62 -16.37 68.81
C LYS D 300 32.54 -14.90 68.44
N GLU D 301 31.86 -14.56 67.35
CA GLU D 301 31.81 -13.18 66.89
C GLU D 301 30.52 -12.97 66.10
N ALA D 302 30.18 -11.70 65.88
CA ALA D 302 29.12 -11.35 64.95
C ALA D 302 29.43 -11.86 63.54
N VAL D 303 28.40 -12.38 62.87
CA VAL D 303 28.54 -12.89 61.52
C VAL D 303 29.06 -11.81 60.60
N LEU D 304 28.53 -10.58 60.74
CA LEU D 304 28.96 -9.48 59.90
C LEU D 304 30.42 -9.07 60.14
N ASP D 305 31.09 -9.56 61.19
CA ASP D 305 32.49 -9.18 61.41
C ASP D 305 33.48 -10.18 60.81
N VAL D 306 33.00 -11.31 60.26
CA VAL D 306 33.93 -12.28 59.69
C VAL D 306 34.51 -11.73 58.38
N ILE D 307 35.83 -11.78 58.28
CA ILE D 307 36.55 -11.33 57.09
C ILE D 307 36.72 -12.58 56.24
N PRO D 308 35.94 -12.76 55.18
CA PRO D 308 36.02 -14.04 54.46
C PRO D 308 37.31 -14.13 53.67
N THR D 309 37.84 -15.35 53.58
CA THR D 309 38.98 -15.67 52.74
C THR D 309 38.61 -16.51 51.52
N ASP D 310 37.41 -17.09 51.49
CA ASP D 310 36.95 -17.93 50.38
C ASP D 310 35.50 -17.57 50.08
N ILE D 311 35.15 -17.45 48.78
CA ILE D 311 33.81 -16.99 48.43
C ILE D 311 32.77 -18.01 48.87
N HIS D 312 33.13 -19.29 48.93
CA HIS D 312 32.19 -20.32 49.36
C HIS D 312 32.46 -20.81 50.78
N GLN D 313 33.12 -20.01 51.62
CA GLN D 313 33.42 -20.51 52.95
C GLN D 313 32.15 -20.62 53.80
N ARG D 314 32.19 -21.55 54.74
CA ARG D 314 31.06 -21.72 55.64
C ARG D 314 31.23 -20.88 56.89
N ALA D 315 30.11 -20.62 57.55
CA ALA D 315 30.05 -19.89 58.81
C ALA D 315 28.90 -20.45 59.62
N PRO D 316 29.08 -20.68 60.92
CA PRO D 316 27.93 -20.96 61.78
C PRO D 316 27.13 -19.70 62.01
N VAL D 317 25.84 -19.87 62.28
CA VAL D 317 24.96 -18.73 62.46
C VAL D 317 23.95 -19.06 63.55
N ILE D 318 23.74 -18.13 64.46
CA ILE D 318 22.67 -18.15 65.45
C ILE D 318 22.11 -16.74 65.42
N LEU D 319 20.83 -16.60 65.04
CA LEU D 319 20.30 -15.27 64.80
C LEU D 319 18.89 -15.20 65.35
N GLY D 320 18.36 -13.98 65.43
CA GLY D 320 16.99 -13.79 65.87
C GLY D 320 16.84 -12.68 66.90
N SER D 321 15.87 -12.82 67.80
CA SER D 321 15.65 -11.82 68.83
C SER D 321 16.90 -11.60 69.68
N PRO D 322 17.17 -10.36 70.07
CA PRO D 322 18.43 -10.09 70.82
C PRO D 322 18.47 -10.76 72.20
N ASP D 323 17.36 -10.79 72.94
CA ASP D 323 17.39 -11.43 74.25
C ASP D 323 17.71 -12.92 74.13
N ASP D 324 17.19 -13.57 73.09
CA ASP D 324 17.42 -15.00 72.90
C ASP D 324 18.83 -15.31 72.39
N VAL D 325 19.38 -14.50 71.47
CA VAL D 325 20.76 -14.70 71.05
C VAL D 325 21.71 -14.40 72.21
N LEU D 326 21.42 -13.35 72.98
CA LEU D 326 22.27 -13.07 74.14
C LEU D 326 22.26 -14.24 75.11
N GLU D 327 21.07 -14.81 75.33
CA GLU D 327 20.96 -15.98 76.21
C GLU D 327 21.73 -17.17 75.66
N PHE D 328 21.66 -17.39 74.35
CA PHE D 328 22.47 -18.44 73.76
C PHE D 328 23.96 -18.15 73.94
N LEU D 329 24.36 -16.88 73.79
CA LEU D 329 25.77 -16.55 73.93
C LEU D 329 26.25 -16.79 75.37
N LYS D 330 25.40 -16.52 76.36
CA LYS D 330 25.71 -16.86 77.75
C LYS D 330 25.96 -18.36 77.93
N VAL D 331 25.05 -19.19 77.44
CA VAL D 331 25.26 -20.64 77.53
C VAL D 331 26.51 -21.04 76.75
N TYR D 332 26.74 -20.41 75.60
CA TYR D 332 27.90 -20.75 74.78
C TYR D 332 29.22 -20.49 75.50
N GLU D 333 29.36 -19.33 76.14
CA GLU D 333 30.57 -19.06 76.91
C GLU D 333 30.72 -20.01 78.08
N LYS D 334 29.59 -20.45 78.67
CA LYS D 334 29.66 -21.37 79.79
C LYS D 334 30.44 -22.62 79.43
N HIS D 335 30.36 -23.06 78.18
CA HIS D 335 31.09 -24.24 77.73
C HIS D 335 32.40 -23.89 77.03
N SER D 336 33.01 -22.76 77.38
CA SER D 336 34.28 -22.35 76.76
C SER D 336 35.31 -21.91 77.80
N ASP E 10 14.96 36.31 -44.27
CA ASP E 10 15.53 34.98 -44.07
C ASP E 10 14.89 34.27 -42.85
N VAL E 11 14.40 33.04 -43.06
CA VAL E 11 13.75 32.29 -41.99
C VAL E 11 14.79 31.90 -40.94
N ASN E 12 14.37 31.88 -39.68
CA ASN E 12 15.26 31.57 -38.57
C ASN E 12 14.59 30.60 -37.62
N THR E 13 15.35 29.62 -37.15
CA THR E 13 14.91 28.67 -36.14
C THR E 13 15.62 28.97 -34.83
N LEU E 14 15.12 28.40 -33.73
CA LEU E 14 15.78 28.59 -32.44
C LEU E 14 17.21 28.06 -32.48
N THR E 15 17.40 26.85 -33.02
CA THR E 15 18.73 26.28 -33.08
C THR E 15 19.64 27.12 -33.97
N ARG E 16 19.14 27.52 -35.13
CA ARG E 16 19.93 28.39 -35.99
C ARG E 16 20.20 29.73 -35.30
N PHE E 17 19.20 30.30 -34.65
CA PHE E 17 19.37 31.58 -33.95
C PHE E 17 20.38 31.49 -32.82
N VAL E 18 20.29 30.45 -32.01
CA VAL E 18 21.19 30.32 -30.87
C VAL E 18 22.63 30.13 -31.36
N MET E 19 22.81 29.45 -32.49
CA MET E 19 24.15 29.26 -33.02
C MET E 19 24.75 30.56 -33.55
N GLU E 20 23.94 31.40 -34.19
CA GLU E 20 24.41 32.68 -34.69
C GLU E 20 24.85 33.60 -33.56
N GLU E 21 24.02 33.71 -32.53
CA GLU E 21 24.41 34.56 -31.40
C GLU E 21 25.60 33.95 -30.65
N GLY E 22 25.65 32.62 -30.55
CA GLY E 22 26.79 31.97 -29.92
C GLY E 22 28.09 32.14 -30.69
N ARG E 23 28.03 32.24 -32.02
CA ARG E 23 29.26 32.46 -32.79
C ARG E 23 29.69 33.92 -32.79
N LYS E 24 28.74 34.85 -32.87
CA LYS E 24 29.05 36.26 -32.68
C LYS E 24 29.80 36.46 -31.37
N ALA E 25 29.32 35.82 -30.30
CA ALA E 25 29.92 35.96 -28.98
C ALA E 25 31.22 35.16 -28.84
N ARG E 26 31.56 34.34 -29.83
CA ARG E 26 32.76 33.53 -29.79
C ARG E 26 32.80 32.68 -28.52
N GLY E 27 31.66 32.08 -28.16
CA GLY E 27 31.60 31.24 -26.99
C GLY E 27 32.08 29.83 -27.27
N THR E 28 32.13 29.03 -26.19
CA THR E 28 32.54 27.63 -26.27
C THR E 28 31.46 26.73 -26.85
N GLY E 29 30.20 27.14 -26.79
CA GLY E 29 29.09 26.30 -27.19
C GLY E 29 28.31 25.66 -26.07
N GLU E 30 28.74 25.83 -24.82
CA GLU E 30 28.11 25.11 -23.72
C GLU E 30 26.68 25.58 -23.47
N LEU E 31 26.41 26.88 -23.55
CA LEU E 31 25.06 27.38 -23.38
C LEU E 31 24.16 26.92 -24.52
N THR E 32 24.69 26.94 -25.75
CA THR E 32 23.97 26.48 -26.92
C THR E 32 23.58 25.00 -26.78
N GLN E 33 24.46 24.18 -26.23
CA GLN E 33 24.10 22.79 -25.97
C GLN E 33 22.98 22.73 -24.93
N LEU E 34 23.05 23.57 -23.91
CA LEU E 34 21.98 23.58 -22.92
C LEU E 34 20.64 24.01 -23.53
N LEU E 35 20.63 25.15 -24.23
CA LEU E 35 19.36 25.62 -24.80
C LEU E 35 18.77 24.61 -25.79
N ASN E 36 19.62 23.97 -26.60
CA ASN E 36 19.12 22.99 -27.55
C ASN E 36 18.51 21.80 -26.82
N SER E 37 19.16 21.33 -25.75
CA SER E 37 18.60 20.24 -24.95
C SER E 37 17.25 20.63 -24.36
N LEU E 38 17.15 21.87 -23.90
CA LEU E 38 15.91 22.41 -23.35
C LEU E 38 14.84 22.50 -24.41
N CYS E 39 15.23 22.97 -25.61
CA CYS E 39 14.26 23.06 -26.69
C CYS E 39 13.65 21.70 -26.98
N THR E 40 14.47 20.65 -26.96
CA THR E 40 13.99 19.29 -27.20
C THR E 40 12.99 18.88 -26.12
N ALA E 41 13.30 19.15 -24.85
CA ALA E 41 12.37 18.82 -23.76
C ALA E 41 11.05 19.54 -23.95
N VAL E 42 11.10 20.82 -24.32
CA VAL E 42 9.87 21.58 -24.54
C VAL E 42 9.07 20.96 -25.67
N LYS E 43 9.73 20.48 -26.73
CA LYS E 43 8.99 19.83 -27.80
C LYS E 43 8.36 18.53 -27.32
N ALA E 44 9.10 17.73 -26.53
CA ALA E 44 8.54 16.49 -26.00
C ALA E 44 7.40 16.74 -25.01
N ILE E 45 7.56 17.72 -24.13
CA ILE E 45 6.51 18.07 -23.17
C ILE E 45 5.23 18.48 -23.91
N SER E 46 5.38 19.26 -24.98
CA SER E 46 4.27 19.72 -25.79
C SER E 46 3.52 18.55 -26.44
N SER E 47 4.26 17.54 -26.92
CA SER E 47 3.65 16.38 -27.53
C SER E 47 2.77 15.64 -26.51
N ALA E 48 3.26 15.50 -25.29
CA ALA E 48 2.51 14.82 -24.24
C ALA E 48 1.35 15.68 -23.74
N VAL E 49 1.55 16.99 -23.61
CA VAL E 49 0.49 17.89 -23.16
C VAL E 49 -0.65 17.91 -24.16
N ARG E 50 -0.34 17.91 -25.46
CA ARG E 50 -1.41 17.80 -26.44
C ARG E 50 -2.02 16.40 -26.50
N LYS E 51 -1.55 15.47 -25.66
CA LYS E 51 -2.16 14.16 -25.47
C LYS E 51 -1.94 13.22 -26.67
N ALA E 52 -0.80 13.35 -27.36
CA ALA E 52 -0.46 12.36 -28.38
C ALA E 52 -0.33 10.98 -27.74
N GLY E 53 -0.91 9.98 -28.39
CA GLY E 53 -0.93 8.63 -27.84
C GLY E 53 -1.92 8.39 -26.72
N ILE E 54 -2.77 9.36 -26.37
CA ILE E 54 -3.72 9.13 -25.29
C ILE E 54 -4.62 7.95 -25.63
N ALA E 55 -4.82 7.69 -26.93
CA ALA E 55 -5.60 6.54 -27.35
C ALA E 55 -5.06 5.25 -26.75
N HIS E 56 -3.76 5.17 -26.51
CA HIS E 56 -3.21 3.96 -25.91
C HIS E 56 -3.55 3.84 -24.43
N LEU E 57 -3.68 4.96 -23.71
CA LEU E 57 -4.15 4.86 -22.34
C LEU E 57 -5.55 4.27 -22.26
N TYR E 58 -6.35 4.45 -23.32
CA TYR E 58 -7.75 4.06 -23.29
C TYR E 58 -7.99 2.73 -24.00
N GLY E 59 -6.92 1.96 -24.22
CA GLY E 59 -7.06 0.58 -24.63
C GLY E 59 -7.29 0.33 -26.10
N ILE E 60 -6.93 1.26 -26.98
CA ILE E 60 -7.12 1.05 -28.41
C ILE E 60 -6.39 -0.20 -28.88
N ALA E 61 -5.33 -0.62 -28.17
CA ALA E 61 -4.66 -1.88 -28.44
C ALA E 61 -4.60 -2.82 -27.23
N GLY E 62 -5.31 -2.51 -26.15
CA GLY E 62 -5.17 -3.31 -24.94
C GLY E 62 -6.39 -3.60 -24.10
N VAL E 71 1.60 5.02 -17.25
CA VAL E 71 1.07 5.13 -15.90
C VAL E 71 1.77 6.28 -15.18
N LYS E 72 2.08 7.35 -15.90
CA LYS E 72 2.85 8.47 -15.38
C LYS E 72 2.08 9.77 -15.53
N LYS E 73 1.90 10.47 -14.41
CA LYS E 73 1.31 11.80 -14.40
C LYS E 73 2.10 12.75 -15.30
N LEU E 74 1.41 13.77 -15.83
CA LEU E 74 2.01 14.61 -16.86
C LEU E 74 3.13 15.49 -16.33
N ASP E 75 2.98 16.04 -15.12
CA ASP E 75 4.05 16.90 -14.61
C ASP E 75 5.24 16.10 -14.11
N VAL E 76 5.01 14.85 -13.70
CA VAL E 76 6.13 13.96 -13.40
C VAL E 76 6.88 13.63 -14.69
N LEU E 77 6.14 13.41 -15.78
CA LEU E 77 6.78 13.21 -17.08
C LEU E 77 7.49 14.48 -17.54
N SER E 78 6.87 15.65 -17.32
CA SER E 78 7.51 16.92 -17.65
C SER E 78 8.84 17.08 -16.91
N ASN E 79 8.85 16.82 -15.60
CA ASN E 79 10.08 16.96 -14.83
C ASN E 79 11.18 16.02 -15.33
N ASP E 80 10.84 14.75 -15.55
CA ASP E 80 11.84 13.80 -16.03
C ASP E 80 12.45 14.24 -17.36
N LEU E 81 11.67 14.89 -18.23
CA LEU E 81 12.19 15.33 -19.52
C LEU E 81 13.24 16.43 -19.36
N VAL E 82 12.95 17.46 -18.57
CA VAL E 82 13.91 18.54 -18.39
C VAL E 82 15.14 18.04 -17.65
N MET E 83 14.94 17.34 -16.53
CA MET E 83 16.06 16.79 -15.76
C MET E 83 16.96 15.93 -16.64
N ASN E 84 16.36 15.04 -17.43
CA ASN E 84 17.20 14.12 -18.20
C ASN E 84 17.91 14.84 -19.34
N MET E 85 17.22 15.77 -20.01
CA MET E 85 17.82 16.49 -21.11
C MET E 85 18.88 17.49 -20.65
N LEU E 86 18.70 18.10 -19.47
CA LEU E 86 19.74 18.99 -18.97
C LEU E 86 20.95 18.18 -18.48
N LYS E 87 20.69 17.12 -17.72
CA LYS E 87 21.77 16.25 -17.27
C LYS E 87 22.60 15.78 -18.45
N SER E 88 21.95 15.31 -19.50
CA SER E 88 22.70 14.73 -20.61
C SER E 88 23.28 15.79 -21.55
N SER E 89 23.05 17.08 -21.31
CA SER E 89 23.69 18.12 -22.11
C SER E 89 25.14 18.36 -21.68
N PHE E 90 25.55 17.87 -20.52
CA PHE E 90 26.89 18.09 -19.99
C PHE E 90 27.19 19.57 -19.72
N ALA E 91 26.17 20.42 -19.72
CA ALA E 91 26.37 21.84 -19.55
C ALA E 91 25.91 22.34 -18.19
N THR E 92 25.35 21.47 -17.33
CA THR E 92 24.75 21.89 -16.08
C THR E 92 25.46 21.20 -14.91
N CYS E 93 25.31 21.80 -13.73
CA CYS E 93 25.84 21.24 -12.48
C CYS E 93 24.85 21.33 -11.33
N VAL E 94 23.94 22.29 -11.33
CA VAL E 94 22.90 22.40 -10.32
C VAL E 94 21.56 22.61 -11.00
N LEU E 95 20.58 21.80 -10.62
CA LEU E 95 19.23 21.87 -11.18
C LEU E 95 18.24 22.03 -10.04
N VAL E 96 17.42 23.08 -10.12
CA VAL E 96 16.36 23.34 -9.15
C VAL E 96 15.02 23.24 -9.87
N SER E 97 14.16 22.37 -9.36
CA SER E 97 12.85 22.11 -9.96
C SER E 97 11.76 22.29 -8.93
N GLU E 98 10.60 22.73 -9.42
CA GLU E 98 9.42 22.83 -8.58
C GLU E 98 9.02 21.47 -8.00
N GLU E 99 9.34 20.39 -8.70
CA GLU E 99 8.96 19.04 -8.30
C GLU E 99 9.88 18.41 -7.27
N ASP E 100 11.02 19.01 -6.98
CA ASP E 100 12.07 18.37 -6.17
C ASP E 100 12.34 19.16 -4.91
N LYS E 101 12.36 18.45 -3.78
CA LYS E 101 12.59 19.08 -2.49
C LYS E 101 13.96 19.74 -2.43
N HIS E 102 14.99 19.01 -2.81
CA HIS E 102 16.36 19.52 -2.80
C HIS E 102 16.85 19.80 -4.22
N ALA E 103 17.83 20.70 -4.30
CA ALA E 103 18.50 20.87 -5.57
C ALA E 103 19.11 19.53 -6.00
N ILE E 104 19.10 19.28 -7.30
CA ILE E 104 19.72 18.09 -7.87
C ILE E 104 21.10 18.48 -8.34
N ILE E 105 22.11 17.71 -7.92
CA ILE E 105 23.49 17.98 -8.30
C ILE E 105 23.86 16.99 -9.40
N VAL E 106 24.18 17.52 -10.57
CA VAL E 106 24.50 16.70 -11.73
C VAL E 106 25.73 15.87 -11.41
N GLU E 107 25.73 14.63 -11.88
CA GLU E 107 26.84 13.72 -11.58
C GLU E 107 28.14 14.22 -12.21
N PRO E 108 29.29 13.91 -11.59
CA PRO E 108 30.56 14.57 -12.00
C PRO E 108 30.87 14.48 -13.48
N GLU E 109 30.67 13.31 -14.10
CA GLU E 109 31.07 13.13 -15.50
C GLU E 109 30.21 13.93 -16.46
N LYS E 110 29.04 14.40 -16.03
CA LYS E 110 28.13 15.16 -16.88
C LYS E 110 28.07 16.63 -16.49
N ARG E 111 28.99 17.09 -15.64
CA ARG E 111 28.90 18.44 -15.10
C ARG E 111 29.26 19.49 -16.13
N GLY E 112 28.52 20.59 -16.11
CA GLY E 112 28.87 21.76 -16.87
C GLY E 112 28.79 22.96 -15.96
N LYS E 113 28.88 24.16 -16.50
CA LYS E 113 29.10 25.38 -15.73
C LYS E 113 27.82 26.17 -15.45
N TYR E 114 26.66 25.60 -15.80
CA TYR E 114 25.42 26.34 -15.72
C TYR E 114 24.48 25.74 -14.68
N VAL E 115 23.76 26.62 -14.01
CA VAL E 115 22.74 26.28 -13.05
C VAL E 115 21.42 26.62 -13.70
N VAL E 116 20.46 25.69 -13.66
CA VAL E 116 19.15 25.90 -14.25
C VAL E 116 18.11 25.70 -13.16
N CYS E 117 17.21 26.67 -13.02
CA CYS E 117 16.06 26.58 -12.14
C CYS E 117 14.81 26.56 -13.00
N PHE E 118 13.91 25.60 -12.75
CA PHE E 118 12.77 25.51 -13.66
C PHE E 118 11.52 25.00 -12.97
N ASP E 119 10.38 25.43 -13.53
CA ASP E 119 9.07 24.83 -13.31
C ASP E 119 8.70 24.03 -14.57
N PRO E 120 8.82 22.70 -14.55
CA PRO E 120 8.64 21.93 -15.79
C PRO E 120 7.24 21.97 -16.39
N LEU E 121 6.17 22.11 -15.57
CA LEU E 121 4.82 22.21 -16.13
C LEU E 121 4.01 23.14 -15.21
N ASP E 122 4.24 24.45 -15.39
CA ASP E 122 3.60 25.46 -14.56
C ASP E 122 2.13 25.64 -14.91
N GLY E 123 1.29 25.70 -13.88
CA GLY E 123 -0.14 25.80 -14.06
C GLY E 123 -0.85 24.47 -14.20
N SER E 124 -0.16 23.35 -13.90
CA SER E 124 -0.70 22.02 -14.19
C SER E 124 -1.78 21.58 -13.22
N SER E 125 -2.03 22.33 -12.15
CA SER E 125 -3.22 22.04 -11.34
C SER E 125 -4.49 22.24 -12.18
N ASN E 126 -4.47 23.23 -13.07
CA ASN E 126 -5.63 23.56 -13.87
C ASN E 126 -5.58 22.90 -15.25
N ILE E 127 -4.83 21.80 -15.40
CA ILE E 127 -4.75 21.15 -16.69
C ILE E 127 -5.93 20.24 -16.94
N ASP E 128 -6.69 19.92 -15.88
CA ASP E 128 -7.87 19.06 -15.95
C ASP E 128 -9.00 19.74 -16.72
N CYS E 129 -9.01 21.07 -16.71
CA CYS E 129 -9.88 21.90 -17.52
C CYS E 129 -9.20 22.34 -18.81
N LEU E 130 -8.06 21.73 -19.13
CA LEU E 130 -7.32 22.01 -20.36
C LEU E 130 -6.92 23.48 -20.45
N VAL E 131 -6.77 24.14 -19.30
CA VAL E 131 -6.29 25.50 -19.37
C VAL E 131 -4.84 25.48 -19.83
N SER E 132 -4.37 26.64 -20.32
CA SER E 132 -2.99 26.78 -20.75
C SER E 132 -2.04 26.42 -19.60
N VAL E 133 -0.99 25.69 -19.95
CA VAL E 133 0.09 25.38 -19.04
C VAL E 133 1.39 25.79 -19.73
N GLY E 134 2.50 25.71 -18.99
CA GLY E 134 3.76 26.22 -19.50
C GLY E 134 4.96 25.64 -18.78
N THR E 135 6.12 25.88 -19.37
CA THR E 135 7.41 25.57 -18.74
C THR E 135 8.14 26.89 -18.55
N ILE E 136 8.73 27.10 -17.37
CA ILE E 136 9.48 28.30 -17.05
C ILE E 136 10.89 27.91 -16.67
N PHE E 137 11.88 28.70 -17.09
CA PHE E 137 13.24 28.35 -16.75
C PHE E 137 14.10 29.59 -16.55
N GLY E 138 15.12 29.45 -15.71
CA GLY E 138 16.15 30.47 -15.55
C GLY E 138 17.52 29.82 -15.49
N ILE E 139 18.50 30.41 -16.14
CA ILE E 139 19.83 29.83 -16.29
C ILE E 139 20.84 30.80 -15.68
N TYR E 140 21.61 30.31 -14.71
CA TYR E 140 22.71 31.07 -14.11
C TYR E 140 24.05 30.40 -14.43
N ARG E 141 25.12 31.19 -14.36
CA ARG E 141 26.47 30.65 -14.40
C ARG E 141 26.90 30.33 -12.98
N LYS E 142 27.49 29.16 -12.77
CA LYS E 142 28.11 28.86 -11.49
C LYS E 142 29.23 29.86 -11.23
N LYS E 143 29.19 30.49 -10.06
CA LYS E 143 30.03 31.64 -9.79
C LYS E 143 31.34 31.28 -9.08
N SER E 144 31.49 30.03 -8.62
CA SER E 144 32.66 29.61 -7.86
C SER E 144 33.16 28.28 -8.39
N THR E 145 34.38 27.92 -7.97
CA THR E 145 35.01 26.66 -8.36
C THR E 145 34.87 25.56 -7.31
N ASP E 146 34.11 25.82 -6.24
CA ASP E 146 33.81 24.85 -5.19
C ASP E 146 32.91 23.72 -5.72
N GLU E 147 32.73 22.71 -4.87
CA GLU E 147 31.80 21.64 -5.20
C GLU E 147 30.38 22.18 -5.33
N PRO E 148 29.64 21.80 -6.39
CA PRO E 148 28.29 22.33 -6.59
C PRO E 148 27.34 21.90 -5.46
N SER E 149 26.46 22.82 -5.06
CA SER E 149 25.48 22.56 -4.03
C SER E 149 24.26 23.45 -4.27
N GLU E 150 23.28 23.33 -3.37
CA GLU E 150 22.07 24.15 -3.46
C GLU E 150 22.39 25.63 -3.38
N LYS E 151 23.44 26.01 -2.64
CA LYS E 151 23.83 27.42 -2.57
C LYS E 151 24.06 28.02 -3.94
N ASP E 152 24.49 27.21 -4.92
CA ASP E 152 24.74 27.72 -6.26
C ASP E 152 23.46 28.19 -6.95
N ALA E 153 22.30 27.77 -6.47
CA ALA E 153 21.05 28.20 -7.04
C ALA E 153 20.49 29.42 -6.32
N LEU E 154 21.15 29.90 -5.27
CA LEU E 154 20.67 31.04 -4.49
C LEU E 154 21.21 32.38 -5.00
N GLN E 155 21.28 32.56 -6.31
CA GLN E 155 21.71 33.87 -6.77
C GLN E 155 20.50 34.76 -7.05
N PRO E 156 20.66 36.08 -6.97
CA PRO E 156 19.60 36.99 -7.37
C PRO E 156 19.37 36.96 -8.88
N GLY E 157 18.15 37.35 -9.27
CA GLY E 157 17.78 37.35 -10.68
C GLY E 157 18.69 38.18 -11.56
N ARG E 158 19.34 39.20 -10.99
CA ARG E 158 20.31 40.00 -11.75
C ARG E 158 21.35 39.13 -12.43
N ASN E 159 21.70 37.99 -11.84
CA ASN E 159 22.77 37.15 -12.38
C ASN E 159 22.33 36.27 -13.55
N LEU E 160 21.07 36.35 -13.96
CA LEU E 160 20.57 35.46 -15.00
C LEU E 160 21.36 35.64 -16.29
N VAL E 161 21.75 34.51 -16.88
CA VAL E 161 22.42 34.50 -18.17
C VAL E 161 21.41 34.53 -19.31
N ALA E 162 20.30 33.83 -19.11
CA ALA E 162 19.22 33.76 -20.07
C ALA E 162 18.01 33.20 -19.33
N ALA E 163 16.81 33.56 -19.81
CA ALA E 163 15.58 33.11 -19.19
C ALA E 163 14.44 33.10 -20.20
N GLY E 164 13.37 32.40 -19.85
CA GLY E 164 12.20 32.37 -20.71
C GLY E 164 11.18 31.34 -20.26
N TYR E 165 10.27 31.06 -21.19
CA TYR E 165 9.18 30.15 -20.89
C TYR E 165 8.61 29.58 -22.17
N ALA E 166 8.04 28.38 -22.06
CA ALA E 166 7.22 27.81 -23.12
C ALA E 166 5.78 27.85 -22.67
N LEU E 167 4.90 28.32 -23.56
CA LEU E 167 3.47 28.32 -23.29
C LEU E 167 2.83 27.29 -24.23
N TYR E 168 2.18 26.28 -23.66
CA TYR E 168 1.47 25.26 -24.44
C TYR E 168 0.00 25.66 -24.49
N GLY E 169 -0.30 26.64 -25.31
CA GLY E 169 -1.60 27.23 -25.43
C GLY E 169 -2.30 26.77 -26.70
N SER E 170 -2.99 27.70 -27.37
CA SER E 170 -3.61 27.36 -28.64
C SER E 170 -2.55 26.89 -29.64
N ALA E 171 -1.36 27.47 -29.57
CA ALA E 171 -0.15 26.95 -30.19
C ALA E 171 0.92 26.89 -29.10
N THR E 172 2.07 26.29 -29.41
CA THR E 172 3.19 26.22 -28.48
C THR E 172 4.22 27.28 -28.84
N MET E 173 4.53 28.17 -27.90
CA MET E 173 5.51 29.21 -28.14
C MET E 173 6.60 29.18 -27.09
N LEU E 174 7.83 29.38 -27.56
CA LEU E 174 8.99 29.53 -26.70
C LEU E 174 9.41 30.99 -26.76
N VAL E 175 9.45 31.64 -25.60
CA VAL E 175 9.92 33.01 -25.45
C VAL E 175 11.27 32.94 -24.78
N LEU E 176 12.31 33.46 -25.42
CA LEU E 176 13.65 33.38 -24.88
C LEU E 176 14.19 34.77 -24.65
N ALA E 177 14.59 35.05 -23.42
CA ALA E 177 15.15 36.33 -23.04
C ALA E 177 16.63 36.19 -22.73
N MET E 178 17.46 36.99 -23.39
CA MET E 178 18.90 37.04 -23.13
C MET E 178 19.34 38.48 -23.07
N ASP E 179 20.66 38.71 -22.99
CA ASP E 179 21.11 40.09 -22.90
C ASP E 179 20.79 40.87 -24.17
N CYS E 180 20.68 40.19 -25.31
CA CYS E 180 20.32 40.83 -26.57
C CYS E 180 18.83 41.13 -26.69
N GLY E 181 18.02 40.79 -25.70
CA GLY E 181 16.59 41.08 -25.71
C GLY E 181 15.77 39.81 -25.72
N VAL E 182 14.47 39.98 -25.98
CA VAL E 182 13.49 38.90 -25.93
C VAL E 182 13.12 38.48 -27.35
N ASN E 183 13.11 37.16 -27.60
CA ASN E 183 12.70 36.64 -28.90
C ASN E 183 11.73 35.47 -28.74
N CYS E 184 10.71 35.46 -29.59
CA CYS E 184 9.59 34.52 -29.52
C CYS E 184 9.60 33.57 -30.71
N PHE E 185 9.51 32.28 -30.41
CA PHE E 185 9.53 31.24 -31.42
C PHE E 185 8.21 30.47 -31.36
N MET E 186 7.62 30.21 -32.51
CA MET E 186 6.39 29.44 -32.64
C MET E 186 6.74 28.01 -33.02
N LEU E 187 6.29 27.03 -32.24
CA LEU E 187 6.58 25.65 -32.61
C LEU E 187 5.73 25.26 -33.82
N ASP E 188 6.39 24.91 -34.94
CA ASP E 188 5.69 24.34 -36.08
C ASP E 188 5.58 22.85 -35.82
N PRO E 189 4.39 22.35 -35.48
CA PRO E 189 4.28 20.94 -35.09
C PRO E 189 4.51 19.99 -36.25
N ALA E 190 4.39 20.48 -37.49
CA ALA E 190 4.59 19.65 -38.69
C ALA E 190 6.03 19.23 -38.88
N ILE E 191 7.00 20.02 -38.42
CA ILE E 191 8.40 19.69 -38.59
C ILE E 191 9.18 19.67 -37.29
N GLY E 192 8.55 20.00 -36.17
CA GLY E 192 9.25 20.01 -34.90
C GLY E 192 10.36 21.05 -34.87
N GLU E 193 10.02 22.28 -35.21
CA GLU E 193 10.99 23.36 -35.21
C GLU E 193 10.38 24.60 -34.61
N PHE E 194 11.19 25.31 -33.82
CA PHE E 194 10.78 26.59 -33.26
C PHE E 194 11.15 27.69 -34.26
N ILE E 195 10.15 28.32 -34.84
CA ILE E 195 10.31 29.30 -35.90
C ILE E 195 10.28 30.67 -35.26
N LEU E 196 11.33 31.45 -35.49
CA LEU E 196 11.37 32.81 -34.96
C LEU E 196 10.28 33.64 -35.61
N VAL E 197 9.35 34.12 -34.79
CA VAL E 197 8.22 34.89 -35.30
C VAL E 197 8.18 36.31 -34.74
N ASP E 198 8.81 36.60 -33.60
CA ASP E 198 8.88 37.94 -33.01
C ASP E 198 10.31 38.22 -32.58
N LYS E 199 11.01 39.11 -33.30
CA LYS E 199 12.40 39.46 -33.01
C LYS E 199 12.46 40.66 -32.07
N ASP E 200 13.26 40.54 -31.02
CA ASP E 200 13.57 41.67 -30.15
C ASP E 200 12.30 42.39 -29.68
N VAL E 201 11.54 41.69 -28.84
CA VAL E 201 10.20 42.15 -28.46
C VAL E 201 10.31 43.17 -27.33
N LYS E 202 9.44 44.18 -27.35
CA LYS E 202 9.35 45.18 -26.29
C LYS E 202 7.88 45.35 -25.87
N ILE E 203 7.64 45.46 -24.56
CA ILE E 203 6.28 45.60 -24.05
C ILE E 203 5.80 47.04 -24.22
N LYS E 204 4.48 47.21 -24.45
CA LYS E 204 3.87 48.53 -24.50
C LYS E 204 4.19 49.31 -23.23
N LYS E 205 4.33 50.63 -23.37
CA LYS E 205 4.61 51.47 -22.22
C LYS E 205 3.48 51.43 -21.20
N LYS E 206 2.24 51.34 -21.66
CA LYS E 206 1.10 51.26 -20.76
C LYS E 206 0.00 50.40 -21.38
N GLY E 207 -0.59 49.52 -20.56
CA GLY E 207 -1.59 48.59 -21.02
C GLY E 207 -3.00 48.96 -20.60
N LYS E 208 -3.93 48.06 -20.92
CA LYS E 208 -5.35 48.28 -20.68
C LYS E 208 -5.98 47.04 -20.05
N ILE E 209 -5.17 46.15 -19.47
CA ILE E 209 -5.64 44.93 -18.82
C ILE E 209 -4.92 44.80 -17.49
N TYR E 210 -5.67 44.49 -16.42
CA TYR E 210 -5.08 44.11 -15.15
C TYR E 210 -5.46 42.67 -14.82
N SER E 211 -4.58 41.99 -14.10
CA SER E 211 -4.70 40.54 -13.96
C SER E 211 -4.35 40.14 -12.54
N LEU E 212 -5.35 39.63 -11.81
CA LEU E 212 -5.18 38.99 -10.51
C LEU E 212 -6.48 38.29 -10.12
N ASN E 213 -6.36 37.41 -9.14
CA ASN E 213 -7.49 36.66 -8.60
C ASN E 213 -8.25 37.59 -7.66
N GLU E 214 -9.30 38.25 -8.15
CA GLU E 214 -10.04 39.15 -7.28
C GLU E 214 -10.91 38.44 -6.25
N GLY E 215 -11.05 37.12 -6.35
CA GLY E 215 -11.80 36.39 -5.35
C GLY E 215 -11.18 36.43 -3.98
N TYR E 216 -9.88 36.68 -3.90
CA TYR E 216 -9.18 36.81 -2.63
C TYR E 216 -9.11 38.24 -2.14
N ALA E 217 -10.07 39.08 -2.58
CA ALA E 217 -10.10 40.49 -2.22
C ALA E 217 -10.28 40.70 -0.72
N LYS E 218 -10.87 39.71 -0.03
CA LYS E 218 -11.04 39.77 1.41
C LYS E 218 -9.70 39.99 2.12
N ASP E 219 -8.62 39.47 1.55
CA ASP E 219 -7.29 39.53 2.14
C ASP E 219 -6.42 40.63 1.55
N PHE E 220 -6.96 41.47 0.68
CA PHE E 220 -6.15 42.44 -0.06
C PHE E 220 -5.45 43.44 0.85
N ASP E 221 -4.20 43.72 0.52
CA ASP E 221 -3.52 44.92 0.99
C ASP E 221 -4.29 46.15 0.50
N PRO E 222 -4.39 47.21 1.30
CA PRO E 222 -5.14 48.39 0.86
C PRO E 222 -4.60 49.03 -0.40
N ALA E 223 -3.28 49.03 -0.64
CA ALA E 223 -2.76 49.63 -1.86
C ALA E 223 -3.23 48.85 -3.09
N VAL E 224 -3.23 47.51 -3.00
CA VAL E 224 -3.77 46.70 -4.08
C VAL E 224 -5.26 46.96 -4.23
N THR E 225 -5.97 47.03 -3.10
CA THR E 225 -7.39 47.39 -3.14
C THR E 225 -7.60 48.72 -3.84
N GLU E 226 -6.79 49.73 -3.52
CA GLU E 226 -6.93 51.03 -4.17
C GLU E 226 -6.56 50.97 -5.64
N TYR E 227 -5.46 50.29 -5.98
CA TYR E 227 -5.05 50.27 -7.38
C TYR E 227 -6.14 49.64 -8.26
N ILE E 228 -6.72 48.52 -7.80
CA ILE E 228 -7.76 47.88 -8.58
C ILE E 228 -9.00 48.77 -8.64
N GLN E 229 -9.33 49.44 -7.53
CA GLN E 229 -10.41 50.42 -7.59
C GLN E 229 -10.12 51.49 -8.62
N ARG E 230 -8.86 51.90 -8.75
CA ARG E 230 -8.50 52.88 -9.76
C ARG E 230 -8.62 52.33 -11.17
N LYS E 231 -8.46 51.01 -11.33
CA LYS E 231 -8.61 50.38 -12.63
C LYS E 231 -10.07 50.23 -13.04
N LYS E 232 -10.98 50.00 -12.09
CA LYS E 232 -12.39 49.88 -12.43
C LYS E 232 -13.07 51.25 -12.52
N PHE E 233 -12.55 52.23 -11.80
CA PHE E 233 -13.18 53.56 -11.69
C PHE E 233 -12.07 54.60 -11.84
N PRO E 234 -11.59 54.82 -13.06
CA PRO E 234 -10.44 55.72 -13.25
C PRO E 234 -10.79 57.13 -12.83
N PRO E 235 -9.90 57.80 -12.08
CA PRO E 235 -10.23 59.15 -11.59
C PRO E 235 -10.39 60.19 -12.68
N ASP E 236 -9.66 60.09 -13.79
CA ASP E 236 -9.83 61.05 -14.87
C ASP E 236 -10.91 60.63 -15.85
N ASN E 237 -11.86 59.83 -15.38
CA ASN E 237 -13.01 59.37 -16.16
C ASN E 237 -12.59 58.75 -17.50
N SER E 238 -11.31 58.38 -17.61
CA SER E 238 -10.83 57.64 -18.76
C SER E 238 -11.41 56.22 -18.74
N ALA E 239 -11.13 55.45 -19.78
CA ALA E 239 -11.79 54.15 -19.92
C ALA E 239 -11.25 53.16 -18.89
N PRO E 240 -12.13 52.42 -18.22
CA PRO E 240 -11.66 51.37 -17.30
C PRO E 240 -10.91 50.28 -18.04
N TYR E 241 -9.98 49.66 -17.32
CA TYR E 241 -9.22 48.54 -17.82
C TYR E 241 -10.10 47.29 -17.91
N GLY E 242 -9.74 46.41 -18.84
CA GLY E 242 -10.29 45.06 -18.83
C GLY E 242 -9.58 44.17 -17.83
N ALA E 243 -10.30 43.15 -17.38
CA ALA E 243 -9.77 42.15 -16.47
C ALA E 243 -9.64 40.82 -17.20
N ARG E 244 -8.51 40.13 -16.97
CA ARG E 244 -8.25 38.78 -17.44
C ARG E 244 -7.44 38.06 -16.37
N TYR E 245 -7.82 36.82 -16.04
CA TYR E 245 -7.00 36.04 -15.12
C TYR E 245 -7.18 34.57 -15.46
N VAL E 246 -6.25 34.02 -16.21
CA VAL E 246 -6.29 32.61 -16.57
C VAL E 246 -5.96 31.72 -15.37
N GLY E 247 -5.14 32.19 -14.46
CA GLY E 247 -4.70 31.33 -13.37
C GLY E 247 -3.46 30.51 -13.69
N SER E 248 -2.85 30.70 -14.86
CA SER E 248 -1.59 30.09 -15.22
C SER E 248 -0.62 31.22 -15.51
N MET E 249 0.46 31.27 -14.74
CA MET E 249 1.36 32.41 -14.79
C MET E 249 1.95 32.58 -16.19
N VAL E 250 2.36 31.48 -16.84
CA VAL E 250 2.88 31.57 -18.20
C VAL E 250 1.85 32.19 -19.12
N ALA E 251 0.59 31.77 -19.02
CA ALA E 251 -0.45 32.32 -19.87
C ALA E 251 -0.67 33.80 -19.56
N ASP E 252 -0.84 34.14 -18.28
CA ASP E 252 -1.13 35.53 -17.89
C ASP E 252 0.07 36.46 -18.19
N VAL E 253 1.30 36.03 -17.91
CA VAL E 253 2.44 36.90 -18.19
C VAL E 253 2.65 37.10 -19.69
N HIS E 254 2.46 36.03 -20.49
CA HIS E 254 2.66 36.17 -21.93
C HIS E 254 1.65 37.13 -22.55
N ARG E 255 0.40 37.08 -22.11
CA ARG E 255 -0.58 38.06 -22.57
C ARG E 255 -0.16 39.46 -22.18
N THR E 256 0.32 39.62 -20.94
CA THR E 256 0.84 40.93 -20.50
C THR E 256 1.96 41.42 -21.39
N LEU E 257 2.90 40.54 -21.74
CA LEU E 257 3.98 40.94 -22.63
C LEU E 257 3.43 41.38 -23.98
N VAL E 258 2.51 40.61 -24.54
CA VAL E 258 2.08 40.77 -25.93
C VAL E 258 1.14 41.96 -26.10
N TYR E 259 0.20 42.15 -25.16
CA TYR E 259 -0.79 43.22 -25.28
C TYR E 259 -0.57 44.35 -24.29
N GLY E 260 0.36 44.20 -23.36
CA GLY E 260 0.58 45.21 -22.34
C GLY E 260 -0.37 45.08 -21.18
N GLY E 261 -0.07 45.84 -20.13
CA GLY E 261 -0.87 45.77 -18.93
C GLY E 261 -0.05 45.40 -17.72
N ILE E 262 -0.69 44.87 -16.70
CA ILE E 262 -0.04 44.62 -15.41
C ILE E 262 -0.55 43.29 -14.87
N PHE E 263 0.36 42.49 -14.33
CA PHE E 263 0.03 41.25 -13.64
C PHE E 263 0.44 41.38 -12.18
N LEU E 264 -0.45 41.00 -11.27
CA LEU E 264 -0.17 41.12 -9.84
C LEU E 264 -0.47 39.79 -9.17
N TYR E 265 0.49 39.28 -8.43
CA TYR E 265 0.23 38.26 -7.41
C TYR E 265 0.90 38.75 -6.13
N PRO E 266 0.31 39.75 -5.47
CA PRO E 266 1.03 40.48 -4.41
C PRO E 266 0.90 39.85 -3.04
N ALA E 267 1.61 40.43 -2.08
CA ALA E 267 1.53 39.96 -0.71
C ALA E 267 0.31 40.53 -0.02
N ASN E 268 -0.15 39.84 1.01
CA ASN E 268 -1.26 40.28 1.83
C ASN E 268 -0.92 39.99 3.28
N LYS E 269 -1.89 40.23 4.17
CA LYS E 269 -1.65 39.93 5.58
C LYS E 269 -1.62 38.42 5.81
N LYS E 270 -2.31 37.64 4.95
CA LYS E 270 -2.34 36.19 5.04
C LYS E 270 -1.09 35.52 4.45
N SER E 271 -0.43 36.16 3.47
CA SER E 271 0.77 35.59 2.84
C SER E 271 1.76 36.70 2.51
N PRO E 272 2.48 37.20 3.52
CA PRO E 272 3.42 38.32 3.27
C PRO E 272 4.54 37.95 2.30
N ASN E 273 4.66 36.68 1.93
CA ASN E 273 5.65 36.27 0.93
C ASN E 273 5.03 36.00 -0.44
N GLY E 274 3.75 36.31 -0.65
CA GLY E 274 3.20 35.99 -1.94
C GLY E 274 2.95 34.49 -2.00
N LYS E 275 2.59 34.02 -3.21
CA LYS E 275 2.35 32.60 -3.43
C LYS E 275 3.32 32.00 -4.44
N LEU E 276 3.68 32.75 -5.48
CA LEU E 276 4.59 32.25 -6.50
C LEU E 276 6.01 32.15 -5.96
N ARG E 277 6.76 31.20 -6.51
CA ARG E 277 8.12 30.88 -6.07
C ARG E 277 9.14 31.81 -6.72
N LEU E 278 10.14 32.23 -5.94
CA LEU E 278 11.09 33.24 -6.41
C LEU E 278 12.02 32.74 -7.53
N LEU E 279 12.60 31.54 -7.36
CA LEU E 279 13.70 31.12 -8.23
C LEU E 279 13.21 30.80 -9.66
N TYR E 280 12.14 30.02 -9.79
CA TYR E 280 11.73 29.45 -11.07
C TYR E 280 10.37 29.94 -11.54
N GLU E 281 9.79 30.92 -10.88
CA GLU E 281 8.60 31.57 -11.41
C GLU E 281 8.86 33.05 -11.47
N CYS E 282 9.19 33.63 -10.32
CA CYS E 282 9.30 35.08 -10.22
C CYS E 282 10.53 35.60 -10.96
N ASN E 283 11.69 35.00 -10.70
CA ASN E 283 12.90 35.51 -11.33
C ASN E 283 12.86 35.44 -12.85
N PRO E 284 12.54 34.30 -13.49
CA PRO E 284 12.58 34.29 -14.96
C PRO E 284 11.60 35.25 -15.63
N MET E 285 10.38 35.38 -15.09
CA MET E 285 9.41 36.27 -15.70
C MET E 285 9.85 37.73 -15.58
N ALA E 286 10.41 38.08 -14.41
CA ALA E 286 10.95 39.42 -14.22
C ALA E 286 12.04 39.72 -15.24
N TYR E 287 12.91 38.75 -15.50
CA TYR E 287 13.99 38.94 -16.46
C TYR E 287 13.45 39.16 -17.87
N VAL E 288 12.48 38.33 -18.32
CA VAL E 288 11.87 38.55 -19.62
C VAL E 288 11.26 39.96 -19.68
N MET E 289 10.53 40.32 -18.64
CA MET E 289 9.89 41.64 -18.57
C MET E 289 10.91 42.76 -18.65
N GLU E 290 11.98 42.68 -17.87
CA GLU E 290 12.95 43.76 -17.88
C GLU E 290 13.71 43.82 -19.21
N LYS E 291 14.09 42.66 -19.76
CA LYS E 291 14.73 42.63 -21.07
C LYS E 291 13.80 43.14 -22.17
N ALA E 292 12.50 43.13 -21.94
CA ALA E 292 11.54 43.61 -22.92
C ALA E 292 11.14 45.06 -22.65
N GLY E 293 11.80 45.72 -21.71
CA GLY E 293 11.47 47.07 -21.36
C GLY E 293 10.36 47.23 -20.34
N GLY E 294 9.99 46.18 -19.63
CA GLY E 294 8.98 46.27 -18.60
C GLY E 294 9.59 46.29 -17.21
N MET E 295 8.72 46.23 -16.21
CA MET E 295 9.18 46.27 -14.84
C MET E 295 8.57 45.10 -14.09
N ALA E 296 9.23 44.73 -13.01
CA ALA E 296 8.78 43.64 -12.16
C ALA E 296 9.26 43.95 -10.76
N THR E 297 8.32 44.16 -9.84
CA THR E 297 8.61 44.57 -8.48
C THR E 297 7.88 43.67 -7.49
N THR E 298 8.47 43.55 -6.30
CA THR E 298 7.76 42.96 -5.18
C THR E 298 6.87 43.96 -4.48
N GLY E 299 6.94 45.23 -4.86
CA GLY E 299 6.34 46.27 -4.07
C GLY E 299 7.38 47.08 -3.32
N LYS E 300 8.37 46.41 -2.73
CA LYS E 300 9.47 47.12 -2.08
C LYS E 300 10.68 47.27 -2.98
N GLU E 301 10.94 46.27 -3.84
CA GLU E 301 12.16 46.24 -4.62
C GLU E 301 11.93 45.50 -5.92
N ALA E 302 12.87 45.69 -6.85
CA ALA E 302 12.88 44.88 -8.06
C ALA E 302 13.06 43.41 -7.70
N VAL E 303 12.26 42.59 -8.35
CA VAL E 303 12.26 41.14 -8.11
C VAL E 303 13.65 40.57 -8.32
N LEU E 304 14.34 41.00 -9.39
CA LEU E 304 15.65 40.46 -9.70
C LEU E 304 16.71 40.81 -8.65
N ASP E 305 16.41 41.72 -7.71
CA ASP E 305 17.32 42.10 -6.63
C ASP E 305 17.11 41.35 -5.32
N VAL E 306 16.10 40.49 -5.22
CA VAL E 306 15.93 39.67 -4.02
C VAL E 306 16.99 38.58 -4.02
N ILE E 307 17.74 38.49 -2.92
CA ILE E 307 18.74 37.44 -2.75
C ILE E 307 18.09 36.28 -2.00
N PRO E 308 17.84 35.15 -2.64
CA PRO E 308 17.14 34.07 -1.96
C PRO E 308 17.99 33.45 -0.86
N THR E 309 17.30 32.95 0.18
CA THR E 309 17.97 32.15 1.20
C THR E 309 17.58 30.69 1.13
N ASP E 310 16.47 30.36 0.45
CA ASP E 310 15.95 29.01 0.24
C ASP E 310 15.46 28.92 -1.21
N ILE E 311 15.72 27.78 -1.86
CA ILE E 311 15.41 27.62 -3.27
C ILE E 311 13.90 27.63 -3.54
N HIS E 312 13.08 27.18 -2.59
CA HIS E 312 11.63 27.10 -2.79
C HIS E 312 10.88 28.26 -2.13
N GLN E 313 11.57 29.36 -1.86
CA GLN E 313 10.95 30.49 -1.20
C GLN E 313 10.05 31.26 -2.16
N ARG E 314 9.07 31.92 -1.59
CA ARG E 314 8.07 32.69 -2.30
C ARG E 314 8.50 34.16 -2.35
N ALA E 315 7.88 34.89 -3.27
CA ALA E 315 8.10 36.32 -3.49
C ALA E 315 6.81 36.93 -4.00
N PRO E 316 6.46 38.14 -3.54
CA PRO E 316 5.38 38.88 -4.21
C PRO E 316 5.89 39.43 -5.54
N VAL E 317 4.96 39.58 -6.48
CA VAL E 317 5.33 40.01 -7.82
C VAL E 317 4.22 40.90 -8.39
N ILE E 318 4.63 42.01 -8.99
CA ILE E 318 3.78 42.87 -9.81
C ILE E 318 4.63 43.25 -11.02
N LEU E 319 4.21 42.83 -12.22
CA LEU E 319 5.05 43.04 -13.39
C LEU E 319 4.21 43.45 -14.58
N GLY E 320 4.90 43.92 -15.62
CA GLY E 320 4.22 44.31 -16.84
C GLY E 320 4.73 45.62 -17.43
N SER E 321 3.82 46.35 -18.07
CA SER E 321 4.13 47.63 -18.70
C SER E 321 4.74 48.59 -17.70
N PRO E 322 5.72 49.42 -18.10
CA PRO E 322 6.40 50.27 -17.11
C PRO E 322 5.49 51.28 -16.44
N ASP E 323 4.63 51.94 -17.21
CA ASP E 323 3.75 52.94 -16.62
C ASP E 323 2.73 52.31 -15.67
N ASP E 324 2.25 51.11 -15.97
CA ASP E 324 1.27 50.50 -15.08
C ASP E 324 1.92 50.03 -13.79
N VAL E 325 3.14 49.50 -13.85
CA VAL E 325 3.81 49.14 -12.60
C VAL E 325 4.19 50.38 -11.81
N LEU E 326 4.61 51.45 -12.51
CA LEU E 326 4.90 52.70 -11.80
C LEU E 326 3.64 53.28 -11.15
N GLU E 327 2.51 53.26 -11.86
CA GLU E 327 1.27 53.73 -11.25
C GLU E 327 0.91 52.90 -10.03
N PHE E 328 1.10 51.58 -10.11
CA PHE E 328 0.88 50.77 -8.92
C PHE E 328 1.83 51.15 -7.79
N LEU E 329 3.10 51.40 -8.11
CA LEU E 329 4.09 51.70 -7.08
C LEU E 329 3.80 53.03 -6.41
N LYS E 330 3.35 54.03 -7.18
CA LYS E 330 2.96 55.31 -6.59
C LYS E 330 1.84 55.11 -5.56
N VAL E 331 0.84 54.30 -5.90
CA VAL E 331 -0.22 53.97 -4.94
C VAL E 331 0.37 53.28 -3.71
N TYR E 332 1.37 52.42 -3.91
CA TYR E 332 1.96 51.66 -2.80
C TYR E 332 2.60 52.57 -1.76
N GLU E 333 3.40 53.55 -2.21
CA GLU E 333 4.02 54.49 -1.27
C GLU E 333 3.00 55.33 -0.52
N LYS E 334 1.86 55.65 -1.16
CA LYS E 334 0.81 56.39 -0.45
C LYS E 334 0.40 55.67 0.83
N HIS E 335 0.44 54.34 0.82
CA HIS E 335 0.17 53.55 2.01
C HIS E 335 1.44 53.17 2.75
N SER E 336 2.47 54.01 2.69
CA SER E 336 3.77 53.80 3.33
C SER E 336 4.46 52.57 2.78
N ASP F 10 -13.93 -0.90 -23.13
CA ASP F 10 -13.76 -0.86 -24.57
C ASP F 10 -13.51 0.57 -25.08
N VAL F 11 -12.46 0.75 -25.91
CA VAL F 11 -12.17 2.08 -26.42
C VAL F 11 -13.29 2.51 -27.36
N ASN F 12 -13.65 3.78 -27.32
CA ASN F 12 -14.71 4.33 -28.13
C ASN F 12 -14.25 5.64 -28.74
N THR F 13 -14.58 5.85 -30.01
CA THR F 13 -14.24 7.09 -30.67
C THR F 13 -15.51 7.91 -30.87
N LEU F 14 -15.31 9.16 -31.27
CA LEU F 14 -16.45 10.00 -31.59
C LEU F 14 -17.27 9.38 -32.72
N THR F 15 -16.60 8.96 -33.78
CA THR F 15 -17.30 8.42 -34.95
C THR F 15 -17.99 7.09 -34.61
N ARG F 16 -17.28 6.20 -33.92
CA ARG F 16 -17.89 4.95 -33.49
C ARG F 16 -19.05 5.20 -32.53
N PHE F 17 -18.87 6.12 -31.58
CA PHE F 17 -19.93 6.45 -30.62
C PHE F 17 -21.19 6.93 -31.32
N VAL F 18 -21.05 7.86 -32.27
CA VAL F 18 -22.23 8.43 -32.91
C VAL F 18 -22.94 7.38 -33.76
N MET F 19 -22.19 6.45 -34.35
CA MET F 19 -22.82 5.38 -35.13
C MET F 19 -23.58 4.42 -34.21
N GLU F 20 -23.08 4.17 -33.01
CA GLU F 20 -23.78 3.30 -32.08
C GLU F 20 -25.11 3.91 -31.63
N GLU F 21 -25.12 5.20 -31.28
CA GLU F 21 -26.36 5.87 -30.89
C GLU F 21 -27.33 5.99 -32.06
N GLY F 22 -26.83 6.29 -33.25
CA GLY F 22 -27.71 6.37 -34.40
C GLY F 22 -28.34 5.04 -34.72
N ARG F 23 -27.63 3.95 -34.45
CA ARG F 23 -28.19 2.64 -34.68
C ARG F 23 -29.13 2.20 -33.56
N LYS F 24 -28.83 2.57 -32.30
CA LYS F 24 -29.81 2.34 -31.25
C LYS F 24 -31.16 2.91 -31.64
N ALA F 25 -31.16 4.18 -32.05
CA ALA F 25 -32.39 4.89 -32.38
C ALA F 25 -32.91 4.58 -33.77
N ARG F 26 -32.17 3.83 -34.59
CA ARG F 26 -32.58 3.48 -35.96
C ARG F 26 -32.96 4.70 -36.80
N GLY F 27 -32.10 5.72 -36.76
CA GLY F 27 -32.32 6.91 -37.57
C GLY F 27 -31.86 6.73 -39.00
N THR F 28 -32.05 7.77 -39.82
CA THR F 28 -31.69 7.68 -41.23
C THR F 28 -30.19 7.70 -41.47
N GLY F 29 -29.40 8.14 -40.50
CA GLY F 29 -27.96 8.24 -40.63
C GLY F 29 -27.41 9.62 -40.95
N GLU F 30 -28.29 10.59 -41.24
CA GLU F 30 -27.88 11.94 -41.63
C GLU F 30 -27.19 12.69 -40.49
N LEU F 31 -27.70 12.55 -39.24
CA LEU F 31 -27.05 13.22 -38.12
C LEU F 31 -25.64 12.67 -37.92
N THR F 32 -25.48 11.37 -38.06
CA THR F 32 -24.14 10.79 -38.02
C THR F 32 -23.27 11.39 -39.12
N GLN F 33 -23.83 11.59 -40.32
CA GLN F 33 -23.08 12.26 -41.39
C GLN F 33 -22.74 13.70 -41.01
N LEU F 34 -23.70 14.41 -40.41
CA LEU F 34 -23.45 15.79 -39.99
C LEU F 34 -22.30 15.84 -38.99
N LEU F 35 -22.45 15.10 -37.90
CA LEU F 35 -21.47 15.15 -36.82
C LEU F 35 -20.10 14.69 -37.28
N ASN F 36 -20.05 13.64 -38.12
CA ASN F 36 -18.76 13.17 -38.63
C ASN F 36 -18.10 14.24 -39.50
N SER F 37 -18.89 14.94 -40.30
CA SER F 37 -18.35 16.04 -41.07
C SER F 37 -17.80 17.13 -40.16
N LEU F 38 -18.54 17.46 -39.09
CA LEU F 38 -18.10 18.48 -38.15
C LEU F 38 -16.85 18.06 -37.42
N CYS F 39 -16.75 16.78 -37.06
CA CYS F 39 -15.54 16.26 -36.45
C CYS F 39 -14.35 16.51 -37.36
N THR F 40 -14.53 16.30 -38.67
CA THR F 40 -13.44 16.53 -39.63
C THR F 40 -13.04 18.01 -39.67
N ALA F 41 -14.02 18.92 -39.72
CA ALA F 41 -13.67 20.33 -39.72
C ALA F 41 -12.89 20.71 -38.46
N VAL F 42 -13.32 20.19 -37.30
CA VAL F 42 -12.69 20.48 -36.01
C VAL F 42 -11.23 20.03 -36.00
N LYS F 43 -10.95 18.83 -36.52
CA LYS F 43 -9.57 18.38 -36.61
C LYS F 43 -8.74 19.29 -37.52
N ALA F 44 -9.33 19.72 -38.63
CA ALA F 44 -8.61 20.61 -39.51
C ALA F 44 -8.40 21.95 -38.83
N ILE F 45 -9.40 22.41 -38.08
CA ILE F 45 -9.23 23.69 -37.39
C ILE F 45 -8.12 23.58 -36.38
N SER F 46 -8.12 22.47 -35.62
CA SER F 46 -7.11 22.24 -34.59
C SER F 46 -5.70 22.26 -35.17
N SER F 47 -5.48 21.58 -36.30
CA SER F 47 -4.15 21.56 -36.90
C SER F 47 -3.68 22.97 -37.28
N ALA F 48 -4.59 23.80 -37.80
CA ALA F 48 -4.24 25.16 -38.16
C ALA F 48 -4.00 26.02 -36.92
N VAL F 49 -4.80 25.84 -35.86
CA VAL F 49 -4.65 26.62 -34.63
C VAL F 49 -3.32 26.30 -33.95
N ARG F 50 -2.90 25.04 -33.96
CA ARG F 50 -1.57 24.73 -33.42
C ARG F 50 -0.39 25.24 -34.37
N LYS F 51 -0.70 25.95 -35.46
CA LYS F 51 0.27 26.63 -36.33
C LYS F 51 1.11 25.63 -37.12
N ALA F 52 0.53 24.47 -37.43
CA ALA F 52 1.17 23.52 -38.34
C ALA F 52 1.35 24.17 -39.71
N GLY F 53 2.52 23.91 -40.30
CA GLY F 53 2.93 24.51 -41.55
C GLY F 53 3.38 25.95 -41.46
N ILE F 54 3.45 26.52 -40.24
CA ILE F 54 3.80 27.93 -40.11
C ILE F 54 5.17 28.24 -40.72
N ALA F 55 6.09 27.26 -40.73
CA ALA F 55 7.40 27.49 -41.33
C ALA F 55 7.30 27.94 -42.78
N HIS F 56 6.27 27.49 -43.51
CA HIS F 56 6.12 27.95 -44.89
C HIS F 56 5.66 29.40 -44.96
N LEU F 57 4.83 29.84 -44.02
CA LEU F 57 4.46 31.25 -43.95
C LEU F 57 5.67 32.14 -43.70
N TYR F 58 6.70 31.62 -43.03
CA TYR F 58 7.87 32.42 -42.70
C TYR F 58 9.06 32.10 -43.58
N GLY F 59 8.82 31.50 -44.74
CA GLY F 59 9.82 31.42 -45.79
C GLY F 59 10.84 30.31 -45.74
N ILE F 60 10.53 29.20 -45.06
CA ILE F 60 11.46 28.07 -45.04
C ILE F 60 11.74 27.54 -46.44
N ALA F 61 10.82 27.76 -47.39
CA ALA F 61 11.00 27.26 -48.76
C ALA F 61 11.16 28.37 -49.78
N GLY F 62 11.39 29.61 -49.35
CA GLY F 62 11.55 30.70 -50.29
C GLY F 62 10.84 31.95 -49.85
N LYS F 73 -6.94 35.64 -40.75
CA LYS F 73 -7.20 34.65 -41.80
C LYS F 73 -7.61 33.33 -41.17
N LEU F 74 -7.24 33.14 -39.89
CA LEU F 74 -7.40 31.83 -39.24
C LEU F 74 -8.87 31.51 -38.99
N ASP F 75 -9.66 32.52 -38.63
CA ASP F 75 -11.08 32.30 -38.46
C ASP F 75 -11.82 32.27 -39.79
N VAL F 76 -11.30 32.93 -40.83
CA VAL F 76 -11.87 32.77 -42.17
C VAL F 76 -11.64 31.37 -42.68
N LEU F 77 -10.43 30.83 -42.44
CA LEU F 77 -10.14 29.44 -42.80
C LEU F 77 -11.01 28.49 -42.00
N SER F 78 -11.21 28.75 -40.71
CA SER F 78 -12.07 27.92 -39.87
C SER F 78 -13.50 27.91 -40.41
N ASN F 79 -14.01 29.09 -40.76
CA ASN F 79 -15.37 29.21 -41.28
C ASN F 79 -15.54 28.42 -42.57
N ASP F 80 -14.57 28.54 -43.48
CA ASP F 80 -14.63 27.82 -44.73
C ASP F 80 -14.58 26.31 -44.49
N LEU F 81 -13.79 25.89 -43.50
CA LEU F 81 -13.69 24.47 -43.18
C LEU F 81 -15.04 23.92 -42.71
N VAL F 82 -15.68 24.61 -41.76
CA VAL F 82 -16.99 24.19 -41.28
C VAL F 82 -18.04 24.35 -42.38
N MET F 83 -18.05 25.51 -43.04
CA MET F 83 -18.99 25.75 -44.14
C MET F 83 -18.94 24.65 -45.19
N ASN F 84 -17.75 24.29 -45.64
CA ASN F 84 -17.68 23.33 -46.73
C ASN F 84 -17.96 21.90 -46.26
N MET F 85 -17.50 21.54 -45.06
CA MET F 85 -17.71 20.18 -44.59
C MET F 85 -19.18 19.90 -44.31
N LEU F 86 -19.92 20.90 -43.85
CA LEU F 86 -21.35 20.71 -43.62
C LEU F 86 -22.12 20.70 -44.95
N LYS F 87 -21.80 21.63 -45.85
CA LYS F 87 -22.43 21.66 -47.16
C LYS F 87 -22.34 20.32 -47.86
N SER F 88 -21.13 19.76 -47.91
CA SER F 88 -20.87 18.53 -48.64
C SER F 88 -21.27 17.29 -47.88
N SER F 89 -21.77 17.43 -46.66
CA SER F 89 -22.23 16.29 -45.90
C SER F 89 -23.59 15.76 -46.35
N PHE F 90 -24.35 16.55 -47.12
CA PHE F 90 -25.72 16.22 -47.50
C PHE F 90 -26.65 16.20 -46.28
N ALA F 91 -26.25 16.78 -45.16
CA ALA F 91 -27.05 16.70 -43.94
C ALA F 91 -27.67 18.03 -43.54
N THR F 92 -27.41 19.12 -44.28
CA THR F 92 -27.79 20.44 -43.85
C THR F 92 -28.65 21.13 -44.89
N CYS F 93 -29.37 22.16 -44.45
CA CYS F 93 -30.12 23.04 -45.35
C CYS F 93 -30.00 24.53 -45.00
N VAL F 94 -29.74 24.90 -43.75
CA VAL F 94 -29.47 26.29 -43.38
C VAL F 94 -28.27 26.30 -42.46
N LEU F 95 -27.27 27.14 -42.78
CA LEU F 95 -26.08 27.28 -41.97
C LEU F 95 -25.95 28.73 -41.52
N VAL F 96 -25.88 28.95 -40.21
CA VAL F 96 -25.73 30.27 -39.62
C VAL F 96 -24.35 30.30 -38.94
N SER F 97 -23.54 31.29 -39.31
CA SER F 97 -22.18 31.40 -38.81
C SER F 97 -21.97 32.79 -38.23
N GLU F 98 -21.13 32.88 -37.19
CA GLU F 98 -20.75 34.20 -36.69
C GLU F 98 -20.03 35.02 -37.75
N GLU F 99 -19.39 34.37 -38.72
CA GLU F 99 -18.59 35.05 -39.74
C GLU F 99 -19.40 35.59 -40.90
N ASP F 100 -20.66 35.21 -41.06
CA ASP F 100 -21.43 35.50 -42.26
C ASP F 100 -22.64 36.35 -41.91
N LYS F 101 -22.81 37.46 -42.62
CA LYS F 101 -23.89 38.39 -42.30
C LYS F 101 -25.27 37.73 -42.42
N HIS F 102 -25.51 37.04 -43.53
CA HIS F 102 -26.77 36.37 -43.77
C HIS F 102 -26.59 34.87 -43.59
N ALA F 103 -27.68 34.19 -43.21
CA ALA F 103 -27.67 32.74 -43.17
C ALA F 103 -27.39 32.15 -44.56
N ILE F 104 -26.69 31.03 -44.57
CA ILE F 104 -26.40 30.29 -45.80
C ILE F 104 -27.43 29.18 -45.98
N ILE F 105 -28.04 29.15 -47.15
CA ILE F 105 -29.02 28.14 -47.51
C ILE F 105 -28.33 27.19 -48.47
N VAL F 106 -28.22 25.92 -48.06
CA VAL F 106 -27.52 24.93 -48.86
C VAL F 106 -28.23 24.75 -50.20
N GLU F 107 -27.45 24.67 -51.27
CA GLU F 107 -28.02 24.56 -52.60
C GLU F 107 -28.72 23.21 -52.76
N PRO F 108 -29.73 23.14 -53.66
CA PRO F 108 -30.67 21.99 -53.64
C PRO F 108 -30.05 20.60 -53.63
N GLU F 109 -29.00 20.36 -54.41
CA GLU F 109 -28.47 19.00 -54.46
C GLU F 109 -27.77 18.57 -53.18
N LYS F 110 -27.43 19.51 -52.29
CA LYS F 110 -26.69 19.21 -51.06
C LYS F 110 -27.56 19.25 -49.81
N ARG F 111 -28.88 19.36 -49.97
CA ARG F 111 -29.78 19.60 -48.85
C ARG F 111 -30.07 18.33 -48.04
N GLY F 112 -30.06 18.49 -46.71
CA GLY F 112 -30.49 17.46 -45.78
C GLY F 112 -31.42 18.14 -44.79
N LYS F 113 -31.75 17.50 -43.65
CA LYS F 113 -32.86 17.99 -42.83
C LYS F 113 -32.41 18.85 -41.64
N TYR F 114 -31.12 19.23 -41.54
CA TYR F 114 -30.64 19.88 -40.33
C TYR F 114 -30.19 21.31 -40.58
N VAL F 115 -30.41 22.16 -39.58
CA VAL F 115 -29.92 23.53 -39.52
C VAL F 115 -28.81 23.56 -38.47
N VAL F 116 -27.66 24.12 -38.84
CA VAL F 116 -26.52 24.18 -37.93
C VAL F 116 -26.10 25.63 -37.77
N CYS F 117 -26.01 26.08 -36.52
CA CYS F 117 -25.48 27.39 -36.15
C CYS F 117 -24.17 27.17 -35.43
N PHE F 118 -23.14 27.90 -35.85
CA PHE F 118 -21.81 27.68 -35.28
C PHE F 118 -21.04 28.99 -35.20
N ASP F 119 -20.15 29.06 -34.23
CA ASP F 119 -19.06 30.04 -34.18
C ASP F 119 -17.77 29.28 -34.50
N PRO F 120 -17.20 29.42 -35.70
CA PRO F 120 -16.07 28.55 -36.08
C PRO F 120 -14.78 28.77 -35.30
N LEU F 121 -14.50 29.99 -34.85
CA LEU F 121 -13.27 30.21 -34.05
C LEU F 121 -13.56 31.27 -32.99
N ASP F 122 -14.22 30.83 -31.93
CA ASP F 122 -14.57 31.72 -30.84
C ASP F 122 -13.32 32.05 -30.02
N GLY F 123 -13.17 33.33 -29.68
CA GLY F 123 -12.04 33.82 -28.92
C GLY F 123 -10.85 34.24 -29.73
N SER F 124 -11.00 34.36 -31.06
CA SER F 124 -9.85 34.59 -31.93
C SER F 124 -9.32 36.03 -31.90
N SER F 125 -9.99 36.96 -31.22
CA SER F 125 -9.42 38.30 -31.04
C SER F 125 -8.12 38.26 -30.24
N ASN F 126 -8.06 37.40 -29.22
CA ASN F 126 -6.90 37.25 -28.37
C ASN F 126 -6.05 36.03 -28.71
N ILE F 127 -6.09 35.56 -29.97
CA ILE F 127 -5.33 34.37 -30.33
C ILE F 127 -3.86 34.68 -30.57
N ASP F 128 -3.50 35.97 -30.73
CA ASP F 128 -2.11 36.35 -30.88
C ASP F 128 -1.30 36.14 -29.60
N CYS F 129 -1.93 36.12 -28.43
CA CYS F 129 -1.27 35.73 -27.20
C CYS F 129 -1.46 34.25 -26.88
N LEU F 130 -1.91 33.44 -27.85
CA LEU F 130 -2.08 32.00 -27.67
C LEU F 130 -3.12 31.66 -26.61
N VAL F 131 -4.09 32.54 -26.39
CA VAL F 131 -5.18 32.18 -25.50
C VAL F 131 -6.02 31.09 -26.17
N SER F 132 -6.75 30.35 -25.35
CA SER F 132 -7.63 29.31 -25.85
C SER F 132 -8.62 29.85 -26.85
N VAL F 133 -8.90 29.07 -27.89
CA VAL F 133 -9.96 29.37 -28.84
C VAL F 133 -10.84 28.13 -29.01
N GLY F 134 -11.97 28.32 -29.67
CA GLY F 134 -12.92 27.24 -29.71
C GLY F 134 -13.88 27.37 -30.85
N THR F 135 -14.56 26.26 -31.13
CA THR F 135 -15.64 26.21 -32.09
C THR F 135 -16.90 25.80 -31.34
N ILE F 136 -18.00 26.49 -31.61
CA ILE F 136 -19.29 26.19 -31.00
C ILE F 136 -20.28 25.84 -32.08
N PHE F 137 -21.18 24.90 -31.80
CA PHE F 137 -22.21 24.51 -32.76
C PHE F 137 -23.50 24.12 -32.04
N GLY F 138 -24.63 24.36 -32.71
CA GLY F 138 -25.93 23.88 -32.28
C GLY F 138 -26.67 23.34 -33.49
N ILE F 139 -27.34 22.20 -33.34
CA ILE F 139 -27.96 21.50 -34.47
C ILE F 139 -29.46 21.40 -34.21
N TYR F 140 -30.25 21.92 -35.15
CA TYR F 140 -31.71 21.81 -35.08
C TYR F 140 -32.22 20.93 -36.21
N ARG F 141 -33.41 20.34 -36.02
CA ARG F 141 -34.13 19.81 -37.17
C ARG F 141 -34.93 20.95 -37.82
N LYS F 142 -35.18 20.81 -39.12
CA LYS F 142 -35.90 21.85 -39.86
C LYS F 142 -37.35 21.96 -39.39
N LYS F 143 -37.80 23.19 -39.16
CA LYS F 143 -39.03 23.52 -38.45
C LYS F 143 -40.25 23.68 -39.35
N SER F 144 -40.07 23.78 -40.65
CA SER F 144 -41.18 24.08 -41.55
C SER F 144 -41.10 23.24 -42.81
N THR F 145 -42.23 23.20 -43.53
CA THR F 145 -42.33 22.43 -44.76
C THR F 145 -42.13 23.28 -46.02
N ASP F 146 -41.84 24.58 -45.86
CA ASP F 146 -41.53 25.46 -46.98
C ASP F 146 -40.19 25.11 -47.61
N GLU F 147 -39.84 25.84 -48.65
CA GLU F 147 -38.46 25.83 -49.11
C GLU F 147 -37.61 26.39 -47.98
N PRO F 148 -36.48 25.78 -47.62
CA PRO F 148 -35.73 26.23 -46.43
C PRO F 148 -35.25 27.68 -46.50
N SER F 149 -35.35 28.37 -45.37
CA SER F 149 -34.91 29.76 -45.26
C SER F 149 -34.35 30.00 -43.87
N GLU F 150 -33.88 31.24 -43.65
CA GLU F 150 -33.28 31.59 -42.35
C GLU F 150 -34.25 31.39 -41.20
N LYS F 151 -35.55 31.51 -41.45
CA LYS F 151 -36.54 31.29 -40.39
C LYS F 151 -36.31 29.96 -39.70
N ASP F 152 -35.77 28.97 -40.43
CA ASP F 152 -35.53 27.65 -39.86
C ASP F 152 -34.47 27.69 -38.77
N ALA F 153 -33.65 28.74 -38.71
CA ALA F 153 -32.65 28.87 -37.68
C ALA F 153 -33.14 29.67 -36.48
N LEU F 154 -34.35 30.22 -36.54
CA LEU F 154 -34.87 31.03 -35.44
C LEU F 154 -35.67 30.22 -34.43
N GLN F 155 -35.24 29.02 -34.13
CA GLN F 155 -35.93 28.26 -33.11
C GLN F 155 -35.32 28.52 -31.73
N PRO F 156 -36.08 28.40 -30.65
CA PRO F 156 -35.46 28.49 -29.32
C PRO F 156 -34.59 27.28 -29.06
N GLY F 157 -33.61 27.47 -28.19
CA GLY F 157 -32.69 26.40 -27.85
C GLY F 157 -33.37 25.14 -27.35
N ARG F 158 -34.59 25.25 -26.80
CA ARG F 158 -35.35 24.07 -26.39
C ARG F 158 -35.42 23.03 -27.51
N ASN F 159 -35.44 23.48 -28.77
CA ASN F 159 -35.60 22.60 -29.92
C ASN F 159 -34.30 21.94 -30.36
N LEU F 160 -33.18 22.24 -29.71
CA LEU F 160 -31.90 21.71 -30.14
C LEU F 160 -31.91 20.19 -30.13
N VAL F 161 -31.44 19.62 -31.24
CA VAL F 161 -31.25 18.18 -31.37
C VAL F 161 -29.92 17.74 -30.76
N ALA F 162 -28.89 18.56 -30.94
CA ALA F 162 -27.56 18.32 -30.39
C ALA F 162 -26.77 19.61 -30.48
N ALA F 163 -25.83 19.79 -29.55
CA ALA F 163 -24.99 20.97 -29.52
C ALA F 163 -23.70 20.64 -28.77
N GLY F 164 -22.71 21.50 -28.91
CA GLY F 164 -21.45 21.27 -28.23
C GLY F 164 -20.39 22.25 -28.68
N TYR F 165 -19.13 21.91 -28.37
CA TYR F 165 -18.01 22.78 -28.68
C TYR F 165 -16.72 21.98 -28.79
N ALA F 166 -15.75 22.53 -29.51
CA ALA F 166 -14.36 22.07 -29.48
C ALA F 166 -13.52 23.12 -28.76
N LEU F 167 -12.65 22.69 -27.84
CA LEU F 167 -11.73 23.59 -27.16
C LEU F 167 -10.32 23.31 -27.64
N TYR F 168 -9.69 24.32 -28.26
CA TYR F 168 -8.30 24.19 -28.70
C TYR F 168 -7.42 24.81 -27.62
N GLY F 169 -7.24 24.06 -26.55
CA GLY F 169 -6.50 24.50 -25.37
C GLY F 169 -5.15 23.85 -25.29
N SER F 170 -4.74 23.43 -24.09
CA SER F 170 -3.51 22.65 -23.98
C SER F 170 -3.62 21.35 -24.75
N ALA F 171 -4.82 20.76 -24.78
CA ALA F 171 -5.22 19.71 -25.69
C ALA F 171 -6.52 20.14 -26.35
N THR F 172 -6.91 19.41 -27.38
CA THR F 172 -8.12 19.69 -28.13
C THR F 172 -9.20 18.69 -27.69
N MET F 173 -10.29 19.21 -27.17
CA MET F 173 -11.39 18.40 -26.70
C MET F 173 -12.68 18.82 -27.39
N LEU F 174 -13.48 17.82 -27.76
CA LEU F 174 -14.80 18.01 -28.31
C LEU F 174 -15.80 17.54 -27.26
N VAL F 175 -16.73 18.40 -26.90
CA VAL F 175 -17.82 18.11 -25.97
C VAL F 175 -19.11 18.08 -26.78
N LEU F 176 -19.80 16.94 -26.75
CA LEU F 176 -21.02 16.70 -27.52
C LEU F 176 -22.17 16.46 -26.56
N ALA F 177 -23.21 17.30 -26.65
CA ALA F 177 -24.39 17.17 -25.82
C ALA F 177 -25.58 16.74 -26.68
N MET F 178 -26.21 15.66 -26.28
CA MET F 178 -27.42 15.17 -26.95
C MET F 178 -28.47 14.78 -25.93
N ASP F 179 -29.54 14.11 -26.38
CA ASP F 179 -30.57 13.68 -25.47
C ASP F 179 -30.03 12.73 -24.43
N CYS F 180 -29.05 11.92 -24.81
CA CYS F 180 -28.44 10.96 -23.92
C CYS F 180 -27.42 11.56 -22.97
N GLY F 181 -27.17 12.86 -23.02
CA GLY F 181 -26.25 13.51 -22.10
C GLY F 181 -25.02 14.07 -22.80
N VAL F 182 -24.05 14.46 -21.99
CA VAL F 182 -22.85 15.13 -22.45
C VAL F 182 -21.69 14.15 -22.37
N ASN F 183 -20.91 14.05 -23.44
CA ASN F 183 -19.74 13.18 -23.50
C ASN F 183 -18.55 13.96 -24.02
N CYS F 184 -17.37 13.68 -23.47
CA CYS F 184 -16.12 14.40 -23.76
C CYS F 184 -15.15 13.52 -24.52
N PHE F 185 -14.65 14.03 -25.64
CA PHE F 185 -13.73 13.31 -26.50
C PHE F 185 -12.43 14.09 -26.57
N MET F 186 -11.31 13.39 -26.42
CA MET F 186 -9.99 14.00 -26.52
C MET F 186 -9.40 13.72 -27.89
N LEU F 187 -8.99 14.77 -28.60
CA LEU F 187 -8.34 14.54 -29.88
C LEU F 187 -6.94 13.96 -29.64
N ASP F 188 -6.70 12.73 -30.10
CA ASP F 188 -5.37 12.15 -30.11
C ASP F 188 -4.69 12.55 -31.42
N PRO F 189 -3.76 13.50 -31.41
CA PRO F 189 -3.20 14.00 -32.67
C PRO F 189 -2.33 13.02 -33.40
N ALA F 190 -1.82 11.98 -32.72
CA ALA F 190 -1.00 11.01 -33.40
C ALA F 190 -1.80 10.27 -34.46
N ILE F 191 -3.11 10.12 -34.25
CA ILE F 191 -3.97 9.41 -35.19
C ILE F 191 -5.17 10.23 -35.63
N GLY F 192 -5.35 11.45 -35.12
CA GLY F 192 -6.45 12.27 -35.55
C GLY F 192 -7.80 11.61 -35.27
N GLU F 193 -7.99 11.15 -34.04
CA GLU F 193 -9.21 10.47 -33.62
C GLU F 193 -9.63 11.03 -32.26
N PHE F 194 -10.93 11.26 -32.08
CA PHE F 194 -11.47 11.75 -30.82
C PHE F 194 -11.76 10.58 -29.92
N ILE F 195 -11.00 10.48 -28.83
CA ILE F 195 -11.12 9.36 -27.91
C ILE F 195 -12.06 9.78 -26.78
N LEU F 196 -13.12 8.99 -26.56
CA LEU F 196 -14.05 9.26 -25.47
C LEU F 196 -13.33 9.12 -24.14
N VAL F 197 -13.32 10.20 -23.37
CA VAL F 197 -12.63 10.22 -22.08
C VAL F 197 -13.55 10.44 -20.90
N ASP F 198 -14.73 11.05 -21.08
CA ASP F 198 -15.71 11.25 -20.01
C ASP F 198 -17.10 10.90 -20.51
N LYS F 199 -17.69 9.80 -20.04
CA LYS F 199 -19.04 9.44 -20.45
C LYS F 199 -20.05 10.11 -19.54
N ASP F 200 -21.09 10.71 -20.14
CA ASP F 200 -22.29 11.18 -19.45
C ASP F 200 -21.92 12.07 -18.27
N VAL F 201 -21.35 13.22 -18.62
CA VAL F 201 -20.70 14.09 -17.65
C VAL F 201 -21.75 14.92 -16.93
N LYS F 202 -21.53 15.14 -15.63
CA LYS F 202 -22.44 15.95 -14.81
C LYS F 202 -21.66 17.03 -14.06
N ILE F 203 -22.22 18.24 -14.05
CA ILE F 203 -21.59 19.38 -13.39
C ILE F 203 -21.84 19.31 -11.88
N LYS F 204 -20.86 19.81 -11.11
CA LYS F 204 -21.02 19.92 -9.67
C LYS F 204 -22.27 20.72 -9.34
N LYS F 205 -22.95 20.32 -8.28
CA LYS F 205 -24.13 21.04 -7.84
C LYS F 205 -23.75 22.44 -7.39
N LYS F 206 -22.56 22.61 -6.82
CA LYS F 206 -22.09 23.92 -6.42
C LYS F 206 -20.57 23.99 -6.61
N GLY F 207 -20.10 25.12 -7.16
CA GLY F 207 -18.70 25.32 -7.44
C GLY F 207 -18.08 26.33 -6.47
N LYS F 208 -16.82 26.67 -6.75
CA LYS F 208 -16.04 27.57 -5.91
C LYS F 208 -15.33 28.65 -6.71
N ILE F 209 -15.76 28.90 -7.94
CA ILE F 209 -15.12 29.87 -8.83
C ILE F 209 -16.20 30.69 -9.51
N TYR F 210 -15.98 32.00 -9.60
CA TYR F 210 -16.82 32.84 -10.43
C TYR F 210 -15.99 33.39 -11.56
N SER F 211 -16.67 33.70 -12.67
CA SER F 211 -16.01 34.03 -13.93
C SER F 211 -16.78 35.13 -14.62
N LEU F 212 -16.19 36.32 -14.66
CA LEU F 212 -16.73 37.41 -15.48
C LEU F 212 -15.68 38.51 -15.53
N ASN F 213 -15.85 39.42 -16.48
CA ASN F 213 -14.94 40.52 -16.67
C ASN F 213 -15.27 41.62 -15.66
N GLU F 214 -14.54 41.62 -14.55
CA GLU F 214 -14.77 42.62 -13.51
C GLU F 214 -14.29 44.02 -13.91
N GLY F 215 -13.69 44.17 -15.09
CA GLY F 215 -13.34 45.50 -15.58
C GLY F 215 -14.53 46.36 -15.94
N TYR F 216 -15.69 45.75 -16.21
CA TYR F 216 -16.92 46.48 -16.51
C TYR F 216 -17.76 46.72 -15.26
N ALA F 217 -17.13 46.72 -14.09
CA ALA F 217 -17.87 46.83 -12.83
C ALA F 217 -18.57 48.17 -12.70
N LYS F 218 -18.01 49.22 -13.29
CA LYS F 218 -18.65 50.53 -13.26
C LYS F 218 -20.05 50.47 -13.86
N ASP F 219 -20.28 49.59 -14.85
CA ASP F 219 -21.55 49.50 -15.56
C ASP F 219 -22.43 48.37 -15.05
N PHE F 220 -22.03 47.69 -13.97
CA PHE F 220 -22.75 46.51 -13.53
C PHE F 220 -24.18 46.82 -13.15
N ASP F 221 -25.07 45.90 -13.53
CA ASP F 221 -26.40 45.86 -12.95
C ASP F 221 -26.27 45.67 -11.45
N PRO F 222 -27.14 46.29 -10.65
CA PRO F 222 -27.00 46.15 -9.19
C PRO F 222 -27.04 44.72 -8.71
N ALA F 223 -27.82 43.86 -9.36
CA ALA F 223 -27.86 42.45 -8.97
C ALA F 223 -26.52 41.78 -9.20
N VAL F 224 -25.84 42.12 -10.30
CA VAL F 224 -24.52 41.58 -10.56
C VAL F 224 -23.50 42.08 -9.55
N THR F 225 -23.54 43.38 -9.21
CA THR F 225 -22.65 43.90 -8.20
C THR F 225 -22.78 43.14 -6.88
N GLU F 226 -24.01 42.89 -6.44
CA GLU F 226 -24.22 42.19 -5.19
C GLU F 226 -23.76 40.74 -5.25
N TYR F 227 -24.06 40.05 -6.36
CA TYR F 227 -23.69 38.64 -6.43
C TYR F 227 -22.18 38.45 -6.29
N ILE F 228 -21.39 39.26 -6.99
CA ILE F 228 -19.93 39.11 -6.91
C ILE F 228 -19.42 39.44 -5.52
N GLN F 229 -19.98 40.47 -4.90
CA GLN F 229 -19.57 40.80 -3.53
C GLN F 229 -19.83 39.63 -2.58
N ARG F 230 -20.89 38.85 -2.82
CA ARG F 230 -21.15 37.66 -2.00
C ARG F 230 -20.10 36.58 -2.23
N LYS F 231 -19.46 36.54 -3.41
CA LYS F 231 -18.41 35.55 -3.63
C LYS F 231 -17.12 35.91 -2.91
N LYS F 232 -16.82 37.21 -2.77
CA LYS F 232 -15.60 37.62 -2.07
C LYS F 232 -15.83 37.69 -0.55
N PHE F 233 -17.05 38.01 -0.12
CA PHE F 233 -17.37 38.23 1.29
C PHE F 233 -18.65 37.45 1.60
N PRO F 234 -18.54 36.14 1.80
CA PRO F 234 -19.75 35.28 1.89
C PRO F 234 -20.62 35.60 3.09
N PRO F 235 -21.94 35.75 2.87
CA PRO F 235 -22.85 36.04 3.98
C PRO F 235 -23.02 34.91 5.00
N ASP F 236 -22.87 33.65 4.59
CA ASP F 236 -22.83 32.57 5.57
C ASP F 236 -21.39 32.21 5.94
N ASN F 237 -20.52 33.21 6.09
CA ASN F 237 -19.09 33.12 6.44
C ASN F 237 -18.30 31.92 5.90
N SER F 238 -18.81 31.25 4.86
CA SER F 238 -18.05 30.19 4.19
C SER F 238 -16.90 30.79 3.36
N ALA F 239 -16.08 29.93 2.76
CA ALA F 239 -14.85 30.40 2.12
C ALA F 239 -15.13 31.17 0.84
N PRO F 240 -14.42 32.28 0.59
CA PRO F 240 -14.62 33.04 -0.65
C PRO F 240 -14.27 32.22 -1.89
N TYR F 241 -14.95 32.54 -2.98
CA TYR F 241 -14.65 31.91 -4.27
C TYR F 241 -13.34 32.44 -4.84
N GLY F 242 -12.70 31.60 -5.64
CA GLY F 242 -11.66 32.08 -6.54
C GLY F 242 -12.26 32.71 -7.77
N ALA F 243 -11.47 33.54 -8.45
CA ALA F 243 -11.89 34.17 -9.70
C ALA F 243 -11.05 33.67 -10.86
N ARG F 244 -11.70 33.41 -12.01
CA ARG F 244 -11.04 33.06 -13.26
C ARG F 244 -11.77 33.74 -14.41
N TYR F 245 -11.03 34.33 -15.35
CA TYR F 245 -11.68 34.86 -16.54
C TYR F 245 -10.64 34.85 -17.67
N VAL F 246 -10.75 33.85 -18.55
CA VAL F 246 -9.83 33.74 -19.67
C VAL F 246 -10.10 34.82 -20.69
N GLY F 247 -11.36 35.19 -20.86
CA GLY F 247 -11.77 36.07 -21.94
C GLY F 247 -12.13 35.34 -23.22
N SER F 248 -12.14 34.00 -23.20
CA SER F 248 -12.58 33.19 -24.32
C SER F 248 -13.68 32.26 -23.83
N MET F 249 -14.87 32.39 -24.41
CA MET F 249 -16.05 31.74 -23.84
C MET F 249 -15.90 30.24 -23.75
N VAL F 250 -15.39 29.60 -24.81
CA VAL F 250 -15.23 28.14 -24.77
C VAL F 250 -14.34 27.73 -23.60
N ALA F 251 -13.23 28.45 -23.38
CA ALA F 251 -12.31 28.10 -22.30
C ALA F 251 -12.97 28.26 -20.93
N ASP F 252 -13.64 29.39 -20.70
CA ASP F 252 -14.25 29.65 -19.39
C ASP F 252 -15.44 28.75 -19.12
N VAL F 253 -16.30 28.54 -20.13
CA VAL F 253 -17.46 27.67 -19.95
C VAL F 253 -17.03 26.24 -19.73
N HIS F 254 -16.00 25.79 -20.44
CA HIS F 254 -15.55 24.42 -20.24
C HIS F 254 -14.98 24.23 -18.83
N ARG F 255 -14.25 25.23 -18.33
CA ARG F 255 -13.80 25.20 -16.94
C ARG F 255 -15.00 25.12 -15.99
N THR F 256 -16.06 25.88 -16.29
CA THR F 256 -17.27 25.82 -15.49
C THR F 256 -17.83 24.39 -15.43
N LEU F 257 -17.89 23.73 -16.59
CA LEU F 257 -18.39 22.35 -16.65
C LEU F 257 -17.50 21.38 -15.88
N VAL F 258 -16.19 21.51 -16.02
CA VAL F 258 -15.28 20.49 -15.50
C VAL F 258 -15.07 20.64 -14.01
N TYR F 259 -14.98 21.87 -13.51
CA TYR F 259 -14.68 22.12 -12.10
C TYR F 259 -15.88 22.58 -11.30
N GLY F 260 -16.98 22.94 -11.95
CA GLY F 260 -18.07 23.59 -11.27
C GLY F 260 -17.81 25.07 -11.13
N GLY F 261 -18.83 25.78 -10.70
CA GLY F 261 -18.77 27.23 -10.56
C GLY F 261 -19.82 27.93 -11.38
N ILE F 262 -19.60 29.20 -11.67
CA ILE F 262 -20.59 30.04 -12.33
C ILE F 262 -19.87 30.91 -13.35
N PHE F 263 -20.46 31.00 -14.53
CA PHE F 263 -19.95 31.89 -15.57
C PHE F 263 -21.02 32.94 -15.89
N LEU F 264 -20.60 34.20 -15.92
CA LEU F 264 -21.50 35.33 -16.14
C LEU F 264 -20.96 36.21 -17.26
N TYR F 265 -21.80 36.51 -18.25
CA TYR F 265 -21.61 37.64 -19.15
C TYR F 265 -22.94 38.38 -19.14
N PRO F 266 -23.20 39.16 -18.10
CA PRO F 266 -24.57 39.63 -17.85
C PRO F 266 -24.90 40.91 -18.60
N ALA F 267 -26.17 41.28 -18.50
CA ALA F 267 -26.64 42.52 -19.10
C ALA F 267 -26.35 43.69 -18.18
N ASN F 268 -26.13 44.84 -18.80
CA ASN F 268 -25.92 46.10 -18.09
C ASN F 268 -26.60 47.21 -18.89
N LYS F 269 -26.41 48.45 -18.44
CA LYS F 269 -27.00 49.57 -19.14
C LYS F 269 -26.28 49.87 -20.46
N LYS F 270 -25.00 49.50 -20.56
CA LYS F 270 -24.23 49.75 -21.77
C LYS F 270 -24.59 48.77 -22.90
N SER F 271 -25.04 47.57 -22.55
CA SER F 271 -25.42 46.55 -23.52
C SER F 271 -26.62 45.82 -22.96
N PRO F 272 -27.81 46.44 -23.04
CA PRO F 272 -28.96 45.87 -22.32
C PRO F 272 -29.33 44.47 -22.75
N ASN F 273 -28.83 44.00 -23.90
CA ASN F 273 -29.03 42.60 -24.28
C ASN F 273 -27.76 41.75 -24.16
N GLY F 274 -26.71 42.24 -23.48
CA GLY F 274 -25.49 41.47 -23.35
C GLY F 274 -24.60 41.54 -24.58
N LYS F 275 -23.56 40.71 -24.58
CA LYS F 275 -22.59 40.68 -25.68
C LYS F 275 -22.55 39.34 -26.41
N LEU F 276 -22.67 38.23 -25.72
CA LEU F 276 -22.60 36.94 -26.39
C LEU F 276 -23.85 36.72 -27.24
N ARG F 277 -23.67 35.99 -28.35
CA ARG F 277 -24.73 35.76 -29.34
C ARG F 277 -25.61 34.60 -28.94
N LEU F 278 -26.93 34.77 -29.14
CA LEU F 278 -27.88 33.78 -28.64
C LEU F 278 -27.79 32.46 -29.42
N LEU F 279 -27.75 32.53 -30.75
CA LEU F 279 -27.92 31.33 -31.55
C LEU F 279 -26.71 30.40 -31.46
N TYR F 280 -25.50 30.91 -31.67
CA TYR F 280 -24.36 30.03 -31.83
C TYR F 280 -23.32 30.21 -30.72
N GLU F 281 -23.63 30.95 -29.66
CA GLU F 281 -22.80 30.98 -28.46
C GLU F 281 -23.59 30.59 -27.21
N CYS F 282 -24.65 31.31 -26.89
CA CYS F 282 -25.36 31.07 -25.64
C CYS F 282 -26.16 29.77 -25.68
N ASN F 283 -26.94 29.54 -26.74
CA ASN F 283 -27.80 28.36 -26.78
C ASN F 283 -27.04 27.04 -26.73
N PRO F 284 -26.01 26.80 -27.56
CA PRO F 284 -25.29 25.52 -27.46
C PRO F 284 -24.63 25.31 -26.10
N MET F 285 -24.12 26.37 -25.49
CA MET F 285 -23.55 26.23 -24.15
C MET F 285 -24.63 26.01 -23.12
N ALA F 286 -25.78 26.67 -23.28
CA ALA F 286 -26.93 26.43 -22.42
C ALA F 286 -27.37 24.98 -22.51
N TYR F 287 -27.39 24.44 -23.73
CA TYR F 287 -27.81 23.06 -23.93
C TYR F 287 -26.85 22.10 -23.24
N VAL F 288 -25.55 22.29 -23.44
CA VAL F 288 -24.56 21.47 -22.75
C VAL F 288 -24.76 21.57 -21.23
N MET F 289 -24.94 22.78 -20.72
CA MET F 289 -25.08 22.96 -19.27
C MET F 289 -26.29 22.19 -18.73
N GLU F 290 -27.45 22.36 -19.35
CA GLU F 290 -28.64 21.70 -18.81
C GLU F 290 -28.58 20.19 -18.99
N LYS F 291 -28.08 19.71 -20.13
CA LYS F 291 -27.90 18.27 -20.30
C LYS F 291 -26.90 17.70 -19.31
N ALA F 292 -26.03 18.51 -18.73
CA ALA F 292 -25.09 18.05 -17.71
C ALA F 292 -25.58 18.33 -16.29
N GLY F 293 -26.84 18.73 -16.13
CA GLY F 293 -27.38 19.04 -14.82
C GLY F 293 -27.15 20.44 -14.34
N GLY F 294 -26.76 21.36 -15.22
CA GLY F 294 -26.56 22.74 -14.86
C GLY F 294 -27.72 23.61 -15.34
N MET F 295 -27.51 24.91 -15.20
CA MET F 295 -28.52 25.90 -15.58
C MET F 295 -27.87 26.99 -16.42
N ALA F 296 -28.70 27.67 -17.18
CA ALA F 296 -28.27 28.81 -18.00
C ALA F 296 -29.44 29.75 -18.13
N THR F 297 -29.30 30.96 -17.58
CA THR F 297 -30.40 31.91 -17.53
C THR F 297 -29.95 33.23 -18.13
N THR F 298 -30.92 33.95 -18.70
CA THR F 298 -30.72 35.33 -19.11
C THR F 298 -30.87 36.30 -17.96
N GLY F 299 -31.25 35.80 -16.79
CA GLY F 299 -31.60 36.62 -15.66
C GLY F 299 -33.09 36.66 -15.51
N LYS F 300 -33.78 36.87 -16.64
CA LYS F 300 -35.24 36.87 -16.71
C LYS F 300 -35.80 35.51 -17.10
N GLU F 301 -35.11 34.77 -17.95
CA GLU F 301 -35.64 33.50 -18.45
C GLU F 301 -34.50 32.54 -18.74
N ALA F 302 -34.84 31.26 -18.83
CA ALA F 302 -33.90 30.25 -19.28
C ALA F 302 -33.41 30.58 -20.69
N VAL F 303 -32.11 30.39 -20.92
CA VAL F 303 -31.52 30.70 -22.23
C VAL F 303 -32.23 29.92 -23.33
N LEU F 304 -32.44 28.62 -23.13
CA LEU F 304 -33.08 27.77 -24.12
C LEU F 304 -34.55 28.13 -24.35
N ASP F 305 -35.15 28.96 -23.51
CA ASP F 305 -36.53 29.37 -23.68
C ASP F 305 -36.69 30.66 -24.49
N VAL F 306 -35.59 31.30 -24.87
CA VAL F 306 -35.65 32.51 -25.69
C VAL F 306 -36.05 32.16 -27.11
N ILE F 307 -37.07 32.84 -27.63
CA ILE F 307 -37.51 32.69 -29.01
C ILE F 307 -36.79 33.77 -29.83
N PRO F 308 -35.80 33.42 -30.64
CA PRO F 308 -35.02 34.45 -31.34
C PRO F 308 -35.81 35.12 -32.45
N THR F 309 -35.48 36.38 -32.70
CA THR F 309 -36.00 37.08 -33.86
C THR F 309 -34.93 37.40 -34.90
N ASP F 310 -33.65 37.35 -34.52
CA ASP F 310 -32.55 37.62 -35.42
C ASP F 310 -31.43 36.63 -35.13
N ILE F 311 -30.79 36.12 -36.18
CA ILE F 311 -29.77 35.08 -36.02
C ILE F 311 -28.52 35.59 -35.29
N HIS F 312 -28.23 36.90 -35.37
CA HIS F 312 -27.07 37.48 -34.70
C HIS F 312 -27.43 38.27 -33.46
N GLN F 313 -28.60 38.02 -32.87
CA GLN F 313 -28.99 38.78 -31.70
C GLN F 313 -28.17 38.36 -30.49
N ARG F 314 -27.98 39.30 -29.57
CA ARG F 314 -27.22 39.05 -28.35
C ARG F 314 -28.14 38.63 -27.21
N ALA F 315 -27.53 38.00 -26.20
CA ALA F 315 -28.25 37.54 -25.03
C ALA F 315 -27.33 37.57 -23.82
N PRO F 316 -27.81 38.04 -22.68
CA PRO F 316 -27.01 37.89 -21.45
C PRO F 316 -26.99 36.46 -20.98
N VAL F 317 -25.93 36.09 -20.29
CA VAL F 317 -25.74 34.70 -19.88
C VAL F 317 -25.18 34.65 -18.48
N ILE F 318 -25.78 33.80 -17.66
CA ILE F 318 -25.28 33.37 -16.37
C ILE F 318 -25.55 31.87 -16.36
N LEU F 319 -24.50 31.06 -16.26
CA LEU F 319 -24.64 29.62 -16.39
C LEU F 319 -23.67 28.92 -15.46
N GLY F 320 -23.89 27.62 -15.27
CA GLY F 320 -23.02 26.82 -14.43
C GLY F 320 -23.76 25.93 -13.43
N SER F 321 -23.11 25.66 -12.30
CA SER F 321 -23.67 24.79 -11.29
C SER F 321 -25.07 25.28 -10.89
N PRO F 322 -26.00 24.38 -10.61
CA PRO F 322 -27.38 24.85 -10.34
C PRO F 322 -27.46 25.74 -9.12
N ASP F 323 -26.75 25.42 -8.03
CA ASP F 323 -26.84 26.26 -6.83
C ASP F 323 -26.32 27.65 -7.09
N ASP F 324 -25.28 27.78 -7.90
CA ASP F 324 -24.69 29.10 -8.13
C ASP F 324 -25.60 29.95 -9.02
N VAL F 325 -26.21 29.34 -10.03
CA VAL F 325 -27.18 30.03 -10.86
C VAL F 325 -28.41 30.38 -10.03
N LEU F 326 -28.86 29.46 -9.18
CA LEU F 326 -29.99 29.76 -8.30
C LEU F 326 -29.67 30.91 -7.35
N GLU F 327 -28.46 30.91 -6.79
CA GLU F 327 -28.06 32.00 -5.91
C GLU F 327 -28.04 33.33 -6.65
N PHE F 328 -27.49 33.36 -7.87
CA PHE F 328 -27.52 34.62 -8.60
C PHE F 328 -28.95 35.06 -8.88
N LEU F 329 -29.83 34.11 -9.23
CA LEU F 329 -31.19 34.45 -9.59
C LEU F 329 -31.97 35.02 -8.40
N LYS F 330 -31.75 34.50 -7.19
CA LYS F 330 -32.37 35.09 -6.01
C LYS F 330 -31.94 36.53 -5.83
N VAL F 331 -30.63 36.80 -5.99
CA VAL F 331 -30.16 38.18 -5.97
C VAL F 331 -30.81 38.97 -7.10
N TYR F 332 -30.90 38.37 -8.28
CA TYR F 332 -31.49 39.08 -9.41
C TYR F 332 -32.96 39.39 -9.14
N GLU F 333 -33.71 38.39 -8.70
CA GLU F 333 -35.13 38.57 -8.43
C GLU F 333 -35.36 39.48 -7.23
N LYS F 334 -34.50 39.42 -6.22
CA LYS F 334 -34.65 40.32 -5.07
C LYS F 334 -34.53 41.79 -5.47
N HIS F 335 -33.75 42.11 -6.49
CA HIS F 335 -33.71 43.52 -6.91
C HIS F 335 -34.88 43.79 -7.86
N SER F 336 -35.95 43.03 -7.68
CA SER F 336 -37.18 43.12 -8.47
C SER F 336 -36.94 42.82 -9.95
N ASP G 10 22.24 7.18 -22.59
CA ASP G 10 21.95 8.60 -22.73
C ASP G 10 21.41 8.86 -24.12
N VAL G 11 20.28 9.56 -24.20
CA VAL G 11 19.65 9.85 -25.49
C VAL G 11 20.52 10.80 -26.30
N ASN G 12 20.54 10.61 -27.61
CA ASN G 12 21.30 11.48 -28.47
C ASN G 12 20.44 11.89 -29.65
N THR G 13 20.51 13.15 -29.99
CA THR G 13 19.85 13.72 -31.15
C THR G 13 20.89 14.11 -32.20
N LEU G 14 20.42 14.37 -33.42
CA LEU G 14 21.35 14.78 -34.48
C LEU G 14 22.05 16.08 -34.12
N THR G 15 21.28 17.08 -33.68
CA THR G 15 21.85 18.39 -33.36
C THR G 15 22.86 18.29 -32.24
N ARG G 16 22.56 17.53 -31.20
CA ARG G 16 23.52 17.32 -30.13
C ARG G 16 24.75 16.58 -30.65
N PHE G 17 24.54 15.59 -31.51
CA PHE G 17 25.66 14.80 -32.01
C PHE G 17 26.66 15.68 -32.73
N VAL G 18 26.16 16.49 -33.66
CA VAL G 18 27.01 17.36 -34.46
C VAL G 18 27.66 18.43 -33.58
N MET G 19 26.97 18.89 -32.54
CA MET G 19 27.62 19.85 -31.65
C MET G 19 28.73 19.20 -30.85
N GLU G 20 28.52 17.98 -30.37
CA GLU G 20 29.57 17.36 -29.59
C GLU G 20 30.81 17.11 -30.43
N GLU G 21 30.61 16.52 -31.61
CA GLU G 21 31.74 16.28 -32.50
C GLU G 21 32.36 17.58 -32.98
N GLY G 22 31.51 18.59 -33.23
CA GLY G 22 31.99 19.89 -33.66
C GLY G 22 32.84 20.61 -32.63
N ARG G 23 32.57 20.40 -31.33
CA ARG G 23 33.36 21.01 -30.26
C ARG G 23 34.62 20.20 -29.97
N LYS G 24 34.54 18.87 -30.00
CA LYS G 24 35.77 18.08 -29.92
C LYS G 24 36.78 18.52 -30.97
N ALA G 25 36.32 18.70 -32.21
CA ALA G 25 37.22 19.12 -33.27
C ALA G 25 37.56 20.61 -33.21
N ARG G 26 36.89 21.37 -32.33
CA ARG G 26 37.15 22.80 -32.11
C ARG G 26 37.12 23.58 -33.41
N GLY G 27 36.13 23.27 -34.25
CA GLY G 27 35.96 23.96 -35.51
C GLY G 27 35.20 25.27 -35.32
N THR G 28 35.08 26.00 -36.42
CA THR G 28 34.45 27.33 -36.35
C THR G 28 32.95 27.26 -36.12
N GLY G 29 32.30 26.11 -36.39
CA GLY G 29 30.85 26.00 -36.28
C GLY G 29 30.12 26.06 -37.60
N GLU G 30 30.82 26.32 -38.70
CA GLU G 30 30.19 26.51 -40.00
C GLU G 30 29.58 25.22 -40.53
N LEU G 31 30.28 24.10 -40.36
CA LEU G 31 29.72 22.82 -40.79
C LEU G 31 28.51 22.44 -39.96
N THR G 32 28.60 22.66 -38.65
CA THR G 32 27.48 22.38 -37.76
C THR G 32 26.25 23.18 -38.16
N GLN G 33 26.44 24.45 -38.53
CA GLN G 33 25.32 25.24 -39.03
C GLN G 33 24.75 24.67 -40.33
N LEU G 34 25.62 24.18 -41.24
CA LEU G 34 25.12 23.60 -42.48
C LEU G 34 24.29 22.36 -42.20
N LEU G 35 24.85 21.43 -41.42
CA LEU G 35 24.14 20.19 -41.12
C LEU G 35 22.80 20.46 -40.44
N ASN G 36 22.76 21.46 -39.54
CA ASN G 36 21.51 21.82 -38.89
C ASN G 36 20.47 22.32 -39.89
N SER G 37 20.86 23.15 -40.83
CA SER G 37 19.95 23.62 -41.87
C SER G 37 19.45 22.46 -42.73
N LEU G 38 20.33 21.53 -43.06
CA LEU G 38 19.94 20.39 -43.89
C LEU G 38 19.00 19.46 -43.12
N CYS G 39 19.31 19.21 -41.86
CA CYS G 39 18.40 18.44 -41.02
C CYS G 39 17.02 19.07 -40.98
N THR G 40 16.95 20.39 -40.83
CA THR G 40 15.64 21.04 -40.83
C THR G 40 14.94 20.84 -42.16
N ALA G 41 15.67 21.02 -43.27
CA ALA G 41 15.08 20.81 -44.59
C ALA G 41 14.54 19.39 -44.72
N VAL G 42 15.31 18.42 -44.24
CA VAL G 42 14.87 17.04 -44.31
C VAL G 42 13.55 16.84 -43.57
N LYS G 43 13.40 17.45 -42.39
CA LYS G 43 12.13 17.34 -41.67
C LYS G 43 10.99 17.95 -42.48
N ALA G 44 11.25 19.07 -43.14
CA ALA G 44 10.19 19.68 -43.95
C ALA G 44 9.83 18.79 -45.14
N ILE G 45 10.85 18.22 -45.81
CA ILE G 45 10.58 17.35 -46.96
C ILE G 45 9.78 16.12 -46.52
N SER G 46 10.18 15.50 -45.40
CA SER G 46 9.48 14.34 -44.91
C SER G 46 8.02 14.66 -44.66
N SER G 47 7.74 15.84 -44.07
CA SER G 47 6.37 16.29 -43.84
C SER G 47 5.60 16.42 -45.15
N ALA G 48 6.25 16.89 -46.20
CA ALA G 48 5.57 17.04 -47.47
C ALA G 48 5.35 15.67 -48.12
N VAL G 49 6.36 14.80 -48.04
CA VAL G 49 6.26 13.48 -48.65
C VAL G 49 5.17 12.64 -47.97
N ARG G 50 5.05 12.69 -46.65
CA ARG G 50 3.95 11.98 -45.99
C ARG G 50 2.60 12.66 -46.21
N LYS G 51 2.54 13.73 -46.99
CA LYS G 51 1.29 14.34 -47.46
C LYS G 51 0.53 15.12 -46.39
N ALA G 52 1.21 15.70 -45.42
CA ALA G 52 0.51 16.59 -44.49
C ALA G 52 -0.12 17.76 -45.24
N GLY G 53 -1.36 18.07 -44.90
CA GLY G 53 -2.14 19.10 -45.55
C GLY G 53 -2.73 18.73 -46.90
N ILE G 54 -2.59 17.48 -47.34
CA ILE G 54 -3.15 17.10 -48.64
C ILE G 54 -4.67 17.34 -48.70
N ALA G 55 -5.38 17.23 -47.56
CA ALA G 55 -6.82 17.51 -47.56
C ALA G 55 -7.12 18.90 -48.14
N HIS G 56 -6.23 19.86 -47.93
CA HIS G 56 -6.42 21.20 -48.45
C HIS G 56 -6.20 21.22 -49.96
N LEU G 57 -5.32 20.37 -50.48
CA LEU G 57 -5.22 20.25 -51.92
C LEU G 57 -6.56 19.82 -52.52
N TYR G 58 -7.34 19.05 -51.76
CA TYR G 58 -8.59 18.46 -52.23
C TYR G 58 -9.81 19.22 -51.72
N GLY G 59 -9.63 20.48 -51.32
CA GLY G 59 -10.78 21.35 -51.14
C GLY G 59 -11.53 21.17 -49.85
N ILE G 60 -10.91 20.63 -48.80
CA ILE G 60 -11.55 20.45 -47.50
C ILE G 60 -12.03 21.78 -46.95
N ALA G 61 -11.47 22.90 -47.42
CA ALA G 61 -11.89 24.24 -47.03
C ALA G 61 -12.50 25.01 -48.19
N GLY G 62 -12.86 24.33 -49.27
CA GLY G 62 -13.42 24.99 -50.44
C GLY G 62 -12.94 24.44 -51.77
N LYS G 73 4.62 21.16 -56.82
CA LYS G 73 5.21 19.87 -57.17
C LYS G 73 6.17 19.45 -56.08
N LEU G 74 6.24 18.14 -55.84
CA LEU G 74 6.89 17.67 -54.62
C LEU G 74 8.41 17.74 -54.69
N ASP G 75 9.00 17.44 -55.85
CA ASP G 75 10.44 17.56 -55.95
C ASP G 75 10.89 19.01 -56.17
N VAL G 76 10.04 19.85 -56.76
CA VAL G 76 10.33 21.27 -56.82
C VAL G 76 10.31 21.89 -55.43
N LEU G 77 9.32 21.52 -54.61
CA LEU G 77 9.29 22.01 -53.23
C LEU G 77 10.50 21.52 -52.45
N SER G 78 10.87 20.25 -52.61
CA SER G 78 12.03 19.72 -51.91
C SER G 78 13.28 20.50 -52.26
N ASN G 79 13.47 20.77 -53.57
CA ASN G 79 14.63 21.55 -54.00
C ASN G 79 14.62 22.92 -53.35
N ASP G 80 13.47 23.58 -53.33
CA ASP G 80 13.37 24.89 -52.71
C ASP G 80 13.65 24.83 -51.21
N LEU G 81 13.25 23.75 -50.54
CA LEU G 81 13.54 23.64 -49.12
C LEU G 81 15.05 23.52 -48.87
N VAL G 82 15.72 22.61 -49.59
CA VAL G 82 17.17 22.44 -49.41
C VAL G 82 17.94 23.69 -49.83
N MET G 83 17.63 24.22 -51.03
CA MET G 83 18.28 25.43 -51.53
C MET G 83 18.18 26.56 -50.53
N ASN G 84 16.96 26.79 -50.05
CA ASN G 84 16.73 27.96 -49.20
C ASN G 84 17.39 27.76 -47.84
N MET G 85 17.32 26.56 -47.29
CA MET G 85 17.94 26.32 -45.99
C MET G 85 19.46 26.33 -46.08
N LEU G 86 20.04 25.89 -47.20
CA LEU G 86 21.49 25.93 -47.32
C LEU G 86 22.00 27.36 -47.53
N LYS G 87 21.35 28.12 -48.42
CA LYS G 87 21.68 29.53 -48.62
C LYS G 87 21.64 30.31 -47.32
N SER G 88 20.58 30.15 -46.55
CA SER G 88 20.43 30.97 -45.35
C SER G 88 21.25 30.44 -44.19
N SER G 89 21.95 29.32 -44.38
CA SER G 89 22.83 28.84 -43.35
C SER G 89 24.13 29.65 -43.28
N PHE G 90 24.41 30.46 -44.31
CA PHE G 90 25.65 31.22 -44.43
C PHE G 90 26.89 30.33 -44.50
N ALA G 91 26.70 29.04 -44.77
CA ALA G 91 27.79 28.08 -44.74
C ALA G 91 28.22 27.62 -46.14
N THR G 92 27.56 28.08 -47.18
CA THR G 92 27.74 27.51 -48.50
C THR G 92 28.11 28.61 -49.49
N CYS G 93 28.64 28.18 -50.60
CA CYS G 93 28.87 29.10 -51.71
C CYS G 93 28.48 28.52 -53.07
N VAL G 94 28.53 27.21 -53.23
CA VAL G 94 28.17 26.56 -54.47
C VAL G 94 27.21 25.43 -54.14
N LEU G 95 26.06 25.44 -54.80
CA LEU G 95 25.02 24.43 -54.59
C LEU G 95 24.74 23.77 -55.92
N VAL G 96 24.88 22.45 -55.96
CA VAL G 96 24.59 21.68 -57.15
C VAL G 96 23.42 20.78 -56.83
N SER G 97 22.37 20.88 -57.64
CA SER G 97 21.15 20.13 -57.39
C SER G 97 20.76 19.35 -58.63
N GLU G 98 20.21 18.15 -58.42
CA GLU G 98 19.69 17.37 -59.53
C GLU G 98 18.61 18.14 -60.28
N GLU G 99 17.91 19.05 -59.61
CA GLU G 99 16.81 19.79 -60.21
C GLU G 99 17.24 21.00 -61.02
N ASP G 100 18.50 21.41 -60.93
CA ASP G 100 18.98 22.68 -61.49
C ASP G 100 20.00 22.38 -62.60
N LYS G 101 19.81 23.01 -63.76
CA LYS G 101 20.71 22.73 -64.88
C LYS G 101 22.14 23.17 -64.57
N HIS G 102 22.32 24.38 -64.06
CA HIS G 102 23.62 24.94 -63.69
C HIS G 102 23.76 24.98 -62.18
N ALA G 103 25.02 24.98 -61.71
CA ALA G 103 25.25 25.20 -60.30
C ALA G 103 24.68 26.53 -59.86
N ILE G 104 24.24 26.58 -58.60
CA ILE G 104 23.80 27.82 -57.98
C ILE G 104 24.98 28.38 -57.20
N ILE G 105 25.28 29.65 -57.42
CA ILE G 105 26.35 30.33 -56.70
C ILE G 105 25.69 31.20 -55.64
N VAL G 106 26.02 30.97 -54.38
CA VAL G 106 25.39 31.73 -53.31
C VAL G 106 25.79 33.20 -53.40
N GLU G 107 24.82 34.09 -53.16
CA GLU G 107 25.06 35.52 -53.29
C GLU G 107 26.03 35.99 -52.20
N PRO G 108 26.84 37.01 -52.50
CA PRO G 108 28.01 37.32 -51.64
C PRO G 108 27.73 37.47 -50.15
N GLU G 109 26.63 38.12 -49.75
CA GLU G 109 26.40 38.31 -48.32
C GLU G 109 26.08 37.01 -47.59
N LYS G 110 25.70 35.95 -48.29
CA LYS G 110 25.34 34.68 -47.64
C LYS G 110 26.37 33.58 -47.85
N ARG G 111 27.55 33.92 -48.38
CA ARG G 111 28.54 32.91 -48.76
C ARG G 111 29.25 32.35 -47.55
N GLY G 112 29.50 31.05 -47.58
CA GLY G 112 30.31 30.37 -46.60
C GLY G 112 31.30 29.52 -47.35
N LYS G 113 31.96 28.57 -46.68
CA LYS G 113 33.13 27.94 -47.29
C LYS G 113 32.82 26.60 -47.92
N TYR G 114 31.56 26.20 -48.00
CA TYR G 114 31.21 24.84 -48.38
C TYR G 114 30.47 24.77 -49.70
N VAL G 115 30.74 23.68 -50.43
CA VAL G 115 30.01 23.27 -51.64
C VAL G 115 29.14 22.07 -51.31
N VAL G 116 27.87 22.13 -51.71
CA VAL G 116 26.94 21.04 -51.45
C VAL G 116 26.37 20.51 -52.76
N CYS G 117 26.44 19.20 -52.93
CA CYS G 117 25.78 18.52 -54.05
C CYS G 117 24.65 17.69 -53.49
N PHE G 118 23.44 17.87 -54.01
CA PHE G 118 22.30 17.17 -53.44
C PHE G 118 21.26 16.82 -54.50
N ASP G 119 20.61 15.68 -54.26
CA ASP G 119 19.36 15.31 -54.90
C ASP G 119 18.28 15.49 -53.87
N PRO G 120 17.43 16.51 -53.97
CA PRO G 120 16.46 16.75 -52.90
C PRO G 120 15.42 15.65 -52.76
N LEU G 121 15.03 14.98 -53.84
CA LEU G 121 14.00 13.92 -53.73
C LEU G 121 14.29 12.84 -54.77
N ASP G 122 15.24 11.96 -54.44
CA ASP G 122 15.63 10.88 -55.34
C ASP G 122 14.58 9.76 -55.38
N GLY G 123 14.30 9.31 -56.58
CA GLY G 123 13.29 8.30 -56.76
C GLY G 123 11.91 8.87 -56.91
N SER G 124 11.79 10.20 -57.09
CA SER G 124 10.51 10.89 -57.14
C SER G 124 9.74 10.69 -58.45
N SER G 125 10.37 10.16 -59.51
CA SER G 125 9.59 9.72 -60.66
C SER G 125 8.70 8.55 -60.27
N ASN G 126 9.21 7.69 -59.38
CA ASN G 126 8.52 6.49 -58.94
C ASN G 126 7.76 6.71 -57.63
N ILE G 127 7.42 7.96 -57.28
CA ILE G 127 6.72 8.22 -56.03
C ILE G 127 5.20 8.10 -56.13
N ASP G 128 4.62 8.10 -57.34
CA ASP G 128 3.17 7.94 -57.45
C ASP G 128 2.72 6.57 -57.01
N CYS G 129 3.62 5.59 -57.01
CA CYS G 129 3.35 4.31 -56.41
C CYS G 129 3.73 4.28 -54.93
N LEU G 130 4.04 5.45 -54.35
CA LEU G 130 4.38 5.60 -52.93
C LEU G 130 5.59 4.76 -52.55
N VAL G 131 6.45 4.46 -53.53
CA VAL G 131 7.68 3.79 -53.22
C VAL G 131 8.55 4.73 -52.40
N SER G 132 9.54 4.17 -51.70
CA SER G 132 10.45 5.01 -50.94
C SER G 132 11.07 6.10 -51.80
N VAL G 133 11.22 7.28 -51.20
CA VAL G 133 12.00 8.35 -51.79
C VAL G 133 13.03 8.78 -50.74
N GLY G 134 13.96 9.63 -51.18
CA GLY G 134 15.06 10.00 -50.32
C GLY G 134 15.73 11.27 -50.80
N THR G 135 16.52 11.85 -49.90
CA THR G 135 17.39 12.99 -50.15
C THR G 135 18.82 12.47 -50.02
N ILE G 136 19.69 12.82 -50.97
CA ILE G 136 21.09 12.41 -50.96
C ILE G 136 21.94 13.67 -50.96
N PHE G 137 23.02 13.69 -50.20
CA PHE G 137 23.83 14.91 -50.17
C PHE G 137 25.30 14.59 -49.97
N GLY G 138 26.12 15.42 -50.59
CA GLY G 138 27.55 15.38 -50.37
C GLY G 138 28.06 16.80 -50.17
N ILE G 139 28.98 16.94 -49.21
CA ILE G 139 29.44 18.25 -48.76
C ILE G 139 30.95 18.35 -48.97
N TYR G 140 31.36 19.35 -49.75
CA TYR G 140 32.78 19.63 -49.93
C TYR G 140 33.13 21.00 -49.37
N ARG G 141 34.34 21.08 -48.81
CA ARG G 141 35.06 22.34 -48.64
C ARG G 141 35.49 22.88 -50.01
N LYS G 142 35.18 24.15 -50.28
CA LYS G 142 35.67 24.82 -51.50
C LYS G 142 37.20 24.81 -51.53
N LYS G 143 37.77 24.22 -52.59
CA LYS G 143 39.16 23.83 -52.55
C LYS G 143 40.09 24.86 -53.20
N SER G 144 39.55 25.83 -53.91
CA SER G 144 40.36 26.76 -54.66
C SER G 144 39.96 28.18 -54.29
N THR G 145 40.84 29.12 -54.61
CA THR G 145 40.64 30.49 -54.19
C THR G 145 39.96 31.34 -55.26
N ASP G 146 39.55 30.74 -56.37
CA ASP G 146 38.84 31.52 -57.37
C ASP G 146 37.49 32.00 -56.85
N GLU G 147 36.89 32.90 -57.61
CA GLU G 147 35.54 33.34 -57.32
C GLU G 147 34.59 32.15 -57.50
N PRO G 148 33.61 31.97 -56.62
CA PRO G 148 32.84 30.73 -56.65
C PRO G 148 32.18 30.53 -58.01
N SER G 149 32.29 29.30 -58.52
CA SER G 149 31.74 28.91 -59.81
C SER G 149 31.49 27.40 -59.80
N GLU G 150 30.93 26.90 -60.90
CA GLU G 150 30.62 25.46 -61.03
C GLU G 150 31.86 24.60 -60.83
N LYS G 151 33.04 25.13 -61.19
CA LYS G 151 34.30 24.40 -61.05
C LYS G 151 34.49 23.86 -59.65
N ASP G 152 33.95 24.57 -58.63
CA ASP G 152 34.16 24.22 -57.24
C ASP G 152 33.53 22.89 -56.85
N ALA G 153 32.58 22.39 -57.65
CA ALA G 153 31.92 21.12 -57.41
C ALA G 153 32.56 19.97 -58.16
N LEU G 154 33.58 20.20 -58.97
CA LEU G 154 34.16 19.12 -59.77
C LEU G 154 35.34 18.45 -59.07
N GLN G 155 35.26 18.20 -57.80
CA GLN G 155 36.26 17.50 -57.00
C GLN G 155 35.93 16.01 -56.92
N PRO G 156 36.93 15.14 -56.79
CA PRO G 156 36.63 13.72 -56.59
C PRO G 156 35.99 13.48 -55.24
N GLY G 157 35.23 12.37 -55.15
CA GLY G 157 34.55 12.04 -53.91
C GLY G 157 35.49 11.90 -52.72
N ARG G 158 36.75 11.56 -52.98
CA ARG G 158 37.78 11.52 -51.92
C ARG G 158 37.81 12.80 -51.08
N ASN G 159 37.46 13.96 -51.65
CA ASN G 159 37.53 15.22 -50.93
C ASN G 159 36.35 15.46 -50.01
N LEU G 160 35.36 14.55 -49.98
CA LEU G 160 34.15 14.75 -49.17
C LEU G 160 34.50 14.93 -47.70
N VAL G 161 33.91 15.95 -47.09
CA VAL G 161 33.98 16.17 -45.66
C VAL G 161 32.86 15.42 -44.93
N ALA G 162 31.70 15.31 -45.56
CA ALA G 162 30.56 14.60 -45.00
C ALA G 162 29.59 14.28 -46.14
N ALA G 163 28.87 13.17 -45.98
CA ALA G 163 27.86 12.76 -46.96
C ALA G 163 26.84 11.87 -46.27
N GLY G 164 25.68 11.75 -46.90
CA GLY G 164 24.66 10.87 -46.37
C GLY G 164 23.34 11.02 -47.10
N TYR G 165 22.31 10.49 -46.46
CA TYR G 165 21.00 10.49 -47.09
C TYR G 165 19.94 10.41 -46.00
N ALA G 166 18.77 10.93 -46.35
CA ALA G 166 17.53 10.71 -45.63
C ALA G 166 16.68 9.75 -46.44
N LEU G 167 16.15 8.72 -45.79
CA LEU G 167 15.25 7.77 -46.45
C LEU G 167 13.86 7.97 -45.90
N TYR G 168 12.93 8.36 -46.78
CA TYR G 168 11.53 8.56 -46.36
C TYR G 168 10.80 7.26 -46.65
N GLY G 169 11.01 6.29 -45.76
CA GLY G 169 10.48 4.96 -45.98
C GLY G 169 9.25 4.70 -45.15
N SER G 170 9.18 3.49 -44.59
CA SER G 170 8.15 3.22 -43.60
C SER G 170 8.32 4.15 -42.41
N ALA G 171 9.57 4.52 -42.11
CA ALA G 171 9.95 5.63 -41.25
C ALA G 171 10.99 6.50 -41.95
N THR G 172 11.27 7.66 -41.37
CA THR G 172 12.24 8.60 -41.92
C THR G 172 13.54 8.41 -41.16
N MET G 173 14.60 8.00 -41.86
CA MET G 173 15.89 7.81 -41.23
C MET G 173 16.94 8.63 -41.96
N LEU G 174 17.80 9.29 -41.17
CA LEU G 174 18.93 10.07 -41.71
C LEU G 174 20.22 9.33 -41.40
N VAL G 175 20.98 9.02 -42.45
CA VAL G 175 22.28 8.37 -42.33
C VAL G 175 23.32 9.43 -42.63
N LEU G 176 24.21 9.69 -41.66
CA LEU G 176 25.25 10.69 -41.78
C LEU G 176 26.60 10.03 -41.62
N ALA G 177 27.43 10.15 -42.65
CA ALA G 177 28.79 9.62 -42.63
C ALA G 177 29.78 10.77 -42.65
N MET G 178 30.73 10.74 -41.72
CA MET G 178 31.82 11.73 -41.66
C MET G 178 33.13 10.98 -41.47
N ASP G 179 34.22 11.71 -41.22
CA ASP G 179 35.50 11.03 -41.02
C ASP G 179 35.46 10.10 -39.81
N CYS G 180 34.60 10.40 -38.84
CA CYS G 180 34.41 9.55 -37.65
C CYS G 180 33.51 8.33 -37.87
N GLY G 181 32.96 8.12 -39.08
CA GLY G 181 32.16 6.94 -39.37
C GLY G 181 30.70 7.28 -39.68
N VAL G 182 29.90 6.22 -39.73
CA VAL G 182 28.50 6.30 -40.16
C VAL G 182 27.60 6.20 -38.94
N ASN G 183 26.62 7.10 -38.85
CA ASN G 183 25.65 7.08 -37.77
C ASN G 183 24.25 7.27 -38.32
N CYS G 184 23.30 6.52 -37.76
CA CYS G 184 21.93 6.50 -38.27
C CYS G 184 21.00 7.11 -37.25
N PHE G 185 20.19 8.08 -37.68
CA PHE G 185 19.24 8.76 -36.82
C PHE G 185 17.82 8.50 -37.32
N MET G 186 16.93 8.17 -36.41
CA MET G 186 15.53 7.91 -36.74
C MET G 186 14.69 9.14 -36.41
N LEU G 187 13.94 9.64 -37.38
CA LEU G 187 13.07 10.80 -37.15
C LEU G 187 11.84 10.41 -36.34
N ASP G 188 11.71 11.00 -35.14
CA ASP G 188 10.49 10.89 -34.35
C ASP G 188 9.55 12.03 -34.74
N PRO G 189 8.44 11.75 -35.42
CA PRO G 189 7.57 12.85 -35.87
C PRO G 189 6.83 13.55 -34.74
N ALA G 190 6.66 12.92 -33.57
CA ALA G 190 5.94 13.56 -32.47
C ALA G 190 6.67 14.78 -31.92
N ILE G 191 7.99 14.82 -32.04
CA ILE G 191 8.78 15.94 -31.55
C ILE G 191 9.67 16.55 -32.61
N GLY G 192 9.68 16.00 -33.82
CA GLY G 192 10.53 16.55 -34.86
C GLY G 192 12.00 16.52 -34.49
N GLU G 193 12.50 15.35 -34.08
CA GLU G 193 13.89 15.27 -33.67
C GLU G 193 14.49 13.98 -34.21
N PHE G 194 15.76 14.04 -34.66
CA PHE G 194 16.45 12.87 -35.17
C PHE G 194 17.13 12.13 -34.03
N ILE G 195 16.70 10.91 -33.77
CA ILE G 195 17.21 10.15 -32.64
C ILE G 195 18.33 9.24 -33.11
N LEU G 196 19.49 9.36 -32.47
CA LEU G 196 20.58 8.42 -32.77
C LEU G 196 20.19 7.00 -32.36
N VAL G 197 20.09 6.11 -33.33
CA VAL G 197 19.73 4.73 -33.05
C VAL G 197 20.81 3.74 -33.47
N ASP G 198 21.73 4.10 -34.37
CA ASP G 198 22.78 3.17 -34.80
C ASP G 198 24.11 3.88 -34.79
N LYS G 199 24.95 3.56 -33.81
CA LYS G 199 26.23 4.22 -33.64
C LYS G 199 27.31 3.47 -34.42
N ASP G 200 28.09 4.22 -35.20
CA ASP G 200 29.30 3.73 -35.86
C ASP G 200 29.04 2.44 -36.64
N VAL G 201 28.23 2.58 -37.69
CA VAL G 201 27.66 1.43 -38.37
C VAL G 201 28.69 0.82 -39.31
N LYS G 202 28.72 -0.51 -39.36
CA LYS G 202 29.61 -1.24 -40.25
C LYS G 202 28.81 -2.30 -41.00
N ILE G 203 29.02 -2.38 -42.33
CA ILE G 203 28.30 -3.30 -43.20
C ILE G 203 28.88 -4.69 -43.05
N LYS G 204 28.03 -5.70 -43.25
CA LYS G 204 28.48 -7.08 -43.25
C LYS G 204 29.60 -7.30 -44.24
N LYS G 205 30.55 -8.14 -43.86
CA LYS G 205 31.65 -8.53 -44.75
C LYS G 205 31.13 -9.19 -46.03
N LYS G 206 30.02 -9.94 -45.98
CA LYS G 206 29.44 -10.53 -47.18
C LYS G 206 27.94 -10.67 -46.98
N GLY G 207 27.16 -10.38 -48.02
CA GLY G 207 25.72 -10.41 -47.95
C GLY G 207 25.12 -11.59 -48.68
N LYS G 208 23.79 -11.59 -48.74
CA LYS G 208 23.03 -12.65 -49.41
C LYS G 208 21.96 -12.08 -50.33
N ILE G 209 22.07 -10.81 -50.67
CA ILE G 209 21.09 -10.12 -51.50
C ILE G 209 21.84 -9.34 -52.56
N TYR G 210 21.40 -9.43 -53.80
CA TYR G 210 21.91 -8.58 -54.86
C TYR G 210 20.80 -7.69 -55.38
N SER G 211 21.19 -6.54 -55.92
CA SER G 211 20.21 -5.55 -56.34
C SER G 211 20.69 -4.90 -57.64
N LEU G 212 19.94 -5.14 -58.72
CA LEU G 212 20.09 -4.44 -59.99
C LEU G 212 18.84 -4.72 -60.80
N ASN G 213 18.61 -3.89 -61.82
CA ASN G 213 17.45 -4.03 -62.72
C ASN G 213 17.76 -5.10 -63.75
N GLU G 214 17.24 -6.31 -63.53
CA GLU G 214 17.54 -7.37 -64.47
C GLU G 214 16.80 -7.22 -65.80
N GLY G 215 15.93 -6.22 -65.94
CA GLY G 215 15.33 -5.93 -67.22
C GLY G 215 16.34 -5.51 -68.29
N TYR G 216 17.52 -5.06 -67.91
CA TYR G 216 18.56 -4.73 -68.89
C TYR G 216 19.51 -5.89 -69.15
N ALA G 217 19.09 -7.12 -68.87
CA ALA G 217 20.01 -8.26 -69.01
C ALA G 217 20.55 -8.38 -70.44
N LYS G 218 19.75 -7.95 -71.43
CA LYS G 218 20.13 -7.93 -72.83
C LYS G 218 21.33 -7.02 -73.10
N ASP G 219 21.48 -5.92 -72.34
CA ASP G 219 22.57 -5.00 -72.57
C ASP G 219 23.76 -5.22 -71.64
N PHE G 220 23.71 -6.21 -70.75
CA PHE G 220 24.77 -6.36 -69.75
C PHE G 220 26.09 -6.75 -70.41
N ASP G 221 27.18 -6.10 -69.98
CA ASP G 221 28.51 -6.59 -70.28
C ASP G 221 28.73 -7.98 -69.66
N PRO G 222 29.60 -8.79 -70.25
CA PRO G 222 29.77 -10.18 -69.76
C PRO G 222 30.13 -10.31 -68.29
N ALA G 223 30.90 -9.38 -67.73
CA ALA G 223 31.27 -9.51 -66.32
C ALA G 223 30.05 -9.41 -65.40
N VAL G 224 29.11 -8.51 -65.72
CA VAL G 224 27.87 -8.40 -64.95
C VAL G 224 27.01 -9.65 -65.16
N THR G 225 26.90 -10.11 -66.40
CA THR G 225 26.19 -11.36 -66.67
C THR G 225 26.77 -12.52 -65.86
N GLU G 226 28.09 -12.64 -65.80
CA GLU G 226 28.69 -13.77 -65.08
C GLU G 226 28.45 -13.66 -63.57
N TYR G 227 28.68 -12.48 -62.98
CA TYR G 227 28.52 -12.33 -61.54
C TYR G 227 27.08 -12.63 -61.10
N ILE G 228 26.11 -12.12 -61.84
CA ILE G 228 24.72 -12.38 -61.49
C ILE G 228 24.38 -13.86 -61.67
N GLN G 229 24.91 -14.48 -62.72
CA GLN G 229 24.70 -15.92 -62.91
C GLN G 229 25.22 -16.71 -61.72
N ARG G 230 26.35 -16.30 -61.15
CA ARG G 230 26.87 -17.00 -59.97
C ARG G 230 26.01 -16.77 -58.74
N LYS G 231 25.32 -15.63 -58.68
CA LYS G 231 24.45 -15.41 -57.54
C LYS G 231 23.22 -16.29 -57.62
N LYS G 232 22.75 -16.59 -58.83
CA LYS G 232 21.61 -17.48 -58.97
C LYS G 232 22.00 -18.94 -58.97
N PHE G 233 23.21 -19.27 -59.46
CA PHE G 233 23.65 -20.64 -59.65
C PHE G 233 25.06 -20.79 -59.07
N PRO G 234 25.18 -20.84 -57.75
CA PRO G 234 26.51 -20.86 -57.11
C PRO G 234 27.28 -22.14 -57.42
N PRO G 235 28.57 -22.04 -57.79
CA PRO G 235 29.33 -23.26 -58.11
C PRO G 235 29.63 -24.16 -56.92
N ASP G 236 29.81 -23.62 -55.72
CA ASP G 236 30.10 -24.44 -54.54
C ASP G 236 28.85 -24.88 -53.81
N ASN G 237 27.80 -25.30 -54.53
CA ASN G 237 26.52 -25.77 -53.99
C ASN G 237 25.95 -24.95 -52.83
N SER G 238 26.45 -23.74 -52.61
CA SER G 238 25.85 -22.89 -51.59
C SER G 238 24.49 -22.35 -52.05
N ALA G 239 23.78 -21.68 -51.13
CA ALA G 239 22.44 -21.18 -51.40
C ALA G 239 22.50 -19.94 -52.28
N PRO G 240 21.60 -19.82 -53.25
CA PRO G 240 21.58 -18.62 -54.10
C PRO G 240 21.30 -17.37 -53.27
N TYR G 241 21.78 -16.24 -53.79
CA TYR G 241 21.42 -14.96 -53.20
C TYR G 241 19.96 -14.66 -53.45
N GLY G 242 19.35 -13.90 -52.53
CA GLY G 242 18.05 -13.33 -52.81
C GLY G 242 18.17 -12.06 -53.62
N ALA G 243 17.10 -11.73 -54.34
CA ALA G 243 17.09 -10.53 -55.16
C ALA G 243 16.10 -9.51 -54.61
N ARG G 244 16.53 -8.27 -54.54
CA ARG G 244 15.66 -7.15 -54.19
C ARG G 244 16.06 -5.98 -55.09
N TYR G 245 15.08 -5.29 -55.62
CA TYR G 245 15.36 -4.07 -56.38
C TYR G 245 14.12 -3.20 -56.24
N VAL G 246 14.19 -2.24 -55.33
CA VAL G 246 13.08 -1.30 -55.18
C VAL G 246 13.03 -0.35 -56.35
N GLY G 247 14.18 -0.05 -56.96
CA GLY G 247 14.25 0.95 -58.01
C GLY G 247 14.45 2.36 -57.51
N SER G 248 14.69 2.54 -56.21
CA SER G 248 14.98 3.84 -55.62
C SER G 248 16.29 3.72 -54.85
N MET G 249 17.29 4.50 -55.24
CA MET G 249 18.65 4.24 -54.79
C MET G 249 18.78 4.29 -53.27
N VAL G 250 18.19 5.30 -52.64
CA VAL G 250 18.28 5.39 -51.18
C VAL G 250 17.78 4.11 -50.54
N ALA G 251 16.64 3.60 -51.03
CA ALA G 251 16.05 2.38 -50.48
C ALA G 251 16.97 1.18 -50.69
N ASP G 252 17.44 0.98 -51.93
CA ASP G 252 18.31 -0.15 -52.23
C ASP G 252 19.66 -0.05 -51.53
N VAL G 253 20.28 1.14 -51.51
CA VAL G 253 21.59 1.28 -50.87
C VAL G 253 21.47 1.12 -49.36
N HIS G 254 20.44 1.71 -48.77
CA HIS G 254 20.26 1.58 -47.33
C HIS G 254 19.97 0.13 -46.94
N ARG G 255 19.22 -0.60 -47.76
CA ARG G 255 19.02 -2.03 -47.49
C ARG G 255 20.35 -2.76 -47.49
N THR G 256 21.23 -2.43 -48.46
CA THR G 256 22.55 -3.02 -48.51
C THR G 256 23.37 -2.70 -47.26
N LEU G 257 23.31 -1.46 -46.79
CA LEU G 257 24.04 -1.13 -45.57
C LEU G 257 23.55 -1.95 -44.40
N VAL G 258 22.22 -2.03 -44.26
CA VAL G 258 21.65 -2.59 -43.03
C VAL G 258 21.77 -4.11 -43.06
N TYR G 259 21.54 -4.72 -44.23
CA TYR G 259 21.52 -6.16 -44.32
C TYR G 259 22.73 -6.76 -45.03
N GLY G 260 23.52 -5.96 -45.72
CA GLY G 260 24.59 -6.51 -46.53
C GLY G 260 24.10 -6.90 -47.92
N GLY G 261 25.06 -7.22 -48.77
CA GLY G 261 24.76 -7.53 -50.16
C GLY G 261 25.49 -6.61 -51.12
N ILE G 262 24.95 -6.47 -52.32
CA ILE G 262 25.57 -5.72 -53.39
C ILE G 262 24.50 -5.01 -54.19
N PHE G 263 24.78 -3.76 -54.55
CA PHE G 263 23.91 -2.99 -55.44
C PHE G 263 24.68 -2.68 -56.71
N LEU G 264 24.05 -2.91 -57.86
CA LEU G 264 24.70 -2.70 -59.16
C LEU G 264 23.83 -1.83 -60.04
N TYR G 265 24.41 -0.76 -60.59
CA TYR G 265 23.79 -0.05 -61.71
C TYR G 265 24.86 0.14 -62.80
N PRO G 266 25.10 -0.88 -63.60
CA PRO G 266 26.18 -0.85 -64.59
C PRO G 266 25.69 -0.08 -65.81
N ALA G 267 26.53 0.01 -66.83
CA ALA G 267 26.11 0.72 -68.03
C ALA G 267 25.24 -0.16 -68.93
N ASN G 268 24.38 0.50 -69.72
CA ASN G 268 23.61 -0.22 -70.74
C ASN G 268 23.50 0.66 -71.99
N LYS G 269 22.72 0.22 -72.99
CA LYS G 269 22.63 0.96 -74.25
C LYS G 269 21.89 2.27 -74.10
N LYS G 270 20.99 2.38 -73.14
CA LYS G 270 20.31 3.65 -72.91
C LYS G 270 21.20 4.62 -72.14
N SER G 271 22.18 4.10 -71.40
CA SER G 271 23.06 4.90 -70.56
C SER G 271 24.50 4.39 -70.64
N PRO G 272 25.21 4.67 -71.75
CA PRO G 272 26.55 4.06 -71.93
C PRO G 272 27.60 4.52 -70.92
N ASN G 273 27.39 5.64 -70.22
CA ASN G 273 28.25 6.05 -69.10
C ASN G 273 27.62 5.70 -67.76
N GLY G 274 26.62 4.82 -67.77
CA GLY G 274 25.82 4.52 -66.60
C GLY G 274 24.69 5.51 -66.48
N LYS G 275 23.88 5.33 -65.44
CA LYS G 275 22.66 6.10 -65.30
C LYS G 275 22.67 7.02 -64.10
N LEU G 276 23.20 6.55 -62.97
CA LEU G 276 23.20 7.33 -61.75
C LEU G 276 24.21 8.47 -61.83
N ARG G 277 23.93 9.55 -61.12
CA ARG G 277 24.76 10.75 -61.16
C ARG G 277 25.97 10.67 -60.22
N LEU G 278 27.12 11.13 -60.72
CA LEU G 278 28.36 11.01 -59.96
C LEU G 278 28.38 11.96 -58.77
N LEU G 279 27.98 13.22 -58.99
CA LEU G 279 28.14 14.25 -57.95
C LEU G 279 27.20 13.99 -56.78
N TYR G 280 25.91 13.78 -57.06
CA TYR G 280 24.91 13.78 -56.00
C TYR G 280 24.18 12.45 -55.88
N GLU G 281 24.63 11.40 -56.55
CA GLU G 281 24.14 10.07 -56.26
C GLU G 281 25.30 9.13 -55.93
N CYS G 282 26.24 8.93 -56.85
CA CYS G 282 27.24 7.89 -56.62
C CYS G 282 28.21 8.25 -55.50
N ASN G 283 28.79 9.46 -55.53
CA ASN G 283 29.82 9.79 -54.54
C ASN G 283 29.27 9.72 -53.11
N PRO G 284 28.13 10.35 -52.76
CA PRO G 284 27.67 10.25 -51.37
C PRO G 284 27.44 8.83 -50.91
N MET G 285 26.91 7.96 -51.77
CA MET G 285 26.72 6.58 -51.40
C MET G 285 28.05 5.83 -51.31
N ALA G 286 28.98 6.12 -52.22
CA ALA G 286 30.32 5.55 -52.11
C ALA G 286 30.98 5.95 -50.80
N TYR G 287 30.77 7.20 -50.38
CA TYR G 287 31.38 7.69 -49.14
C TYR G 287 30.79 7.01 -47.91
N VAL G 288 29.44 6.96 -47.82
CA VAL G 288 28.80 6.22 -46.73
C VAL G 288 29.28 4.77 -46.71
N MET G 289 29.32 4.13 -47.89
CA MET G 289 29.74 2.74 -47.99
C MET G 289 31.15 2.54 -47.44
N GLU G 290 32.11 3.33 -47.93
CA GLU G 290 33.49 3.15 -47.50
C GLU G 290 33.67 3.54 -46.05
N LYS G 291 33.00 4.59 -45.59
CA LYS G 291 33.03 4.89 -44.16
C LYS G 291 32.40 3.78 -43.32
N ALA G 292 31.51 2.96 -43.89
CA ALA G 292 30.90 1.87 -43.16
C ALA G 292 31.60 0.54 -43.40
N GLY G 293 32.77 0.58 -44.03
CA GLY G 293 33.51 -0.62 -44.34
C GLY G 293 33.15 -1.31 -45.62
N GLY G 294 32.44 -0.64 -46.53
CA GLY G 294 32.08 -1.21 -47.81
C GLY G 294 32.97 -0.69 -48.93
N MET G 295 32.59 -1.02 -50.17
CA MET G 295 33.34 -0.63 -51.36
C MET G 295 32.39 -0.08 -52.41
N ALA G 296 32.93 0.71 -53.33
CA ALA G 296 32.14 1.27 -54.42
C ALA G 296 33.07 1.50 -55.60
N THR G 297 32.80 0.79 -56.69
CA THR G 297 33.64 0.83 -57.88
C THR G 297 32.77 1.12 -59.10
N THR G 298 33.40 1.72 -60.11
CA THR G 298 32.85 1.82 -61.46
C THR G 298 33.16 0.60 -62.28
N GLY G 299 33.95 -0.32 -61.74
CA GLY G 299 34.53 -1.42 -62.49
C GLY G 299 35.99 -1.13 -62.79
N LYS G 300 36.29 0.08 -63.26
CA LYS G 300 37.66 0.49 -63.56
C LYS G 300 38.34 1.14 -62.36
N GLU G 301 37.60 1.90 -61.56
CA GLU G 301 38.18 2.64 -60.46
C GLU G 301 37.15 2.79 -59.35
N ALA G 302 37.64 3.12 -58.16
CA ALA G 302 36.74 3.49 -57.07
C ALA G 302 35.95 4.74 -57.44
N VAL G 303 34.67 4.76 -57.09
CA VAL G 303 33.83 5.93 -57.38
C VAL G 303 34.45 7.18 -56.81
N LEU G 304 34.95 7.10 -55.58
CA LEU G 304 35.51 8.26 -54.92
C LEU G 304 36.77 8.79 -55.61
N ASP G 305 37.39 8.00 -56.50
CA ASP G 305 38.59 8.43 -57.23
C ASP G 305 38.30 9.06 -58.58
N VAL G 306 37.05 9.08 -59.02
CA VAL G 306 36.75 9.69 -60.32
C VAL G 306 36.84 11.21 -60.22
N ILE G 307 37.56 11.81 -61.15
CA ILE G 307 37.67 13.26 -61.25
C ILE G 307 36.59 13.74 -62.21
N PRO G 308 35.52 14.36 -61.74
CA PRO G 308 34.45 14.78 -62.66
C PRO G 308 34.83 16.02 -63.45
N THR G 309 34.28 16.11 -64.67
CA THR G 309 34.36 17.28 -65.52
C THR G 309 33.02 17.97 -65.73
N ASP G 310 31.91 17.33 -65.40
CA ASP G 310 30.58 17.90 -65.59
C ASP G 310 29.71 17.62 -64.37
N ILE G 311 28.96 18.64 -63.94
CA ILE G 311 28.25 18.53 -62.67
C ILE G 311 27.16 17.47 -62.70
N HIS G 312 26.56 17.20 -63.86
CA HIS G 312 25.50 16.21 -63.94
C HIS G 312 25.98 14.91 -64.59
N GLN G 313 27.28 14.65 -64.54
CA GLN G 313 27.78 13.49 -65.24
C GLN G 313 27.39 12.19 -64.51
N ARG G 314 27.18 11.15 -65.31
CA ARG G 314 26.80 9.84 -64.84
C ARG G 314 28.02 8.94 -64.71
N ALA G 315 27.89 7.88 -63.90
CA ALA G 315 28.89 6.84 -63.62
C ALA G 315 28.23 5.49 -63.32
N PRO G 316 28.78 4.38 -63.82
CA PRO G 316 28.31 3.09 -63.36
C PRO G 316 28.76 2.86 -61.93
N VAL G 317 27.98 2.11 -61.17
CA VAL G 317 28.25 1.94 -59.75
C VAL G 317 27.91 0.50 -59.35
N ILE G 318 28.81 -0.08 -58.56
CA ILE G 318 28.61 -1.34 -57.86
C ILE G 318 29.15 -1.13 -56.46
N LEU G 319 28.28 -1.27 -55.46
CA LEU G 319 28.66 -0.98 -54.10
C LEU G 319 28.04 -1.98 -53.14
N GLY G 320 28.55 -1.99 -51.91
CA GLY G 320 28.00 -2.90 -50.91
C GLY G 320 29.06 -3.62 -50.11
N SER G 321 28.74 -4.83 -49.65
CA SER G 321 29.66 -5.59 -48.82
C SER G 321 30.99 -5.83 -49.54
N PRO G 322 32.12 -5.76 -48.81
CA PRO G 322 33.43 -5.84 -49.49
C PRO G 322 33.70 -7.17 -50.18
N ASP G 323 33.33 -8.28 -49.55
CA ASP G 323 33.55 -9.59 -50.18
C ASP G 323 32.71 -9.76 -51.45
N ASP G 324 31.50 -9.21 -51.49
CA ASP G 324 30.72 -9.34 -52.72
C ASP G 324 31.27 -8.43 -53.81
N VAL G 325 31.69 -7.21 -53.46
CA VAL G 325 32.26 -6.31 -54.46
C VAL G 325 33.60 -6.86 -54.97
N LEU G 326 34.41 -7.45 -54.09
CA LEU G 326 35.67 -8.05 -54.53
C LEU G 326 35.40 -9.19 -55.51
N GLU G 327 34.40 -10.02 -55.22
CA GLU G 327 34.05 -11.11 -56.12
C GLU G 327 33.65 -10.57 -57.48
N PHE G 328 32.84 -9.51 -57.51
CA PHE G 328 32.47 -8.93 -58.80
C PHE G 328 33.71 -8.41 -59.51
N LEU G 329 34.64 -7.80 -58.77
CA LEU G 329 35.83 -7.25 -59.40
C LEU G 329 36.73 -8.36 -59.95
N LYS G 330 36.80 -9.50 -59.26
CA LYS G 330 37.53 -10.63 -59.82
C LYS G 330 36.93 -11.09 -61.15
N VAL G 331 35.60 -11.26 -61.20
CA VAL G 331 34.95 -11.57 -62.47
C VAL G 331 35.21 -10.46 -63.47
N TYR G 332 35.21 -9.20 -63.01
CA TYR G 332 35.50 -8.08 -63.90
C TYR G 332 36.91 -8.21 -64.47
N GLU G 333 37.88 -8.50 -63.59
CA GLU G 333 39.27 -8.67 -64.01
C GLU G 333 39.42 -9.83 -64.99
N LYS G 334 38.64 -10.89 -64.78
CA LYS G 334 38.67 -12.05 -65.65
C LYS G 334 38.38 -11.71 -67.10
N HIS G 335 37.55 -10.70 -67.35
CA HIS G 335 37.21 -10.28 -68.71
C HIS G 335 38.12 -9.18 -69.23
N SER G 336 39.42 -9.28 -68.93
CA SER G 336 40.43 -8.32 -69.39
C SER G 336 40.16 -6.95 -68.81
N ASP H 10 -15.88 18.52 -54.68
CA ASP H 10 -16.20 18.29 -53.28
C ASP H 10 -15.25 17.29 -52.62
N VAL H 11 -14.72 17.63 -51.46
CA VAL H 11 -13.80 16.75 -50.75
C VAL H 11 -14.57 15.55 -50.22
N ASN H 12 -13.93 14.39 -50.23
CA ASN H 12 -14.53 13.16 -49.75
C ASN H 12 -13.49 12.41 -48.93
N THR H 13 -13.90 11.87 -47.78
CA THR H 13 -13.08 11.03 -46.91
C THR H 13 -13.57 9.58 -46.94
N LEU H 14 -12.76 8.69 -46.36
CA LEU H 14 -13.13 7.28 -46.28
C LEU H 14 -14.42 7.10 -45.48
N THR H 15 -14.51 7.75 -44.33
CA THR H 15 -15.69 7.60 -43.49
C THR H 15 -16.94 8.12 -44.19
N ARG H 16 -16.86 9.33 -44.76
CA ARG H 16 -17.98 9.85 -45.50
C ARG H 16 -18.32 8.95 -46.69
N PHE H 17 -17.29 8.48 -47.40
CA PHE H 17 -17.53 7.58 -48.54
C PHE H 17 -18.24 6.32 -48.09
N VAL H 18 -17.79 5.73 -46.99
CA VAL H 18 -18.34 4.46 -46.56
C VAL H 18 -19.80 4.61 -46.11
N MET H 19 -20.14 5.73 -45.46
CA MET H 19 -21.52 5.96 -45.02
C MET H 19 -22.46 6.25 -46.19
N GLU H 20 -21.99 6.99 -47.20
CA GLU H 20 -22.83 7.29 -48.35
C GLU H 20 -23.16 6.02 -49.14
N GLU H 21 -22.16 5.18 -49.42
CA GLU H 21 -22.44 3.94 -50.11
C GLU H 21 -23.33 3.03 -49.26
N GLY H 22 -23.11 3.03 -47.94
CA GLY H 22 -23.93 2.23 -47.05
C GLY H 22 -25.37 2.67 -47.03
N ARG H 23 -25.63 3.95 -47.29
CA ARG H 23 -27.00 4.43 -47.37
C ARG H 23 -27.63 4.11 -48.72
N LYS H 24 -26.86 4.11 -49.81
CA LYS H 24 -27.38 3.58 -51.06
C LYS H 24 -27.96 2.18 -50.88
N ALA H 25 -27.21 1.30 -50.21
CA ALA H 25 -27.62 -0.08 -50.00
C ALA H 25 -28.65 -0.23 -48.90
N ARG H 26 -28.91 0.83 -48.14
CA ARG H 26 -29.90 0.80 -47.05
C ARG H 26 -29.63 -0.38 -46.11
N GLY H 27 -28.36 -0.58 -45.79
CA GLY H 27 -27.96 -1.65 -44.90
C GLY H 27 -28.08 -1.27 -43.45
N THR H 28 -27.76 -2.23 -42.59
CA THR H 28 -27.90 -2.02 -41.16
C THR H 28 -26.87 -1.06 -40.59
N GLY H 29 -25.79 -0.80 -41.32
CA GLY H 29 -24.71 0.00 -40.79
C GLY H 29 -23.55 -0.82 -40.29
N GLU H 30 -23.68 -2.14 -40.29
CA GLU H 30 -22.69 -2.99 -39.65
C GLU H 30 -21.35 -3.00 -40.39
N LEU H 31 -21.37 -3.08 -41.72
CA LEU H 31 -20.12 -3.04 -42.48
C LEU H 31 -19.43 -1.68 -42.33
N THR H 32 -20.21 -0.60 -42.37
CA THR H 32 -19.64 0.72 -42.16
C THR H 32 -18.94 0.80 -40.81
N GLN H 33 -19.55 0.25 -39.75
CA GLN H 33 -18.89 0.24 -38.45
C GLN H 33 -17.61 -0.58 -38.50
N LEU H 34 -17.62 -1.71 -39.22
CA LEU H 34 -16.40 -2.49 -39.36
C LEU H 34 -15.32 -1.64 -40.05
N LEU H 35 -15.68 -1.01 -41.18
CA LEU H 35 -14.71 -0.25 -41.95
C LEU H 35 -14.17 0.94 -41.17
N ASN H 36 -15.04 1.66 -40.44
CA ASN H 36 -14.56 2.79 -39.64
C ASN H 36 -13.61 2.31 -38.54
N SER H 37 -13.93 1.16 -37.94
CA SER H 37 -13.05 0.57 -36.95
C SER H 37 -11.70 0.24 -37.54
N LEU H 38 -11.69 -0.34 -38.74
CA LEU H 38 -10.45 -0.76 -39.41
C LEU H 38 -9.59 0.44 -39.82
N CYS H 39 -10.23 1.48 -40.34
CA CYS H 39 -9.53 2.72 -40.67
C CYS H 39 -8.85 3.32 -39.43
N THR H 40 -9.54 3.32 -38.29
CA THR H 40 -8.95 3.84 -37.06
C THR H 40 -7.72 3.05 -36.63
N ALA H 41 -7.78 1.72 -36.68
CA ALA H 41 -6.60 0.91 -36.36
C ALA H 41 -5.45 1.16 -37.36
N VAL H 42 -5.78 1.26 -38.66
CA VAL H 42 -4.76 1.49 -39.67
C VAL H 42 -4.02 2.78 -39.39
N LYS H 43 -4.74 3.83 -38.96
CA LYS H 43 -4.07 5.07 -38.60
C LYS H 43 -3.15 4.87 -37.41
N ALA H 44 -3.54 4.04 -36.45
CA ALA H 44 -2.68 3.77 -35.32
C ALA H 44 -1.42 3.01 -35.74
N ILE H 45 -1.57 2.03 -36.64
CA ILE H 45 -0.40 1.30 -37.13
C ILE H 45 0.57 2.25 -37.83
N SER H 46 0.03 3.15 -38.66
CA SER H 46 0.84 4.11 -39.39
C SER H 46 1.63 4.99 -38.43
N SER H 47 0.99 5.42 -37.35
CA SER H 47 1.70 6.21 -36.36
C SER H 47 2.84 5.41 -35.74
N ALA H 48 2.59 4.12 -35.50
CA ALA H 48 3.64 3.28 -34.90
C ALA H 48 4.75 2.98 -35.90
N VAL H 49 4.38 2.75 -37.17
CA VAL H 49 5.37 2.44 -38.22
C VAL H 49 6.29 3.63 -38.49
N ARG H 50 5.76 4.85 -38.50
CA ARG H 50 6.58 6.04 -38.69
C ARG H 50 7.42 6.36 -37.46
N LYS H 51 7.34 5.56 -36.40
CA LYS H 51 8.19 5.64 -35.21
C LYS H 51 7.91 6.87 -34.34
N ALA H 52 6.65 7.30 -34.29
CA ALA H 52 6.26 8.32 -33.32
C ALA H 52 6.48 7.82 -31.89
N GLY H 53 7.01 8.68 -31.02
CA GLY H 53 7.34 8.27 -29.66
C GLY H 53 8.61 7.44 -29.50
N ILE H 54 9.37 7.23 -30.57
CA ILE H 54 10.59 6.41 -30.49
C ILE H 54 11.62 7.01 -29.53
N ALA H 55 11.64 8.35 -29.40
CA ALA H 55 12.57 9.01 -28.48
C ALA H 55 12.43 8.49 -27.06
N HIS H 56 11.22 8.05 -26.68
CA HIS H 56 11.01 7.53 -25.33
C HIS H 56 11.60 6.14 -25.16
N LEU H 57 11.55 5.33 -26.22
CA LEU H 57 12.21 4.03 -26.17
C LEU H 57 13.70 4.18 -25.97
N TYR H 58 14.27 5.30 -26.43
CA TYR H 58 15.69 5.55 -26.37
C TYR H 58 16.09 6.46 -25.22
N GLY H 59 15.22 6.61 -24.22
CA GLY H 59 15.61 7.20 -22.95
C GLY H 59 15.56 8.70 -22.86
N ILE H 60 14.75 9.37 -23.68
CA ILE H 60 14.64 10.82 -23.61
C ILE H 60 14.19 11.31 -22.23
N ALA H 61 13.48 10.48 -21.45
CA ALA H 61 13.07 10.84 -20.09
C ALA H 61 13.66 9.94 -19.00
N GLY H 62 14.70 9.15 -19.30
CA GLY H 62 15.25 8.24 -18.30
C GLY H 62 15.67 6.89 -18.86
N LYS H 73 7.81 -6.53 -32.19
CA LYS H 73 6.74 -5.91 -31.41
C LYS H 73 5.87 -5.07 -32.33
N LEU H 74 6.44 -4.61 -33.45
CA LEU H 74 5.67 -3.72 -34.32
C LEU H 74 4.55 -4.47 -35.04
N ASP H 75 4.79 -5.73 -35.40
CA ASP H 75 3.70 -6.52 -35.97
C ASP H 75 2.78 -7.11 -34.89
N VAL H 76 3.30 -7.30 -33.68
CA VAL H 76 2.44 -7.71 -32.56
C VAL H 76 1.54 -6.56 -32.15
N LEU H 77 2.08 -5.35 -32.06
CA LEU H 77 1.24 -4.19 -31.76
C LEU H 77 0.19 -3.98 -32.83
N SER H 78 0.58 -4.16 -34.11
CA SER H 78 -0.38 -4.05 -35.21
C SER H 78 -1.52 -5.04 -35.05
N ASN H 79 -1.18 -6.28 -34.71
CA ASN H 79 -2.21 -7.30 -34.54
C ASN H 79 -3.18 -6.92 -33.42
N ASP H 80 -2.65 -6.44 -32.29
CA ASP H 80 -3.49 -5.98 -31.20
C ASP H 80 -4.37 -4.80 -31.62
N LEU H 81 -3.83 -3.89 -32.43
CA LEU H 81 -4.64 -2.76 -32.87
C LEU H 81 -5.82 -3.24 -33.72
N VAL H 82 -5.56 -4.12 -34.69
CA VAL H 82 -6.61 -4.61 -35.57
C VAL H 82 -7.60 -5.50 -34.81
N MET H 83 -7.08 -6.48 -34.05
CA MET H 83 -7.92 -7.39 -33.31
C MET H 83 -8.86 -6.63 -32.40
N ASN H 84 -8.33 -5.62 -31.68
CA ASN H 84 -9.14 -4.94 -30.69
C ASN H 84 -10.21 -4.06 -31.31
N MET H 85 -9.87 -3.34 -32.38
CA MET H 85 -10.86 -2.47 -32.97
C MET H 85 -11.96 -3.28 -33.66
N LEU H 86 -11.64 -4.46 -34.17
CA LEU H 86 -12.65 -5.28 -34.83
C LEU H 86 -13.57 -5.95 -33.79
N LYS H 87 -13.00 -6.54 -32.73
CA LYS H 87 -13.84 -7.08 -31.67
C LYS H 87 -14.82 -6.01 -31.18
N SER H 88 -14.30 -4.83 -30.85
CA SER H 88 -15.12 -3.78 -30.25
C SER H 88 -16.00 -3.03 -31.25
N SER H 89 -15.91 -3.37 -32.54
CA SER H 89 -16.78 -2.78 -33.54
C SER H 89 -18.20 -3.35 -33.53
N PHE H 90 -18.40 -4.51 -32.90
CA PHE H 90 -19.67 -5.23 -32.85
C PHE H 90 -20.11 -5.73 -34.23
N ALA H 91 -19.21 -5.74 -35.20
CA ALA H 91 -19.56 -6.13 -36.56
C ALA H 91 -18.91 -7.45 -36.99
N THR H 92 -18.14 -8.08 -36.11
CA THR H 92 -17.32 -9.22 -36.51
C THR H 92 -17.61 -10.38 -35.57
N CYS H 93 -17.30 -11.57 -36.04
CA CYS H 93 -17.45 -12.76 -35.20
C CYS H 93 -16.30 -13.73 -35.30
N VAL H 94 -15.60 -13.77 -36.42
CA VAL H 94 -14.43 -14.61 -36.58
C VAL H 94 -13.33 -13.76 -37.20
N LEU H 95 -12.18 -13.76 -36.57
CA LEU H 95 -11.04 -12.98 -37.01
C LEU H 95 -9.91 -13.95 -37.29
N VAL H 96 -9.36 -13.89 -38.50
CA VAL H 96 -8.22 -14.71 -38.89
C VAL H 96 -7.06 -13.78 -39.18
N SER H 97 -5.93 -13.99 -38.51
CA SER H 97 -4.77 -13.12 -38.64
C SER H 97 -3.54 -13.96 -38.96
N GLU H 98 -2.61 -13.35 -39.71
CA GLU H 98 -1.32 -14.00 -39.92
C GLU H 98 -0.61 -14.29 -38.61
N GLU H 99 -0.89 -13.50 -37.56
CA GLU H 99 -0.18 -13.64 -36.30
C GLU H 99 -0.72 -14.74 -35.42
N ASP H 100 -1.92 -15.25 -35.70
CA ASP H 100 -2.59 -16.20 -34.81
C ASP H 100 -2.80 -17.50 -35.56
N LYS H 101 -2.32 -18.60 -34.99
CA LYS H 101 -2.54 -19.89 -35.63
C LYS H 101 -4.02 -20.22 -35.65
N HIS H 102 -4.75 -19.83 -34.59
CA HIS H 102 -6.16 -20.11 -34.48
C HIS H 102 -6.97 -18.91 -34.91
N ALA H 103 -8.15 -19.19 -35.46
CA ALA H 103 -9.13 -18.15 -35.66
C ALA H 103 -9.59 -17.63 -34.30
N ILE H 104 -9.85 -16.34 -34.24
CA ILE H 104 -10.35 -15.70 -33.03
C ILE H 104 -11.86 -15.57 -33.18
N ILE H 105 -12.57 -15.99 -32.15
CA ILE H 105 -14.03 -15.93 -32.13
C ILE H 105 -14.45 -14.76 -31.24
N VAL H 106 -15.13 -13.77 -31.83
CA VAL H 106 -15.57 -12.64 -31.01
C VAL H 106 -16.52 -13.16 -29.96
N GLU H 107 -16.33 -12.72 -28.72
CA GLU H 107 -17.14 -13.28 -27.66
C GLU H 107 -18.60 -12.87 -27.85
N PRO H 108 -19.55 -13.71 -27.42
CA PRO H 108 -20.96 -13.53 -27.81
C PRO H 108 -21.49 -12.12 -27.63
N GLU H 109 -21.10 -11.43 -26.57
CA GLU H 109 -21.66 -10.11 -26.32
C GLU H 109 -21.28 -9.10 -27.40
N LYS H 110 -20.23 -9.37 -28.16
CA LYS H 110 -19.75 -8.42 -29.15
C LYS H 110 -19.91 -8.91 -30.58
N ARG H 111 -20.68 -9.98 -30.80
CA ARG H 111 -20.67 -10.63 -32.10
C ARG H 111 -21.43 -9.83 -33.14
N GLY H 112 -20.87 -9.80 -34.35
CA GLY H 112 -21.55 -9.25 -35.49
C GLY H 112 -21.43 -10.22 -36.65
N LYS H 113 -21.82 -9.78 -37.86
CA LYS H 113 -22.13 -10.71 -38.93
C LYS H 113 -21.00 -10.92 -39.94
N TYR H 114 -19.82 -10.41 -39.69
CA TYR H 114 -18.77 -10.44 -40.69
C TYR H 114 -17.53 -11.21 -40.22
N VAL H 115 -16.90 -11.89 -41.17
CA VAL H 115 -15.63 -12.59 -40.96
C VAL H 115 -14.54 -11.76 -41.62
N VAL H 116 -13.45 -11.51 -40.89
CA VAL H 116 -12.34 -10.71 -41.39
C VAL H 116 -11.04 -11.52 -41.32
N CYS H 117 -10.32 -11.60 -42.43
CA CYS H 117 -9.00 -12.19 -42.53
C CYS H 117 -7.97 -11.09 -42.81
N PHE H 118 -6.88 -11.03 -42.04
CA PHE H 118 -5.94 -9.93 -42.26
C PHE H 118 -4.49 -10.32 -41.99
N ASP H 119 -3.59 -9.65 -42.72
CA ASP H 119 -2.19 -9.58 -42.35
C ASP H 119 -1.97 -8.19 -41.77
N PRO H 120 -1.83 -8.03 -40.44
CA PRO H 120 -1.84 -6.66 -39.87
C PRO H 120 -0.63 -5.83 -40.26
N LEU H 121 0.52 -6.46 -40.48
CA LEU H 121 1.72 -5.74 -40.88
C LEU H 121 2.52 -6.63 -41.83
N ASP H 122 2.13 -6.62 -43.10
CA ASP H 122 2.83 -7.43 -44.09
C ASP H 122 4.20 -6.82 -44.39
N GLY H 123 5.22 -7.68 -44.43
CA GLY H 123 6.57 -7.22 -44.71
C GLY H 123 7.38 -6.80 -43.52
N SER H 124 6.95 -7.10 -42.30
CA SER H 124 7.65 -6.61 -41.11
C SER H 124 8.93 -7.39 -40.83
N SER H 125 9.17 -8.50 -41.52
CA SER H 125 10.48 -9.15 -41.41
C SER H 125 11.58 -8.25 -41.97
N ASN H 126 11.28 -7.51 -43.04
CA ASN H 126 12.21 -6.61 -43.71
C ASN H 126 11.99 -5.14 -43.32
N ILE H 127 11.47 -4.89 -42.12
CA ILE H 127 11.19 -3.52 -41.68
C ILE H 127 12.41 -2.83 -41.10
N ASP H 128 13.47 -3.58 -40.78
CA ASP H 128 14.69 -3.00 -40.24
C ASP H 128 15.45 -2.17 -41.29
N CYS H 129 15.22 -2.45 -42.57
CA CYS H 129 15.73 -1.61 -43.65
C CYS H 129 14.73 -0.52 -44.03
N LEU H 130 13.68 -0.35 -43.22
CA LEU H 130 12.64 0.67 -43.38
C LEU H 130 11.88 0.53 -44.68
N VAL H 131 11.87 -0.68 -45.26
CA VAL H 131 11.13 -0.85 -46.51
C VAL H 131 9.64 -0.75 -46.22
N SER H 132 8.88 -0.47 -47.28
CA SER H 132 7.43 -0.34 -47.13
C SER H 132 6.83 -1.56 -46.47
N VAL H 133 5.86 -1.32 -45.62
CA VAL H 133 5.04 -2.35 -45.00
C VAL H 133 3.58 -2.00 -45.24
N GLY H 134 2.70 -2.95 -44.93
CA GLY H 134 1.29 -2.78 -45.24
C GLY H 134 0.40 -3.67 -44.41
N THR H 135 -0.88 -3.32 -44.41
CA THR H 135 -1.91 -4.11 -43.79
C THR H 135 -2.83 -4.63 -44.91
N ILE H 136 -3.17 -5.92 -44.87
CA ILE H 136 -4.07 -6.50 -45.86
C ILE H 136 -5.29 -7.06 -45.13
N PHE H 137 -6.48 -6.86 -45.71
CA PHE H 137 -7.68 -7.37 -45.09
C PHE H 137 -8.67 -7.81 -46.15
N GLY H 138 -9.45 -8.83 -45.82
CA GLY H 138 -10.60 -9.29 -46.61
C GLY H 138 -11.79 -9.58 -45.71
N ILE H 139 -12.97 -9.15 -46.12
CA ILE H 139 -14.15 -9.19 -45.26
C ILE H 139 -15.22 -10.07 -45.90
N TYR H 140 -15.58 -11.15 -45.21
CA TYR H 140 -16.64 -12.05 -45.67
C TYR H 140 -17.85 -11.96 -44.75
N ARG H 141 -19.03 -12.19 -45.33
CA ARG H 141 -20.25 -12.30 -44.55
C ARG H 141 -20.32 -13.70 -43.93
N LYS H 142 -20.66 -13.77 -42.65
CA LYS H 142 -20.95 -15.09 -42.08
C LYS H 142 -22.17 -15.70 -42.75
N LYS H 143 -22.02 -16.92 -43.27
CA LYS H 143 -23.02 -17.47 -44.16
C LYS H 143 -24.04 -18.38 -43.48
N SER H 144 -23.78 -18.83 -42.25
CA SER H 144 -24.66 -19.78 -41.61
C SER H 144 -24.90 -19.32 -40.19
N THR H 145 -25.92 -19.90 -39.56
CA THR H 145 -26.32 -19.51 -38.23
C THR H 145 -25.71 -20.41 -37.17
N ASP H 146 -24.79 -21.28 -37.55
CA ASP H 146 -24.14 -22.12 -36.57
C ASP H 146 -23.34 -21.25 -35.59
N GLU H 147 -22.79 -21.89 -34.56
CA GLU H 147 -21.84 -21.22 -33.70
C GLU H 147 -20.61 -20.81 -34.52
N PRO H 148 -20.12 -19.59 -34.37
CA PRO H 148 -18.95 -19.18 -35.16
C PRO H 148 -17.74 -20.05 -34.84
N SER H 149 -17.06 -20.50 -35.89
CA SER H 149 -15.89 -21.35 -35.78
C SER H 149 -14.96 -21.06 -36.96
N GLU H 150 -13.83 -21.78 -37.02
CA GLU H 150 -12.91 -21.61 -38.14
C GLU H 150 -13.59 -21.88 -39.47
N LYS H 151 -14.61 -22.76 -39.49
CA LYS H 151 -15.31 -23.11 -40.72
C LYS H 151 -15.81 -21.88 -41.46
N ASP H 152 -16.23 -20.85 -40.71
CA ASP H 152 -16.82 -19.68 -41.33
C ASP H 152 -15.82 -18.85 -42.14
N ALA H 153 -14.52 -19.01 -41.90
CA ALA H 153 -13.49 -18.24 -42.60
C ALA H 153 -12.96 -18.92 -43.86
N LEU H 154 -13.40 -20.13 -44.16
CA LEU H 154 -12.92 -20.91 -45.30
C LEU H 154 -13.76 -20.64 -46.55
N GLN H 155 -14.09 -19.44 -46.81
CA GLN H 155 -14.80 -19.21 -48.05
C GLN H 155 -13.83 -18.85 -49.18
N PRO H 156 -14.19 -19.18 -50.41
CA PRO H 156 -13.41 -18.70 -51.55
C PRO H 156 -13.55 -17.19 -51.69
N GLY H 157 -12.51 -16.57 -52.28
CA GLY H 157 -12.49 -15.14 -52.44
C GLY H 157 -13.66 -14.58 -53.21
N ARG H 158 -14.27 -15.39 -54.11
CA ARG H 158 -15.48 -14.95 -54.81
C ARG H 158 -16.50 -14.37 -53.83
N ASN H 159 -16.52 -14.88 -52.60
CA ASN H 159 -17.51 -14.43 -51.63
C ASN H 159 -17.12 -13.15 -50.91
N LEU H 160 -15.95 -12.57 -51.19
CA LEU H 160 -15.53 -11.40 -50.44
C LEU H 160 -16.59 -10.32 -50.55
N VAL H 161 -16.90 -9.69 -49.42
CA VAL H 161 -17.78 -8.53 -49.38
C VAL H 161 -17.01 -7.24 -49.63
N ALA H 162 -15.79 -7.17 -49.12
CA ALA H 162 -14.90 -6.04 -49.32
C ALA H 162 -13.49 -6.51 -48.96
N ALA H 163 -12.50 -5.90 -49.59
CA ALA H 163 -11.11 -6.24 -49.33
C ALA H 163 -10.24 -5.05 -49.69
N GLY H 164 -8.99 -5.08 -49.24
CA GLY H 164 -8.10 -4.01 -49.60
C GLY H 164 -6.83 -4.01 -48.76
N TYR H 165 -6.13 -2.88 -48.81
CA TYR H 165 -4.87 -2.82 -48.11
C TYR H 165 -4.51 -1.37 -47.79
N ALA H 166 -3.76 -1.21 -46.72
CA ALA H 166 -3.11 0.03 -46.40
C ALA H 166 -1.63 -0.18 -46.66
N LEU H 167 -1.03 0.77 -47.39
CA LEU H 167 0.39 0.78 -47.68
C LEU H 167 1.02 1.88 -46.84
N TYR H 168 1.95 1.52 -45.96
CA TYR H 168 2.72 2.50 -45.16
C TYR H 168 4.04 2.75 -45.90
N GLY H 169 3.95 3.56 -46.95
CA GLY H 169 5.04 3.84 -47.89
C GLY H 169 5.68 5.19 -47.67
N SER H 170 6.01 5.87 -48.77
CA SER H 170 6.46 7.24 -48.63
C SER H 170 5.38 8.11 -48.03
N ALA H 171 4.13 7.82 -48.37
CA ALA H 171 2.94 8.29 -47.68
C ALA H 171 2.11 7.07 -47.35
N THR H 172 1.06 7.24 -46.54
CA THR H 172 0.21 6.11 -46.17
C THR H 172 -1.06 6.11 -47.01
N MET H 173 -1.27 5.04 -47.77
CA MET H 173 -2.47 4.98 -48.62
C MET H 173 -3.30 3.76 -48.26
N LEU H 174 -4.62 3.96 -48.23
CA LEU H 174 -5.61 2.90 -48.04
C LEU H 174 -6.32 2.65 -49.35
N VAL H 175 -6.27 1.41 -49.82
CA VAL H 175 -6.94 0.99 -51.04
C VAL H 175 -8.11 0.09 -50.67
N LEU H 176 -9.31 0.49 -51.05
CA LEU H 176 -10.52 -0.24 -50.70
C LEU H 176 -11.26 -0.70 -51.95
N ALA H 177 -11.45 -2.00 -52.07
CA ALA H 177 -12.19 -2.59 -53.18
C ALA H 177 -13.52 -3.09 -52.65
N MET H 178 -14.59 -2.65 -53.29
CA MET H 178 -15.92 -3.16 -52.97
C MET H 178 -16.67 -3.47 -54.25
N ASP H 179 -17.97 -3.77 -54.16
CA ASP H 179 -18.70 -4.08 -55.38
C ASP H 179 -18.75 -2.86 -56.30
N CYS H 180 -18.73 -1.66 -55.74
CA CYS H 180 -18.72 -0.42 -56.50
C CYS H 180 -17.36 -0.08 -57.11
N GLY H 181 -16.35 -0.92 -56.94
CA GLY H 181 -15.06 -0.67 -57.55
C GLY H 181 -13.98 -0.41 -56.49
N VAL H 182 -12.84 0.06 -56.98
CA VAL H 182 -11.66 0.26 -56.14
C VAL H 182 -11.48 1.77 -55.99
N ASN H 183 -11.29 2.22 -54.75
CA ASN H 183 -11.06 3.64 -54.48
C ASN H 183 -9.87 3.79 -53.54
N CYS H 184 -9.05 4.81 -53.82
CA CYS H 184 -7.75 5.01 -53.15
C CYS H 184 -7.79 6.22 -52.25
N PHE H 185 -7.44 6.03 -50.98
CA PHE H 185 -7.50 7.10 -49.99
C PHE H 185 -6.12 7.40 -49.44
N MET H 186 -5.78 8.68 -49.39
CA MET H 186 -4.51 9.15 -48.85
C MET H 186 -4.70 9.66 -47.43
N LEU H 187 -3.91 9.13 -46.49
CA LEU H 187 -3.94 9.60 -45.12
C LEU H 187 -3.25 10.97 -45.02
N ASP H 188 -4.03 11.98 -44.64
CA ASP H 188 -3.49 13.30 -44.34
C ASP H 188 -3.08 13.32 -42.88
N PRO H 189 -1.78 13.27 -42.56
CA PRO H 189 -1.37 13.11 -41.15
C PRO H 189 -1.64 14.34 -40.27
N ALA H 190 -1.85 15.52 -40.86
CA ALA H 190 -2.17 16.69 -40.06
C ALA H 190 -3.52 16.58 -39.37
N ILE H 191 -4.47 15.86 -39.95
CA ILE H 191 -5.83 15.77 -39.39
C ILE H 191 -6.30 14.34 -39.18
N GLY H 192 -5.52 13.33 -39.55
CA GLY H 192 -5.98 11.98 -39.35
C GLY H 192 -7.22 11.64 -40.15
N GLU H 193 -7.17 11.89 -41.45
CA GLU H 193 -8.30 11.61 -42.35
C GLU H 193 -7.78 10.96 -43.61
N PHE H 194 -8.53 9.98 -44.11
CA PHE H 194 -8.22 9.37 -45.39
C PHE H 194 -8.97 10.14 -46.46
N ILE H 195 -8.23 10.82 -47.33
CA ILE H 195 -8.82 11.67 -48.36
C ILE H 195 -8.90 10.88 -49.65
N LEU H 196 -10.08 10.82 -50.24
CA LEU H 196 -10.26 10.12 -51.50
C LEU H 196 -9.50 10.85 -52.60
N VAL H 197 -8.52 10.16 -53.21
CA VAL H 197 -7.71 10.76 -54.27
C VAL H 197 -7.80 10.02 -55.59
N ASP H 198 -8.18 8.74 -55.62
CA ASP H 198 -8.31 7.97 -56.87
C ASP H 198 -9.64 7.23 -56.89
N LYS H 199 -10.60 7.72 -57.66
CA LYS H 199 -11.94 7.15 -57.72
C LYS H 199 -12.00 6.08 -58.79
N ASP H 200 -12.58 4.93 -58.47
CA ASP H 200 -12.95 3.90 -59.44
C ASP H 200 -11.79 3.57 -60.38
N VAL H 201 -10.72 3.06 -59.80
CA VAL H 201 -9.46 2.91 -60.51
C VAL H 201 -9.45 1.60 -61.28
N LYS H 202 -8.81 1.63 -62.45
CA LYS H 202 -8.67 0.48 -63.31
C LYS H 202 -7.22 0.31 -63.70
N ILE H 203 -6.75 -0.92 -63.68
CA ILE H 203 -5.37 -1.22 -64.03
C ILE H 203 -5.21 -1.20 -65.55
N LYS H 204 -4.02 -0.81 -65.99
CA LYS H 204 -3.70 -0.82 -67.43
C LYS H 204 -3.91 -2.21 -68.02
N LYS H 205 -4.38 -2.23 -69.28
CA LYS H 205 -4.56 -3.48 -69.99
C LYS H 205 -3.23 -4.23 -70.12
N LYS H 206 -2.12 -3.51 -70.29
CA LYS H 206 -0.81 -4.14 -70.37
C LYS H 206 0.24 -3.20 -69.79
N GLY H 207 1.17 -3.78 -69.02
CA GLY H 207 2.22 -3.04 -68.36
C GLY H 207 3.59 -3.23 -68.97
N LYS H 208 4.59 -2.71 -68.26
CA LYS H 208 5.98 -2.77 -68.70
C LYS H 208 6.91 -3.23 -67.58
N ILE H 209 6.37 -3.78 -66.48
CA ILE H 209 7.16 -4.18 -65.32
C ILE H 209 6.76 -5.59 -64.90
N TYR H 210 7.76 -6.42 -64.62
CA TYR H 210 7.52 -7.69 -63.98
C TYR H 210 8.22 -7.67 -62.64
N SER H 211 7.66 -8.42 -61.70
CA SER H 211 8.08 -8.35 -60.31
C SER H 211 8.06 -9.75 -59.73
N LEU H 212 9.24 -10.27 -59.41
CA LEU H 212 9.41 -11.52 -58.69
C LEU H 212 10.84 -11.60 -58.19
N ASN H 213 11.07 -12.53 -57.26
CA ASN H 213 12.40 -12.77 -56.70
C ASN H 213 13.21 -13.64 -57.63
N GLU H 214 14.04 -13.01 -58.47
CA GLU H 214 14.84 -13.80 -59.42
C GLU H 214 16.02 -14.52 -58.79
N GLY H 215 16.31 -14.29 -57.51
CA GLY H 215 17.35 -15.08 -56.89
C GLY H 215 17.00 -16.55 -56.77
N TYR H 216 15.71 -16.87 -56.79
CA TYR H 216 15.27 -18.26 -56.74
C TYR H 216 15.10 -18.86 -58.13
N ALA H 217 15.82 -18.30 -59.11
CA ALA H 217 15.69 -18.75 -60.50
C ALA H 217 16.12 -20.20 -60.69
N LYS H 218 17.05 -20.68 -59.86
CA LYS H 218 17.45 -22.08 -59.92
C LYS H 218 16.27 -23.02 -59.71
N ASP H 219 15.31 -22.63 -58.89
CA ASP H 219 14.18 -23.48 -58.56
C ASP H 219 12.92 -23.12 -59.32
N PHE H 220 13.00 -22.27 -60.35
CA PHE H 220 11.80 -21.87 -61.08
C PHE H 220 11.18 -23.05 -61.81
N ASP H 221 9.86 -23.08 -61.78
CA ASP H 221 9.13 -23.93 -62.70
C ASP H 221 9.48 -23.52 -64.14
N PRO H 222 9.58 -24.46 -65.08
CA PRO H 222 10.00 -24.09 -66.44
C PRO H 222 9.13 -23.04 -67.10
N ALA H 223 7.83 -23.00 -66.80
CA ALA H 223 6.97 -21.98 -67.38
C ALA H 223 7.36 -20.58 -66.92
N VAL H 224 7.71 -20.44 -65.64
CA VAL H 224 8.12 -19.13 -65.14
C VAL H 224 9.45 -18.72 -65.76
N THR H 225 10.40 -19.66 -65.84
CA THR H 225 11.66 -19.39 -66.53
C THR H 225 11.43 -18.89 -67.94
N GLU H 226 10.54 -19.56 -68.69
CA GLU H 226 10.32 -19.15 -70.07
C GLU H 226 9.65 -17.78 -70.12
N TYR H 227 8.66 -17.56 -69.27
CA TYR H 227 7.96 -16.28 -69.28
C TYR H 227 8.90 -15.13 -68.97
N ILE H 228 9.74 -15.30 -67.95
CA ILE H 228 10.64 -14.22 -67.55
C ILE H 228 11.67 -13.97 -68.64
N GLN H 229 12.16 -15.03 -69.28
CA GLN H 229 13.09 -14.89 -70.37
C GLN H 229 12.50 -14.06 -71.52
N ARG H 230 11.21 -14.22 -71.78
CA ARG H 230 10.58 -13.41 -72.82
C ARG H 230 10.41 -11.95 -72.42
N LYS H 231 10.36 -11.69 -71.11
CA LYS H 231 10.26 -10.30 -70.65
C LYS H 231 11.59 -9.58 -70.81
N LYS H 232 12.70 -10.29 -70.63
CA LYS H 232 14.03 -9.72 -70.81
C LYS H 232 14.51 -9.79 -72.24
N PHE H 233 14.04 -10.77 -73.01
CA PHE H 233 14.50 -11.03 -74.37
C PHE H 233 13.31 -11.16 -75.28
N PRO H 234 12.62 -10.06 -75.56
CA PRO H 234 11.40 -10.14 -76.34
C PRO H 234 11.70 -10.70 -77.71
N PRO H 235 10.88 -11.65 -78.17
CA PRO H 235 11.14 -12.26 -79.48
C PRO H 235 10.98 -11.28 -80.63
N ASP H 236 10.10 -10.29 -80.48
CA ASP H 236 9.88 -9.31 -81.54
C ASP H 236 10.84 -8.13 -81.42
N ASN H 237 10.32 -6.94 -81.68
CA ASN H 237 11.10 -5.71 -81.62
C ASN H 237 10.72 -4.79 -80.47
N SER H 238 9.87 -5.23 -79.54
CA SER H 238 9.58 -4.35 -78.44
C SER H 238 10.73 -4.30 -77.44
N ALA H 239 10.61 -3.37 -76.54
CA ALA H 239 11.53 -3.10 -75.48
C ALA H 239 11.37 -4.13 -74.37
N PRO H 240 12.46 -4.60 -73.77
CA PRO H 240 12.32 -5.49 -72.61
C PRO H 240 11.64 -4.76 -71.47
N TYR H 241 10.98 -5.51 -70.59
CA TYR H 241 10.35 -4.90 -69.42
C TYR H 241 11.38 -4.44 -68.39
N GLY H 242 11.03 -3.41 -67.64
CA GLY H 242 11.76 -3.13 -66.43
C GLY H 242 11.40 -4.13 -65.33
N ALA H 243 12.34 -4.31 -64.41
CA ALA H 243 12.15 -5.19 -63.26
C ALA H 243 12.20 -4.34 -61.99
N ARG H 244 11.26 -4.63 -61.08
CA ARG H 244 11.12 -4.06 -59.75
C ARG H 244 10.67 -5.15 -58.79
N TYR H 245 11.27 -5.22 -57.60
CA TYR H 245 10.84 -6.16 -56.57
C TYR H 245 11.22 -5.62 -55.19
N VAL H 246 10.27 -4.99 -54.50
CA VAL H 246 10.51 -4.45 -53.16
C VAL H 246 10.68 -5.59 -52.14
N GLY H 247 9.97 -6.69 -52.32
CA GLY H 247 9.96 -7.77 -51.37
C GLY H 247 8.88 -7.64 -50.30
N SER H 248 8.03 -6.62 -50.40
CA SER H 248 6.86 -6.46 -49.54
C SER H 248 5.66 -6.44 -50.46
N MET H 249 4.77 -7.43 -50.29
CA MET H 249 3.72 -7.66 -51.29
C MET H 249 2.86 -6.42 -51.50
N VAL H 250 2.50 -5.74 -50.41
CA VAL H 250 1.64 -4.58 -50.52
C VAL H 250 2.25 -3.53 -51.45
N ALA H 251 3.56 -3.27 -51.33
CA ALA H 251 4.19 -2.30 -52.21
C ALA H 251 4.21 -2.81 -53.65
N ASP H 252 4.68 -4.03 -53.86
CA ASP H 252 4.77 -4.56 -55.23
C ASP H 252 3.39 -4.63 -55.90
N VAL H 253 2.36 -5.08 -55.16
CA VAL H 253 1.02 -5.16 -55.75
C VAL H 253 0.44 -3.77 -56.03
N HIS H 254 0.63 -2.80 -55.13
CA HIS H 254 0.13 -1.46 -55.37
C HIS H 254 0.82 -0.82 -56.58
N ARG H 255 2.14 -1.01 -56.72
CA ARG H 255 2.81 -0.49 -57.90
C ARG H 255 2.24 -1.12 -59.16
N THR H 256 1.99 -2.43 -59.11
CA THR H 256 1.34 -3.10 -60.22
C THR H 256 -0.02 -2.48 -60.51
N LEU H 257 -0.80 -2.16 -59.48
CA LEU H 257 -2.11 -1.53 -59.70
C LEU H 257 -1.95 -0.18 -60.39
N VAL H 258 -1.01 0.63 -59.92
CA VAL H 258 -0.90 2.02 -60.33
C VAL H 258 -0.19 2.16 -61.68
N TYR H 259 0.80 1.33 -61.93
CA TYR H 259 1.60 1.44 -63.15
C TYR H 259 1.33 0.34 -64.15
N GLY H 260 0.61 -0.71 -63.77
CA GLY H 260 0.43 -1.86 -64.65
C GLY H 260 1.63 -2.79 -64.58
N GLY H 261 1.47 -3.95 -65.20
CA GLY H 261 2.54 -4.94 -65.15
C GLY H 261 2.07 -6.23 -64.54
N ILE H 262 3.00 -7.02 -64.00
CA ILE H 262 2.69 -8.34 -63.51
C ILE H 262 3.52 -8.61 -62.25
N PHE H 263 2.89 -9.21 -61.24
CA PHE H 263 3.54 -9.65 -60.01
C PHE H 263 3.39 -11.16 -59.91
N LEU H 264 4.48 -11.85 -59.59
CA LEU H 264 4.50 -13.30 -59.51
C LEU H 264 5.13 -13.76 -58.20
N TYR H 265 4.41 -14.61 -57.47
CA TYR H 265 4.99 -15.45 -56.42
C TYR H 265 4.50 -16.86 -56.72
N PRO H 266 5.12 -17.51 -57.70
CA PRO H 266 4.54 -18.71 -58.31
C PRO H 266 4.88 -20.00 -57.57
N ALA H 267 4.27 -21.08 -58.05
CA ALA H 267 4.55 -22.42 -57.55
C ALA H 267 5.71 -23.06 -58.30
N ASN H 268 6.43 -23.95 -57.61
CA ASN H 268 7.50 -24.74 -58.20
C ASN H 268 7.44 -26.12 -57.59
N LYS H 269 8.44 -26.95 -57.87
CA LYS H 269 8.49 -28.28 -57.26
C LYS H 269 8.76 -28.20 -55.77
N LYS H 270 9.47 -27.17 -55.31
CA LYS H 270 9.79 -27.03 -53.89
C LYS H 270 8.63 -26.48 -53.06
N SER H 271 7.74 -25.71 -53.68
CA SER H 271 6.57 -25.15 -52.99
C SER H 271 5.40 -25.22 -53.95
N PRO H 272 4.86 -26.42 -54.18
CA PRO H 272 3.83 -26.57 -55.23
C PRO H 272 2.56 -25.80 -54.94
N ASN H 273 2.36 -25.33 -53.70
CA ASN H 273 1.26 -24.43 -53.39
C ASN H 273 1.74 -23.01 -53.15
N GLY H 274 2.98 -22.68 -53.49
CA GLY H 274 3.42 -21.32 -53.27
C GLY H 274 3.81 -21.01 -51.84
N LYS H 275 4.09 -19.73 -51.62
CA LYS H 275 4.55 -19.23 -50.33
C LYS H 275 3.59 -18.24 -49.69
N LEU H 276 2.94 -17.40 -50.48
CA LEU H 276 2.02 -16.42 -49.91
C LEU H 276 0.74 -17.14 -49.44
N ARG H 277 0.13 -16.58 -48.40
CA ARG H 277 -1.04 -17.20 -47.76
C ARG H 277 -2.32 -16.82 -48.48
N LEU H 278 -3.21 -17.81 -48.67
CA LEU H 278 -4.39 -17.59 -49.51
C LEU H 278 -5.38 -16.62 -48.87
N LEU H 279 -5.67 -16.79 -47.56
CA LEU H 279 -6.82 -16.11 -46.95
C LEU H 279 -6.59 -14.61 -46.78
N TYR H 280 -5.40 -14.19 -46.37
CA TYR H 280 -5.17 -12.79 -46.04
C TYR H 280 -4.07 -12.12 -46.88
N GLU H 281 -3.60 -12.77 -47.95
CA GLU H 281 -2.71 -12.12 -48.90
C GLU H 281 -3.23 -12.22 -50.34
N CYS H 282 -3.38 -13.45 -50.83
CA CYS H 282 -3.70 -13.67 -52.23
C CYS H 282 -5.14 -13.25 -52.52
N ASN H 283 -6.08 -13.65 -51.66
CA ASN H 283 -7.47 -13.31 -51.92
C ASN H 283 -7.72 -11.81 -51.88
N PRO H 284 -7.36 -11.08 -50.82
CA PRO H 284 -7.69 -9.64 -50.83
C PRO H 284 -7.07 -8.94 -52.02
N MET H 285 -5.85 -9.34 -52.39
CA MET H 285 -5.19 -8.76 -53.56
C MET H 285 -5.86 -9.18 -54.86
N ALA H 286 -6.32 -10.44 -54.94
CA ALA H 286 -7.06 -10.88 -56.12
C ALA H 286 -8.34 -10.08 -56.30
N TYR H 287 -9.01 -9.78 -55.20
CA TYR H 287 -10.28 -9.06 -55.27
C TYR H 287 -10.07 -7.64 -55.74
N VAL H 288 -9.06 -6.95 -55.19
CA VAL H 288 -8.69 -5.63 -55.66
C VAL H 288 -8.40 -5.66 -57.15
N MET H 289 -7.61 -6.66 -57.58
CA MET H 289 -7.21 -6.76 -58.99
C MET H 289 -8.42 -6.94 -59.89
N GLU H 290 -9.30 -7.88 -59.57
CA GLU H 290 -10.44 -8.12 -60.43
C GLU H 290 -11.42 -6.94 -60.38
N LYS H 291 -11.58 -6.32 -59.22
CA LYS H 291 -12.39 -5.10 -59.18
C LYS H 291 -11.76 -3.96 -59.97
N ALA H 292 -10.46 -4.00 -60.25
CA ALA H 292 -9.83 -2.98 -61.07
C ALA H 292 -9.65 -3.38 -62.54
N GLY H 293 -10.22 -4.53 -62.95
CA GLY H 293 -10.05 -4.99 -64.31
C GLY H 293 -8.79 -5.80 -64.53
N GLY H 294 -8.14 -6.25 -63.46
CA GLY H 294 -6.95 -7.07 -63.58
C GLY H 294 -7.29 -8.52 -63.34
N MET H 295 -6.26 -9.33 -63.29
CA MET H 295 -6.44 -10.77 -63.15
C MET H 295 -5.51 -11.29 -62.07
N ALA H 296 -5.88 -12.44 -61.51
CA ALA H 296 -5.09 -13.08 -60.46
C ALA H 296 -5.31 -14.58 -60.57
N THR H 297 -4.24 -15.32 -60.85
CA THR H 297 -4.33 -16.75 -61.08
C THR H 297 -3.31 -17.49 -60.24
N THR H 298 -3.64 -18.74 -59.95
CA THR H 298 -2.70 -19.71 -59.40
C THR H 298 -1.89 -20.38 -60.51
N GLY H 299 -2.27 -20.16 -61.75
CA GLY H 299 -1.74 -20.94 -62.86
C GLY H 299 -2.75 -21.96 -63.29
N LYS H 300 -3.35 -22.67 -62.33
CA LYS H 300 -4.38 -23.65 -62.64
C LYS H 300 -5.78 -23.04 -62.59
N GLU H 301 -6.02 -22.08 -61.69
CA GLU H 301 -7.34 -21.49 -61.56
C GLU H 301 -7.19 -20.06 -61.07
N ALA H 302 -8.25 -19.29 -61.23
CA ALA H 302 -8.34 -17.99 -60.60
C ALA H 302 -8.24 -18.14 -59.09
N VAL H 303 -7.49 -17.22 -58.49
CA VAL H 303 -7.25 -17.23 -57.04
C VAL H 303 -8.59 -17.24 -56.30
N LEU H 304 -9.50 -16.35 -56.72
CA LEU H 304 -10.78 -16.22 -56.06
C LEU H 304 -11.65 -17.48 -56.17
N ASP H 305 -11.27 -18.44 -57.02
CA ASP H 305 -12.06 -19.68 -57.13
C ASP H 305 -11.50 -20.82 -56.30
N VAL H 306 -10.36 -20.66 -55.62
CA VAL H 306 -9.85 -21.72 -54.79
C VAL H 306 -10.79 -21.88 -53.59
N ILE H 307 -11.18 -23.11 -53.29
CA ILE H 307 -11.97 -23.42 -52.11
C ILE H 307 -10.99 -23.71 -50.98
N PRO H 308 -10.85 -22.82 -50.00
CA PRO H 308 -9.82 -23.03 -48.98
C PRO H 308 -10.19 -24.15 -48.02
N THR H 309 -9.19 -24.92 -47.62
CA THR H 309 -9.33 -25.93 -46.60
C THR H 309 -8.59 -25.61 -45.32
N ASP H 310 -7.67 -24.67 -45.34
CA ASP H 310 -6.93 -24.29 -44.15
C ASP H 310 -6.78 -22.78 -44.12
N ILE H 311 -6.96 -22.18 -42.95
CA ILE H 311 -6.93 -20.72 -42.87
C ILE H 311 -5.54 -20.22 -43.19
N HIS H 312 -4.51 -21.02 -42.91
CA HIS H 312 -3.14 -20.63 -43.16
C HIS H 312 -2.57 -21.31 -44.40
N GLN H 313 -3.44 -21.80 -45.28
CA GLN H 313 -2.95 -22.47 -46.47
C GLN H 313 -2.38 -21.44 -47.45
N ARG H 314 -1.37 -21.88 -48.21
CA ARG H 314 -0.69 -21.08 -49.20
C ARG H 314 -1.26 -21.31 -50.59
N ALA H 315 -0.99 -20.37 -51.49
CA ALA H 315 -1.39 -20.41 -52.89
C ALA H 315 -0.33 -19.71 -53.73
N PRO H 316 -0.01 -20.24 -54.89
CA PRO H 316 0.80 -19.46 -55.84
C PRO H 316 -0.07 -18.33 -56.37
N VAL H 317 0.58 -17.24 -56.77
CA VAL H 317 -0.17 -16.09 -57.22
C VAL H 317 0.59 -15.43 -58.37
N ILE H 318 -0.16 -15.10 -59.43
CA ILE H 318 0.30 -14.30 -60.57
C ILE H 318 -0.82 -13.32 -60.87
N LEU H 319 -0.57 -12.04 -60.69
CA LEU H 319 -1.61 -11.02 -60.80
C LEU H 319 -1.05 -9.83 -61.54
N GLY H 320 -1.96 -8.95 -61.94
CA GLY H 320 -1.58 -7.73 -62.64
C GLY H 320 -2.42 -7.44 -63.85
N SER H 321 -1.82 -6.76 -64.83
CA SER H 321 -2.54 -6.39 -66.04
C SER H 321 -3.10 -7.63 -66.72
N PRO H 322 -4.30 -7.56 -67.29
CA PRO H 322 -4.89 -8.79 -67.88
C PRO H 322 -4.09 -9.32 -69.08
N ASP H 323 -3.60 -8.46 -69.97
CA ASP H 323 -2.81 -8.97 -71.10
C ASP H 323 -1.56 -9.69 -70.62
N ASP H 324 -0.96 -9.23 -69.51
CA ASP H 324 0.26 -9.87 -69.01
C ASP H 324 -0.02 -11.18 -68.30
N VAL H 325 -1.12 -11.25 -67.53
CA VAL H 325 -1.50 -12.49 -66.87
C VAL H 325 -1.96 -13.52 -67.90
N LEU H 326 -2.71 -13.08 -68.90
CA LEU H 326 -3.10 -14.01 -69.96
C LEU H 326 -1.87 -14.54 -70.69
N GLU H 327 -0.90 -13.67 -70.98
CA GLU H 327 0.33 -14.10 -71.63
C GLU H 327 1.10 -15.11 -70.78
N PHE H 328 1.19 -14.86 -69.48
CA PHE H 328 1.83 -15.85 -68.61
C PHE H 328 1.06 -17.17 -68.63
N LEU H 329 -0.28 -17.12 -68.69
CA LEU H 329 -1.06 -18.35 -68.72
C LEU H 329 -0.81 -19.14 -70.00
N LYS H 330 -0.63 -18.41 -71.10
CA LYS H 330 -0.26 -19.07 -72.36
C LYS H 330 1.07 -19.79 -72.24
N VAL H 331 2.10 -19.14 -71.68
CA VAL H 331 3.37 -19.84 -71.46
C VAL H 331 3.14 -21.01 -70.50
N TYR H 332 2.32 -20.79 -69.49
CA TYR H 332 2.03 -21.82 -68.50
C TYR H 332 1.37 -23.04 -69.14
N GLU H 333 0.39 -22.81 -70.02
CA GLU H 333 -0.22 -23.93 -70.73
C GLU H 333 0.79 -24.65 -71.62
N LYS H 334 1.75 -23.93 -72.20
CA LYS H 334 2.75 -24.58 -73.04
C LYS H 334 3.48 -25.70 -72.29
N HIS H 335 3.73 -25.52 -70.98
CA HIS H 335 4.41 -26.50 -70.17
C HIS H 335 3.44 -27.37 -69.34
N SER H 336 2.19 -27.53 -69.77
CA SER H 336 1.20 -28.29 -69.01
C SER H 336 1.05 -29.77 -69.40
#